data_2RPR
#
_entry.id   2RPR
#
loop_
_entity.id
_entity.type
_entity.pdbx_description
1 polymer 'FLYWCH-type zinc finger-containing protein 1'
2 non-polymer 'ZINC ION'
#
_entity_poly.entity_id   1
_entity_poly.type   'polypeptide(L)'
_entity_poly.pdbx_seq_one_letter_code
;GSSGSSGLRPLEFLRTSLGGRFLVHESFLYRKEKAAGEKVYWMCRDQARLGCRSRAITQGHRIMVMRSHCHQPDLAGLEA
LRQRERL
;
_entity_poly.pdbx_strand_id   A
#
loop_
_chem_comp.id
_chem_comp.type
_chem_comp.name
_chem_comp.formula
ZN non-polymer 'ZINC ION' 'Zn 2'
#
# COMPACT_ATOMS: atom_id res chain seq x y z
N GLY A 1 -5.63 -11.13 -12.99
CA GLY A 1 -5.21 -12.06 -11.96
C GLY A 1 -3.70 -12.21 -11.90
N SER A 2 -3.17 -12.39 -10.70
CA SER A 2 -1.73 -12.56 -10.51
C SER A 2 -1.43 -13.79 -9.68
N SER A 3 -0.86 -14.81 -10.32
CA SER A 3 -0.52 -16.05 -9.63
C SER A 3 0.89 -16.51 -10.01
N GLY A 4 1.68 -16.83 -8.99
CA GLY A 4 3.05 -17.29 -9.23
C GLY A 4 3.83 -17.46 -7.96
N SER A 5 4.96 -18.15 -8.05
CA SER A 5 5.81 -18.40 -6.88
C SER A 5 7.24 -17.91 -7.13
N SER A 6 7.63 -16.87 -6.41
CA SER A 6 8.96 -16.31 -6.55
C SER A 6 9.41 -15.61 -5.27
N GLY A 7 10.70 -15.69 -4.97
CA GLY A 7 11.23 -15.08 -3.77
C GLY A 7 10.93 -13.59 -3.70
N LEU A 8 11.44 -12.85 -4.68
CA LEU A 8 11.23 -11.40 -4.73
C LEU A 8 9.94 -11.07 -5.46
N ARG A 9 8.87 -10.83 -4.71
CA ARG A 9 7.58 -10.49 -5.30
C ARG A 9 7.46 -9.00 -5.55
N PRO A 10 6.76 -8.62 -6.63
CA PRO A 10 6.57 -7.23 -7.01
C PRO A 10 5.65 -6.49 -6.04
N LEU A 11 5.29 -5.26 -6.39
CA LEU A 11 4.42 -4.45 -5.56
C LEU A 11 3.67 -3.41 -6.39
N GLU A 12 2.44 -3.10 -5.99
CA GLU A 12 1.62 -2.13 -6.70
C GLU A 12 1.53 -0.82 -5.91
N PHE A 13 1.38 0.28 -6.63
CA PHE A 13 1.28 1.60 -6.00
C PHE A 13 0.19 2.43 -6.67
N LEU A 14 -0.09 3.59 -6.09
CA LEU A 14 -1.11 4.49 -6.62
C LEU A 14 -0.68 5.95 -6.46
N ARG A 15 -1.26 6.82 -7.29
CA ARG A 15 -0.93 8.24 -7.24
C ARG A 15 -2.21 9.08 -7.14
N THR A 16 -2.28 9.92 -6.11
CA THR A 16 -3.44 10.77 -5.90
C THR A 16 -3.04 12.25 -5.92
N SER A 17 -4.05 13.12 -6.04
CA SER A 17 -3.80 14.56 -6.07
C SER A 17 -2.99 15.00 -4.87
N LEU A 18 -2.81 16.31 -4.73
CA LEU A 18 -2.05 16.87 -3.61
C LEU A 18 -2.25 16.04 -2.35
N GLY A 19 -1.27 15.21 -2.04
CA GLY A 19 -1.35 14.37 -0.85
C GLY A 19 -0.29 13.29 -0.83
N GLY A 20 0.22 12.95 -2.00
CA GLY A 20 1.24 11.91 -2.09
C GLY A 20 0.77 10.70 -2.88
N ARG A 21 1.52 9.61 -2.78
CA ARG A 21 1.17 8.37 -3.48
C ARG A 21 0.68 7.32 -2.51
N PHE A 22 -0.20 6.44 -2.99
CA PHE A 22 -0.75 5.38 -2.16
C PHE A 22 -0.03 4.06 -2.42
N LEU A 23 -0.28 3.08 -1.55
CA LEU A 23 0.35 1.77 -1.68
C LEU A 23 -0.69 0.66 -1.61
N VAL A 24 -0.69 -0.21 -2.62
CA VAL A 24 -1.63 -1.33 -2.67
C VAL A 24 -1.01 -2.59 -2.10
N HIS A 25 -1.58 -3.08 -1.01
CA HIS A 25 -1.09 -4.31 -0.37
C HIS A 25 -2.19 -4.99 0.42
N GLU A 26 -2.41 -6.28 0.13
CA GLU A 26 -3.44 -7.05 0.82
C GLU A 26 -4.82 -6.49 0.52
N SER A 27 -5.03 -6.06 -0.72
CA SER A 27 -6.31 -5.50 -1.13
C SER A 27 -6.67 -4.28 -0.28
N PHE A 28 -5.65 -3.64 0.28
CA PHE A 28 -5.86 -2.46 1.12
C PHE A 28 -5.11 -1.26 0.56
N LEU A 29 -5.18 -0.14 1.28
CA LEU A 29 -4.52 1.09 0.86
C LEU A 29 -3.74 1.72 2.01
N TYR A 30 -2.50 2.10 1.74
CA TYR A 30 -1.65 2.71 2.76
C TYR A 30 -1.07 4.03 2.26
N ARG A 31 -0.46 4.78 3.17
CA ARG A 31 0.15 6.05 2.82
C ARG A 31 1.57 6.15 3.37
N LYS A 32 2.49 6.67 2.55
CA LYS A 32 3.88 6.81 2.94
C LYS A 32 4.01 7.80 4.09
N GLU A 33 4.37 7.28 5.27
CA GLU A 33 4.53 8.11 6.46
C GLU A 33 5.92 8.76 6.48
N LYS A 34 6.96 7.93 6.47
CA LYS A 34 8.33 8.42 6.49
C LYS A 34 9.22 7.54 5.63
N ALA A 35 10.50 7.92 5.53
CA ALA A 35 11.46 7.16 4.74
C ALA A 35 12.83 7.14 5.42
N ALA A 36 13.31 5.94 5.71
CA ALA A 36 14.60 5.78 6.35
C ALA A 36 15.72 5.69 5.32
N GLY A 37 15.55 6.38 4.20
CA GLY A 37 16.55 6.36 3.15
C GLY A 37 16.42 5.16 2.24
N GLU A 38 16.54 3.97 2.81
CA GLU A 38 16.42 2.74 2.05
C GLU A 38 15.09 2.05 2.31
N LYS A 39 14.40 2.49 3.35
CA LYS A 39 13.10 1.92 3.71
C LYS A 39 12.01 2.99 3.69
N VAL A 40 10.80 2.58 3.35
CA VAL A 40 9.66 3.49 3.30
C VAL A 40 8.51 2.99 4.16
N TYR A 41 8.24 3.70 5.25
CA TYR A 41 7.17 3.33 6.16
C TYR A 41 5.82 3.79 5.61
N TRP A 42 4.79 2.96 5.80
CA TRP A 42 3.45 3.27 5.34
C TRP A 42 2.43 3.07 6.44
N MET A 43 1.22 3.59 6.23
CA MET A 43 0.16 3.46 7.21
C MET A 43 -1.21 3.35 6.53
N CYS A 44 -2.03 2.43 7.00
CA CYS A 44 -3.35 2.21 6.44
C CYS A 44 -4.11 3.54 6.33
N ARG A 45 -4.30 4.01 5.10
CA ARG A 45 -5.01 5.25 4.86
C ARG A 45 -6.27 5.35 5.71
N ASP A 46 -6.78 4.19 6.12
CA ASP A 46 -7.99 4.13 6.94
C ASP A 46 -7.63 4.29 8.43
N GLN A 47 -6.58 5.04 8.70
CA GLN A 47 -6.14 5.27 10.07
C GLN A 47 -6.96 6.39 10.73
N ALA A 48 -7.48 7.28 9.91
CA ALA A 48 -8.28 8.40 10.40
C ALA A 48 -9.77 8.09 10.30
N ARG A 49 -10.12 7.18 9.40
CA ARG A 49 -11.52 6.80 9.21
C ARG A 49 -11.85 5.53 10.00
N LEU A 50 -11.15 4.44 9.67
CA LEU A 50 -11.36 3.17 10.36
C LEU A 50 -10.39 2.99 11.51
N GLY A 51 -9.87 4.11 12.01
CA GLY A 51 -8.93 4.06 13.13
C GLY A 51 -7.97 2.88 13.02
N CYS A 52 -7.49 2.63 11.81
CA CYS A 52 -6.56 1.53 11.59
C CYS A 52 -5.12 1.99 11.75
N ARG A 53 -4.41 1.36 12.68
CA ARG A 53 -3.02 1.70 12.95
C ARG A 53 -2.08 0.72 12.26
N SER A 54 -2.62 -0.07 11.34
CA SER A 54 -1.83 -1.06 10.61
C SER A 54 -0.79 -0.37 9.72
N ARG A 55 0.48 -0.63 10.00
CA ARG A 55 1.57 -0.04 9.23
C ARG A 55 2.35 -1.11 8.48
N ALA A 56 3.06 -0.69 7.43
CA ALA A 56 3.84 -1.62 6.63
C ALA A 56 5.14 -0.97 6.15
N ILE A 57 6.07 -1.78 5.69
CA ILE A 57 7.35 -1.29 5.20
C ILE A 57 7.65 -1.81 3.80
N THR A 58 7.99 -0.90 2.89
CA THR A 58 8.30 -1.27 1.52
C THR A 58 9.78 -1.09 1.21
N GLN A 59 10.37 -2.07 0.53
CA GLN A 59 11.78 -2.01 0.17
C GLN A 59 12.03 -2.62 -1.20
N GLY A 60 12.48 -1.80 -2.14
CA GLY A 60 12.75 -2.28 -3.49
C GLY A 60 11.48 -2.62 -4.24
N HIS A 61 11.14 -3.90 -4.29
CA HIS A 61 9.94 -4.36 -4.98
C HIS A 61 9.09 -5.23 -4.07
N ARG A 62 9.50 -5.35 -2.82
CA ARG A 62 8.76 -6.16 -1.85
C ARG A 62 8.02 -5.28 -0.85
N ILE A 63 7.39 -5.90 0.14
CA ILE A 63 6.65 -5.17 1.16
C ILE A 63 6.66 -5.93 2.48
N MET A 64 6.32 -5.22 3.56
CA MET A 64 6.28 -5.82 4.89
C MET A 64 5.11 -5.28 5.70
N VAL A 65 4.55 -6.12 6.57
CA VAL A 65 3.43 -5.72 7.40
C VAL A 65 3.80 -5.76 8.88
N MET A 66 3.52 -4.67 9.59
CA MET A 66 3.81 -4.59 11.01
C MET A 66 2.65 -5.12 11.84
N ARG A 67 1.52 -4.43 11.77
CA ARG A 67 0.33 -4.82 12.51
C ARG A 67 -0.78 -5.31 11.57
N SER A 68 -1.88 -5.77 12.15
CA SER A 68 -3.00 -6.28 11.36
C SER A 68 -4.00 -5.15 11.06
N HIS A 69 -5.11 -5.51 10.42
CA HIS A 69 -6.13 -4.54 10.07
C HIS A 69 -7.42 -4.83 10.83
N CYS A 70 -8.05 -3.78 11.33
CA CYS A 70 -9.30 -3.91 12.09
C CYS A 70 -10.51 -3.76 11.16
N HIS A 71 -10.26 -3.81 9.85
CA HIS A 71 -11.34 -3.68 8.88
C HIS A 71 -11.12 -4.63 7.70
N GLN A 72 -12.13 -4.75 6.85
CA GLN A 72 -12.05 -5.63 5.69
C GLN A 72 -11.80 -4.82 4.42
N PRO A 73 -11.15 -5.46 3.43
CA PRO A 73 -10.83 -4.82 2.15
C PRO A 73 -12.08 -4.58 1.31
N ASP A 74 -12.05 -3.53 0.49
CA ASP A 74 -13.17 -3.21 -0.37
C ASP A 74 -12.72 -3.10 -1.83
N LEU A 75 -12.60 -4.25 -2.49
CA LEU A 75 -12.19 -4.30 -3.88
C LEU A 75 -12.99 -3.31 -4.72
N ALA A 76 -14.17 -2.95 -4.23
CA ALA A 76 -15.03 -2.00 -4.94
C ALA A 76 -14.51 -0.57 -4.79
N GLY A 77 -14.05 -0.23 -3.59
CA GLY A 77 -13.54 1.11 -3.34
C GLY A 77 -12.11 1.27 -3.82
N LEU A 78 -11.34 0.19 -3.76
CA LEU A 78 -9.95 0.21 -4.19
C LEU A 78 -9.84 0.40 -5.70
N GLU A 79 -10.74 -0.23 -6.43
CA GLU A 79 -10.76 -0.13 -7.89
C GLU A 79 -11.19 1.27 -8.34
N ALA A 80 -12.10 1.86 -7.58
CA ALA A 80 -12.60 3.20 -7.90
C ALA A 80 -11.50 4.24 -7.75
N LEU A 81 -10.46 3.90 -7.00
CA LEU A 81 -9.33 4.80 -6.79
C LEU A 81 -8.26 4.61 -7.86
N ARG A 82 -8.27 3.44 -8.49
CA ARG A 82 -7.29 3.13 -9.53
C ARG A 82 -7.74 3.69 -10.88
N GLN A 83 -9.05 3.81 -11.06
CA GLN A 83 -9.61 4.34 -12.29
C GLN A 83 -9.13 5.78 -12.53
N ARG A 84 -9.14 6.58 -11.48
CA ARG A 84 -8.72 7.98 -11.58
C ARG A 84 -7.19 8.06 -11.77
N GLU A 85 -6.53 6.92 -11.69
CA GLU A 85 -5.08 6.87 -11.84
C GLU A 85 -4.70 6.41 -13.24
N ARG A 86 -5.43 5.43 -13.75
CA ARG A 86 -5.17 4.88 -15.08
C ARG A 86 -5.82 5.75 -16.16
N LEU A 87 -6.23 6.95 -15.77
CA LEU A 87 -6.87 7.88 -16.71
C LEU A 87 -6.25 9.25 -16.62
ZN ZN B . -6.21 -1.42 7.78
N GLY A 1 9.84 -2.85 -21.04
CA GLY A 1 9.65 -3.18 -19.64
C GLY A 1 9.71 -4.68 -19.39
N SER A 2 10.92 -5.22 -19.34
CA SER A 2 11.10 -6.65 -19.10
C SER A 2 10.29 -7.12 -17.91
N SER A 3 9.78 -8.34 -17.99
CA SER A 3 8.97 -8.91 -16.91
C SER A 3 9.41 -10.34 -16.60
N GLY A 4 10.46 -10.46 -15.79
CA GLY A 4 10.96 -11.78 -15.43
C GLY A 4 11.83 -11.73 -14.18
N SER A 5 11.41 -10.96 -13.19
CA SER A 5 12.16 -10.84 -11.94
C SER A 5 11.72 -11.90 -10.94
N SER A 6 12.67 -12.72 -10.50
CA SER A 6 12.39 -13.77 -9.53
C SER A 6 13.24 -13.61 -8.27
N GLY A 7 12.63 -13.83 -7.12
CA GLY A 7 13.34 -13.71 -5.86
C GLY A 7 12.62 -12.78 -4.88
N LEU A 8 11.54 -12.18 -5.33
CA LEU A 8 10.77 -11.26 -4.50
C LEU A 8 9.50 -10.80 -5.21
N ARG A 9 8.41 -10.68 -4.46
CA ARG A 9 7.14 -10.25 -5.03
C ARG A 9 7.15 -8.74 -5.30
N PRO A 10 6.49 -8.33 -6.39
CA PRO A 10 6.41 -6.92 -6.78
C PRO A 10 5.54 -6.10 -5.83
N LEU A 11 5.17 -4.91 -6.26
CA LEU A 11 4.33 -4.02 -5.45
C LEU A 11 3.49 -3.11 -6.33
N GLU A 12 2.27 -2.81 -5.87
CA GLU A 12 1.38 -1.94 -6.61
C GLU A 12 1.14 -0.63 -5.86
N PHE A 13 0.98 0.46 -6.61
CA PHE A 13 0.74 1.77 -6.01
C PHE A 13 -0.29 2.55 -6.82
N LEU A 14 -0.77 3.65 -6.24
CA LEU A 14 -1.77 4.49 -6.90
C LEU A 14 -1.45 5.97 -6.72
N ARG A 15 -1.20 6.65 -7.84
CA ARG A 15 -0.87 8.07 -7.79
C ARG A 15 -2.11 8.90 -7.48
N THR A 16 -1.95 9.88 -6.59
CA THR A 16 -3.05 10.74 -6.20
C THR A 16 -2.79 12.19 -6.60
N SER A 17 -3.86 12.93 -6.86
CA SER A 17 -3.75 14.33 -7.27
C SER A 17 -3.53 15.23 -6.06
N LEU A 18 -2.44 15.99 -6.09
CA LEU A 18 -2.12 16.90 -4.99
C LEU A 18 -2.38 16.24 -3.63
N GLY A 19 -2.27 14.91 -3.60
CA GLY A 19 -2.50 14.18 -2.37
C GLY A 19 -1.31 13.36 -1.95
N GLY A 20 -0.47 12.99 -2.93
CA GLY A 20 0.70 12.19 -2.63
C GLY A 20 0.71 10.87 -3.37
N ARG A 21 1.21 9.83 -2.72
CA ARG A 21 1.27 8.49 -3.31
C ARG A 21 0.66 7.46 -2.38
N PHE A 22 0.00 6.46 -2.97
CA PHE A 22 -0.63 5.40 -2.19
C PHE A 22 0.10 4.07 -2.39
N LEU A 23 -0.16 3.12 -1.50
CA LEU A 23 0.47 1.81 -1.58
C LEU A 23 -0.58 0.69 -1.52
N VAL A 24 -0.72 -0.04 -2.62
CA VAL A 24 -1.68 -1.14 -2.68
C VAL A 24 -1.06 -2.43 -2.19
N HIS A 25 -1.56 -2.92 -1.04
CA HIS A 25 -1.04 -4.16 -0.47
C HIS A 25 -2.15 -4.88 0.31
N GLU A 26 -2.38 -6.14 -0.03
CA GLU A 26 -3.41 -6.94 0.64
C GLU A 26 -4.79 -6.35 0.41
N SER A 27 -5.05 -5.93 -0.83
CA SER A 27 -6.34 -5.34 -1.18
C SER A 27 -6.65 -4.14 -0.30
N PHE A 28 -5.61 -3.59 0.32
CA PHE A 28 -5.77 -2.44 1.20
C PHE A 28 -5.03 -1.22 0.65
N LEU A 29 -5.02 -0.14 1.42
CA LEU A 29 -4.35 1.09 1.01
C LEU A 29 -3.56 1.69 2.18
N TYR A 30 -2.33 2.09 1.90
CA TYR A 30 -1.47 2.67 2.93
C TYR A 30 -0.86 3.99 2.44
N ARG A 31 -0.36 4.78 3.37
CA ARG A 31 0.25 6.06 3.04
C ARG A 31 1.67 6.15 3.59
N LYS A 32 2.57 6.72 2.79
CA LYS A 32 3.97 6.87 3.21
C LYS A 32 4.08 7.73 4.46
N GLU A 33 4.55 7.12 5.55
CA GLU A 33 4.71 7.83 6.81
C GLU A 33 6.11 8.44 6.93
N LYS A 34 7.12 7.59 6.84
CA LYS A 34 8.50 8.03 6.93
C LYS A 34 9.43 7.11 6.14
N ALA A 35 10.67 7.54 5.95
CA ALA A 35 11.65 6.76 5.22
C ALA A 35 12.97 6.69 5.96
N ALA A 36 13.38 5.46 6.32
CA ALA A 36 14.63 5.26 7.04
C ALA A 36 15.82 5.25 6.08
N GLY A 37 15.77 6.10 5.07
CA GLY A 37 16.85 6.17 4.10
C GLY A 37 16.77 5.08 3.06
N GLU A 38 16.61 3.84 3.51
CA GLU A 38 16.52 2.70 2.60
C GLU A 38 15.14 2.06 2.68
N LYS A 39 14.50 2.18 3.85
CA LYS A 39 13.18 1.61 4.05
C LYS A 39 12.11 2.70 4.02
N VAL A 40 10.88 2.31 3.69
CA VAL A 40 9.77 3.25 3.62
C VAL A 40 8.58 2.75 4.44
N TYR A 41 8.29 3.45 5.53
CA TYR A 41 7.18 3.08 6.41
C TYR A 41 5.85 3.54 5.82
N TRP A 42 4.80 2.75 6.04
CA TRP A 42 3.48 3.09 5.54
C TRP A 42 2.42 2.85 6.61
N MET A 43 1.24 3.43 6.40
CA MET A 43 0.14 3.29 7.35
C MET A 43 -1.20 3.26 6.63
N CYS A 44 -2.04 2.28 6.98
CA CYS A 44 -3.35 2.15 6.36
C CYS A 44 -4.06 3.50 6.29
N ARG A 45 -4.18 4.05 5.09
CA ARG A 45 -4.83 5.33 4.88
C ARG A 45 -6.12 5.41 5.70
N ASP A 46 -6.69 4.26 6.02
CA ASP A 46 -7.92 4.20 6.81
C ASP A 46 -7.62 4.36 8.30
N GLN A 47 -6.73 5.28 8.62
CA GLN A 47 -6.37 5.54 10.00
C GLN A 47 -7.33 6.52 10.66
N ALA A 48 -7.79 7.50 9.88
CA ALA A 48 -8.71 8.50 10.37
C ALA A 48 -10.15 8.15 10.00
N ARG A 49 -10.31 7.21 9.07
CA ARG A 49 -11.63 6.79 8.63
C ARG A 49 -12.04 5.50 9.33
N LEU A 50 -11.20 4.49 9.24
CA LEU A 50 -11.48 3.19 9.86
C LEU A 50 -10.59 2.97 11.08
N GLY A 51 -10.18 4.06 11.71
CA GLY A 51 -9.32 3.97 12.88
C GLY A 51 -8.36 2.81 12.81
N CYS A 52 -7.69 2.66 11.66
CA CYS A 52 -6.73 1.58 11.46
C CYS A 52 -5.31 2.06 11.72
N ARG A 53 -4.50 1.19 12.31
CA ARG A 53 -3.11 1.51 12.61
C ARG A 53 -2.16 0.59 11.86
N SER A 54 -2.73 -0.35 11.12
CA SER A 54 -1.92 -1.31 10.36
C SER A 54 -0.89 -0.59 9.50
N ARG A 55 0.38 -0.83 9.79
CA ARG A 55 1.47 -0.20 9.05
C ARG A 55 2.22 -1.24 8.22
N ALA A 56 3.12 -0.76 7.36
CA ALA A 56 3.91 -1.64 6.50
C ALA A 56 5.15 -0.93 5.98
N ILE A 57 6.20 -1.70 5.72
CA ILE A 57 7.45 -1.14 5.20
C ILE A 57 7.74 -1.66 3.80
N THR A 58 8.05 -0.75 2.89
CA THR A 58 8.35 -1.11 1.52
C THR A 58 9.82 -0.86 1.19
N GLN A 59 10.41 -1.75 0.42
CA GLN A 59 11.82 -1.62 0.04
C GLN A 59 12.06 -2.18 -1.36
N GLY A 60 12.32 -1.29 -2.31
CA GLY A 60 12.56 -1.72 -3.68
C GLY A 60 11.29 -2.12 -4.39
N HIS A 61 11.00 -3.41 -4.40
CA HIS A 61 9.80 -3.93 -5.06
C HIS A 61 9.02 -4.84 -4.12
N ARG A 62 9.51 -4.98 -2.90
CA ARG A 62 8.85 -5.83 -1.91
C ARG A 62 8.09 -4.98 -0.89
N ILE A 63 7.52 -5.64 0.11
CA ILE A 63 6.76 -4.94 1.14
C ILE A 63 6.82 -5.70 2.47
N MET A 64 6.50 -5.00 3.56
CA MET A 64 6.51 -5.60 4.88
C MET A 64 5.31 -5.17 5.70
N VAL A 65 4.75 -6.09 6.47
CA VAL A 65 3.59 -5.78 7.30
C VAL A 65 3.97 -5.70 8.77
N MET A 66 3.49 -4.64 9.44
CA MET A 66 3.79 -4.45 10.85
C MET A 66 2.68 -5.04 11.73
N ARG A 67 1.49 -4.47 11.63
CA ARG A 67 0.35 -4.93 12.41
C ARG A 67 -0.77 -5.41 11.50
N SER A 68 -1.89 -5.82 12.11
CA SER A 68 -3.04 -6.30 11.35
C SER A 68 -4.01 -5.16 11.07
N HIS A 69 -5.14 -5.50 10.46
CA HIS A 69 -6.16 -4.51 10.13
C HIS A 69 -7.47 -4.80 10.87
N CYS A 70 -8.15 -3.74 11.28
CA CYS A 70 -9.41 -3.89 11.99
C CYS A 70 -10.60 -3.75 11.04
N HIS A 71 -10.32 -3.76 9.74
CA HIS A 71 -11.36 -3.64 8.73
C HIS A 71 -11.10 -4.59 7.57
N GLN A 72 -12.11 -4.78 6.73
CA GLN A 72 -12.00 -5.67 5.58
C GLN A 72 -11.68 -4.88 4.32
N PRO A 73 -11.00 -5.53 3.35
CA PRO A 73 -10.61 -4.92 2.08
C PRO A 73 -11.82 -4.65 1.18
N ASP A 74 -11.66 -3.75 0.22
CA ASP A 74 -12.73 -3.41 -0.70
C ASP A 74 -12.18 -3.23 -2.11
N LEU A 75 -12.22 -4.30 -2.90
CA LEU A 75 -11.73 -4.26 -4.27
C LEU A 75 -12.52 -3.25 -5.10
N ALA A 76 -13.73 -2.94 -4.66
CA ALA A 76 -14.58 -1.98 -5.35
C ALA A 76 -14.03 -0.56 -5.22
N GLY A 77 -13.83 -0.12 -3.99
CA GLY A 77 -13.31 1.21 -3.75
C GLY A 77 -11.89 1.38 -4.25
N LEU A 78 -11.13 0.29 -4.25
CA LEU A 78 -9.74 0.32 -4.70
C LEU A 78 -9.67 0.34 -6.23
N GLU A 79 -10.42 -0.56 -6.86
CA GLU A 79 -10.44 -0.63 -8.32
C GLU A 79 -11.01 0.65 -8.93
N ALA A 80 -11.84 1.34 -8.16
CA ALA A 80 -12.46 2.59 -8.61
C ALA A 80 -11.42 3.70 -8.72
N LEU A 81 -10.36 3.59 -7.94
CA LEU A 81 -9.30 4.60 -7.94
C LEU A 81 -8.38 4.40 -9.14
N ARG A 82 -7.91 3.17 -9.34
CA ARG A 82 -7.02 2.85 -10.45
C ARG A 82 -7.64 3.27 -11.78
N GLN A 83 -8.86 2.81 -12.03
CA GLN A 83 -9.56 3.13 -13.27
C GLN A 83 -9.34 4.59 -13.65
N ARG A 84 -9.36 5.48 -12.65
CA ARG A 84 -9.17 6.90 -12.88
C ARG A 84 -7.78 7.17 -13.45
N GLU A 85 -6.78 6.47 -12.92
CA GLU A 85 -5.41 6.64 -13.37
C GLU A 85 -5.16 5.89 -14.68
N ARG A 86 -5.43 4.59 -14.67
CA ARG A 86 -5.24 3.76 -15.85
C ARG A 86 -6.44 2.85 -16.07
N LEU A 87 -6.55 2.30 -17.28
CA LEU A 87 -7.66 1.42 -17.62
C LEU A 87 -7.14 0.06 -18.09
ZN ZN B . -6.23 -1.40 7.59
N GLY A 1 4.65 -6.20 -19.87
CA GLY A 1 5.70 -5.61 -19.07
C GLY A 1 5.50 -5.84 -17.59
N SER A 2 4.27 -6.15 -17.20
CA SER A 2 3.95 -6.39 -15.79
C SER A 2 4.12 -7.87 -15.44
N SER A 3 5.12 -8.51 -16.04
CA SER A 3 5.39 -9.92 -15.79
C SER A 3 6.71 -10.10 -15.05
N GLY A 4 6.69 -10.92 -14.01
CA GLY A 4 7.89 -11.16 -13.23
C GLY A 4 7.76 -12.36 -12.32
N SER A 5 7.60 -12.10 -11.02
CA SER A 5 7.45 -13.16 -10.04
C SER A 5 8.77 -13.92 -9.87
N SER A 6 9.88 -13.25 -10.15
CA SER A 6 11.21 -13.85 -10.04
C SER A 6 11.73 -13.75 -8.61
N GLY A 7 11.26 -14.64 -7.75
CA GLY A 7 11.69 -14.64 -6.36
C GLY A 7 10.78 -13.81 -5.48
N LEU A 8 11.27 -12.65 -5.05
CA LEU A 8 10.49 -11.77 -4.19
C LEU A 8 9.24 -11.27 -4.90
N ARG A 9 8.12 -11.22 -4.16
CA ARG A 9 6.86 -10.77 -4.73
C ARG A 9 6.89 -9.28 -5.03
N PRO A 10 6.23 -8.88 -6.12
CA PRO A 10 6.17 -7.48 -6.54
C PRO A 10 5.32 -6.62 -5.61
N LEU A 11 4.94 -5.44 -6.07
CA LEU A 11 4.13 -4.53 -5.27
C LEU A 11 3.42 -3.51 -6.16
N GLU A 12 2.19 -3.16 -5.79
CA GLU A 12 1.41 -2.20 -6.55
C GLU A 12 1.33 -0.87 -5.81
N PHE A 13 1.20 0.22 -6.58
CA PHE A 13 1.11 1.55 -6.00
C PHE A 13 0.08 2.40 -6.74
N LEU A 14 -0.22 3.57 -6.19
CA LEU A 14 -1.19 4.48 -6.80
C LEU A 14 -0.78 5.93 -6.59
N ARG A 15 -1.36 6.82 -7.39
CA ARG A 15 -1.05 8.24 -7.30
C ARG A 15 -2.33 9.06 -7.15
N THR A 16 -2.30 10.05 -6.25
CA THR A 16 -3.45 10.90 -6.02
C THR A 16 -3.29 12.25 -6.71
N SER A 17 -4.39 12.78 -7.23
CA SER A 17 -4.37 14.06 -7.93
C SER A 17 -3.44 15.04 -7.23
N LEU A 18 -3.60 15.17 -5.92
CA LEU A 18 -2.77 16.08 -5.14
C LEU A 18 -1.42 15.45 -4.83
N GLY A 19 -0.52 16.25 -4.25
CA GLY A 19 0.80 15.76 -3.91
C GLY A 19 0.76 14.64 -2.88
N GLY A 20 0.43 13.44 -3.33
CA GLY A 20 0.36 12.31 -2.41
C GLY A 20 0.33 10.98 -3.14
N ARG A 21 1.09 10.01 -2.64
CA ARG A 21 1.15 8.69 -3.25
C ARG A 21 0.50 7.64 -2.34
N PHE A 22 -0.05 6.60 -2.96
CA PHE A 22 -0.70 5.53 -2.21
C PHE A 22 0.04 4.21 -2.39
N LEU A 23 -0.27 3.24 -1.53
CA LEU A 23 0.37 1.93 -1.59
C LEU A 23 -0.67 0.82 -1.52
N VAL A 24 -0.74 0.02 -2.59
CA VAL A 24 -1.69 -1.08 -2.65
C VAL A 24 -1.06 -2.39 -2.17
N HIS A 25 -1.51 -2.88 -1.03
CA HIS A 25 -0.99 -4.12 -0.46
C HIS A 25 -2.08 -4.86 0.30
N GLU A 26 -2.19 -6.17 0.04
CA GLU A 26 -3.18 -6.99 0.71
C GLU A 26 -4.59 -6.48 0.42
N SER A 27 -4.81 -5.98 -0.79
CA SER A 27 -6.10 -5.44 -1.18
C SER A 27 -6.48 -4.24 -0.33
N PHE A 28 -5.46 -3.51 0.13
CA PHE A 28 -5.69 -2.33 0.96
C PHE A 28 -4.89 -1.14 0.44
N LEU A 29 -4.99 -0.01 1.14
CA LEU A 29 -4.27 1.20 0.75
C LEU A 29 -3.57 1.83 1.95
N TYR A 30 -2.31 2.20 1.77
CA TYR A 30 -1.53 2.81 2.84
C TYR A 30 -0.95 4.15 2.38
N ARG A 31 -0.55 4.97 3.34
CA ARG A 31 0.04 6.28 3.04
C ARG A 31 1.49 6.33 3.50
N LYS A 32 2.38 6.69 2.58
CA LYS A 32 3.81 6.80 2.90
C LYS A 32 4.04 7.78 4.05
N GLU A 33 4.43 7.24 5.20
CA GLU A 33 4.69 8.07 6.37
C GLU A 33 6.08 8.67 6.32
N LYS A 34 7.10 7.81 6.23
CA LYS A 34 8.48 8.25 6.18
C LYS A 34 9.33 7.26 5.39
N ALA A 35 10.63 7.52 5.32
CA ALA A 35 11.55 6.66 4.60
C ALA A 35 12.93 6.64 5.26
N ALA A 36 13.34 5.47 5.74
CA ALA A 36 14.63 5.32 6.39
C ALA A 36 15.71 4.91 5.38
N GLY A 37 16.22 5.89 4.64
CA GLY A 37 17.25 5.61 3.66
C GLY A 37 16.72 4.82 2.48
N GLU A 38 16.55 3.51 2.68
CA GLU A 38 16.05 2.65 1.61
C GLU A 38 14.70 2.04 2.00
N LYS A 39 14.35 2.15 3.27
CA LYS A 39 13.08 1.63 3.76
C LYS A 39 12.00 2.70 3.76
N VAL A 40 10.75 2.27 3.56
CA VAL A 40 9.63 3.20 3.54
C VAL A 40 8.49 2.70 4.42
N TYR A 41 8.14 3.49 5.43
CA TYR A 41 7.06 3.13 6.35
C TYR A 41 5.71 3.61 5.82
N TRP A 42 4.72 2.72 5.86
CA TRP A 42 3.38 3.06 5.39
C TRP A 42 2.34 2.83 6.48
N MET A 43 1.13 3.32 6.25
CA MET A 43 0.05 3.17 7.23
C MET A 43 -1.31 3.18 6.53
N CYS A 44 -2.17 2.24 6.90
CA CYS A 44 -3.49 2.15 6.30
C CYS A 44 -4.14 3.53 6.18
N ARG A 45 -4.29 4.00 4.95
CA ARG A 45 -4.89 5.30 4.69
C ARG A 45 -6.24 5.43 5.40
N ASP A 46 -6.81 4.29 5.76
CA ASP A 46 -8.10 4.28 6.45
C ASP A 46 -7.94 4.60 7.93
N GLN A 47 -6.74 5.05 8.30
CA GLN A 47 -6.45 5.39 9.69
C GLN A 47 -7.22 6.63 10.12
N ALA A 48 -7.86 7.29 9.15
CA ALA A 48 -8.64 8.48 9.42
C ALA A 48 -10.11 8.16 9.62
N ARG A 49 -10.64 7.30 8.75
CA ARG A 49 -12.04 6.90 8.83
C ARG A 49 -12.21 5.62 9.65
N LEU A 50 -11.38 4.64 9.34
CA LEU A 50 -11.43 3.35 10.04
C LEU A 50 -10.53 3.37 11.28
N GLY A 51 -9.68 4.39 11.36
CA GLY A 51 -8.77 4.51 12.49
C GLY A 51 -7.68 3.46 12.47
N CYS A 52 -7.70 2.60 11.46
CA CYS A 52 -6.71 1.55 11.32
C CYS A 52 -5.30 2.10 11.52
N ARG A 53 -4.44 1.30 12.13
CA ARG A 53 -3.06 1.71 12.39
C ARG A 53 -2.07 0.69 11.80
N SER A 54 -2.56 -0.11 10.85
CA SER A 54 -1.72 -1.12 10.22
C SER A 54 -0.63 -0.46 9.37
N ARG A 55 0.62 -0.62 9.81
CA ARG A 55 1.75 -0.04 9.10
C ARG A 55 2.61 -1.12 8.47
N ALA A 56 3.16 -0.83 7.30
CA ALA A 56 4.00 -1.78 6.57
C ALA A 56 5.24 -1.11 6.01
N ILE A 57 6.30 -1.88 5.80
CA ILE A 57 7.54 -1.36 5.26
C ILE A 57 7.79 -1.88 3.84
N THR A 58 8.19 -1.00 2.95
CA THR A 58 8.47 -1.37 1.57
C THR A 58 9.92 -1.11 1.20
N GLN A 59 10.58 -2.13 0.66
CA GLN A 59 11.98 -2.01 0.27
C GLN A 59 12.20 -2.54 -1.15
N GLY A 60 12.17 -1.63 -2.12
CA GLY A 60 12.37 -2.01 -3.51
C GLY A 60 11.07 -2.42 -4.19
N HIS A 61 10.80 -3.71 -4.20
CA HIS A 61 9.58 -4.24 -4.82
C HIS A 61 8.81 -5.12 -3.85
N ARG A 62 9.35 -5.28 -2.64
CA ARG A 62 8.70 -6.11 -1.63
C ARG A 62 8.02 -5.25 -0.58
N ILE A 63 7.42 -5.90 0.41
CA ILE A 63 6.73 -5.19 1.48
C ILE A 63 6.76 -5.98 2.79
N MET A 64 6.54 -5.29 3.90
CA MET A 64 6.54 -5.94 5.21
C MET A 64 5.39 -5.44 6.07
N VAL A 65 4.78 -6.33 6.82
CA VAL A 65 3.67 -5.98 7.69
C VAL A 65 4.10 -5.88 9.15
N MET A 66 3.79 -4.76 9.78
CA MET A 66 4.16 -4.54 11.17
C MET A 66 2.94 -4.69 12.09
N ARG A 67 1.76 -4.63 11.49
CA ARG A 67 0.51 -4.76 12.25
C ARG A 67 -0.62 -5.28 11.36
N SER A 68 -1.65 -5.82 11.99
CA SER A 68 -2.79 -6.36 11.27
C SER A 68 -3.85 -5.29 11.04
N HIS A 69 -4.93 -5.66 10.37
CA HIS A 69 -6.02 -4.73 10.08
C HIS A 69 -7.31 -5.17 10.77
N CYS A 70 -7.99 -4.22 11.41
CA CYS A 70 -9.23 -4.52 12.11
C CYS A 70 -10.42 -4.45 11.15
N HIS A 71 -10.13 -4.26 9.87
CA HIS A 71 -11.18 -4.17 8.86
C HIS A 71 -10.85 -5.06 7.66
N GLN A 72 -11.86 -5.33 6.84
CA GLN A 72 -11.67 -6.17 5.66
C GLN A 72 -11.55 -5.33 4.40
N PRO A 73 -10.78 -5.83 3.42
CA PRO A 73 -10.56 -5.14 2.15
C PRO A 73 -11.81 -5.10 1.28
N ASP A 74 -11.87 -4.12 0.39
CA ASP A 74 -13.01 -3.98 -0.51
C ASP A 74 -12.56 -3.67 -1.93
N LEU A 75 -12.45 -4.71 -2.76
CA LEU A 75 -12.02 -4.54 -4.14
C LEU A 75 -12.94 -3.57 -4.88
N ALA A 76 -14.09 -3.28 -4.28
CA ALA A 76 -15.05 -2.35 -4.89
C ALA A 76 -14.57 -0.92 -4.75
N GLY A 77 -14.13 -0.54 -3.56
CA GLY A 77 -13.65 0.80 -3.32
C GLY A 77 -12.24 1.02 -3.83
N LEU A 78 -11.43 -0.03 -3.78
CA LEU A 78 -10.05 0.05 -4.24
C LEU A 78 -9.99 0.19 -5.76
N GLU A 79 -10.82 -0.57 -6.46
CA GLU A 79 -10.85 -0.53 -7.92
C GLU A 79 -11.33 0.83 -8.41
N ALA A 80 -12.26 1.43 -7.67
CA ALA A 80 -12.78 2.74 -8.03
C ALA A 80 -11.68 3.79 -8.08
N LEU A 81 -10.73 3.69 -7.16
CA LEU A 81 -9.62 4.63 -7.11
C LEU A 81 -8.67 4.42 -8.28
N ARG A 82 -8.71 3.23 -8.87
CA ARG A 82 -7.85 2.91 -10.00
C ARG A 82 -8.54 3.27 -11.31
N GLN A 83 -9.87 3.29 -11.30
CA GLN A 83 -10.64 3.62 -12.48
C GLN A 83 -10.63 5.13 -12.74
N ARG A 84 -10.46 5.91 -11.68
CA ARG A 84 -10.44 7.36 -11.79
C ARG A 84 -9.12 7.84 -12.41
N GLU A 85 -8.07 7.03 -12.26
CA GLU A 85 -6.77 7.37 -12.81
C GLU A 85 -6.72 7.10 -14.31
N ARG A 86 -7.15 5.90 -14.71
CA ARG A 86 -7.15 5.53 -16.12
C ARG A 86 -8.49 4.92 -16.51
N LEU A 87 -8.65 4.61 -17.79
CA LEU A 87 -9.87 4.02 -18.30
C LEU A 87 -9.61 3.19 -19.55
ZN ZN B . -6.21 -1.50 7.58
N GLY A 1 23.71 -2.25 -5.74
CA GLY A 1 23.45 -3.67 -5.94
C GLY A 1 23.31 -4.42 -4.64
N SER A 2 22.10 -4.44 -4.09
CA SER A 2 21.83 -5.13 -2.84
C SER A 2 20.72 -6.17 -3.00
N SER A 3 21.05 -7.28 -3.64
CA SER A 3 20.08 -8.35 -3.86
C SER A 3 20.23 -9.46 -2.83
N GLY A 4 21.44 -10.00 -2.71
CA GLY A 4 21.69 -11.06 -1.76
C GLY A 4 20.81 -12.27 -1.99
N SER A 5 19.79 -12.43 -1.16
CA SER A 5 18.87 -13.56 -1.27
C SER A 5 17.75 -13.25 -2.26
N SER A 6 17.40 -14.23 -3.08
CA SER A 6 16.34 -14.07 -4.06
C SER A 6 14.96 -14.15 -3.41
N GLY A 7 13.93 -13.75 -4.15
CA GLY A 7 12.58 -13.79 -3.62
C GLY A 7 12.00 -12.40 -3.41
N LEU A 8 12.55 -11.42 -4.13
CA LEU A 8 12.08 -10.04 -4.02
C LEU A 8 10.80 -9.84 -4.81
N ARG A 9 9.67 -9.86 -4.10
CA ARG A 9 8.36 -9.68 -4.73
C ARG A 9 8.10 -8.20 -5.02
N PRO A 10 7.38 -7.95 -6.13
CA PRO A 10 7.05 -6.58 -6.54
C PRO A 10 6.04 -5.91 -5.61
N LEU A 11 5.51 -4.78 -6.03
CA LEU A 11 4.55 -4.04 -5.23
C LEU A 11 3.71 -3.11 -6.11
N GLU A 12 2.45 -2.89 -5.71
CA GLU A 12 1.56 -2.04 -6.46
C GLU A 12 1.38 -0.69 -5.75
N PHE A 13 1.25 0.37 -6.54
CA PHE A 13 1.07 1.71 -6.00
C PHE A 13 0.05 2.51 -6.81
N LEU A 14 -0.31 3.68 -6.31
CA LEU A 14 -1.27 4.53 -6.99
C LEU A 14 -0.91 6.00 -6.81
N ARG A 15 -1.38 6.84 -7.74
CA ARG A 15 -1.10 8.27 -7.70
C ARG A 15 -2.39 9.06 -7.53
N THR A 16 -2.33 10.13 -6.73
CA THR A 16 -3.50 10.97 -6.49
C THR A 16 -3.31 12.36 -7.09
N SER A 17 -4.37 13.16 -7.06
CA SER A 17 -4.32 14.51 -7.61
C SER A 17 -4.33 15.55 -6.49
N LEU A 18 -5.10 15.25 -5.43
CA LEU A 18 -5.20 16.16 -4.29
C LEU A 18 -4.15 15.83 -3.23
N GLY A 19 -4.04 14.55 -2.90
CA GLY A 19 -3.09 14.12 -1.90
C GLY A 19 -1.70 13.94 -2.47
N GLY A 20 -1.24 12.68 -2.51
CA GLY A 20 0.08 12.40 -3.04
C GLY A 20 0.16 11.03 -3.69
N ARG A 21 0.78 10.08 -2.99
CA ARG A 21 0.92 8.73 -3.49
C ARG A 21 0.28 7.71 -2.55
N PHE A 22 -0.09 6.56 -3.08
CA PHE A 22 -0.71 5.50 -2.29
C PHE A 22 0.00 4.17 -2.49
N LEU A 23 -0.17 3.26 -1.53
CA LEU A 23 0.47 1.96 -1.61
C LEU A 23 -0.59 0.85 -1.51
N VAL A 24 -0.71 0.06 -2.59
CA VAL A 24 -1.67 -1.03 -2.63
C VAL A 24 -1.05 -2.32 -2.12
N HIS A 25 -1.56 -2.84 -1.02
CA HIS A 25 -1.06 -4.09 -0.45
C HIS A 25 -2.15 -4.81 0.33
N GLU A 26 -2.37 -6.08 0.01
CA GLU A 26 -3.38 -6.88 0.67
C GLU A 26 -4.78 -6.30 0.44
N SER A 27 -5.03 -5.88 -0.80
CA SER A 27 -6.32 -5.30 -1.15
C SER A 27 -6.66 -4.12 -0.24
N PHE A 28 -5.62 -3.45 0.26
CA PHE A 28 -5.79 -2.31 1.14
C PHE A 28 -5.02 -1.10 0.62
N LEU A 29 -5.05 -0.01 1.37
CA LEU A 29 -4.37 1.22 0.98
C LEU A 29 -3.61 1.81 2.17
N TYR A 30 -2.34 2.17 1.93
CA TYR A 30 -1.52 2.74 2.98
C TYR A 30 -0.89 4.06 2.52
N ARG A 31 -0.32 4.79 3.45
CA ARG A 31 0.31 6.08 3.15
C ARG A 31 1.74 6.13 3.67
N LYS A 32 2.64 6.69 2.87
CA LYS A 32 4.04 6.81 3.25
C LYS A 32 4.21 7.68 4.49
N GLU A 33 4.61 7.08 5.60
CA GLU A 33 4.80 7.80 6.85
C GLU A 33 6.21 8.40 6.92
N LYS A 34 7.21 7.53 6.83
CA LYS A 34 8.60 7.97 6.89
C LYS A 34 9.49 7.09 6.01
N ALA A 35 10.79 7.35 6.02
CA ALA A 35 11.74 6.58 5.25
C ALA A 35 13.06 6.42 5.98
N ALA A 36 13.47 5.18 6.21
CA ALA A 36 14.71 4.91 6.90
C ALA A 36 15.88 4.82 5.92
N GLY A 37 16.01 5.83 5.08
CA GLY A 37 17.08 5.86 4.11
C GLY A 37 16.83 4.93 2.93
N GLU A 38 16.67 3.64 3.23
CA GLU A 38 16.43 2.66 2.18
C GLU A 38 15.03 2.06 2.33
N LYS A 39 14.53 2.01 3.56
CA LYS A 39 13.20 1.46 3.82
C LYS A 39 12.16 2.58 3.86
N VAL A 40 10.91 2.23 3.55
CA VAL A 40 9.82 3.20 3.55
C VAL A 40 8.64 2.69 4.37
N TYR A 41 8.35 3.39 5.46
CA TYR A 41 7.24 3.02 6.34
C TYR A 41 5.91 3.51 5.77
N TRP A 42 4.86 2.71 5.97
CA TRP A 42 3.53 3.06 5.48
C TRP A 42 2.48 2.81 6.54
N MET A 43 1.30 3.39 6.36
CA MET A 43 0.21 3.22 7.30
C MET A 43 -1.14 3.28 6.59
N CYS A 44 -2.00 2.30 6.88
CA CYS A 44 -3.32 2.24 6.27
C CYS A 44 -3.96 3.63 6.20
N ARG A 45 -4.18 4.11 4.99
CA ARG A 45 -4.78 5.43 4.79
C ARG A 45 -6.06 5.56 5.60
N ASP A 46 -6.62 4.44 6.01
CA ASP A 46 -7.85 4.43 6.80
C ASP A 46 -7.54 4.52 8.28
N GLN A 47 -6.46 5.22 8.62
CA GLN A 47 -6.06 5.38 10.01
C GLN A 47 -6.79 6.54 10.66
N ALA A 48 -7.41 7.38 9.83
CA ALA A 48 -8.16 8.54 10.32
C ALA A 48 -9.65 8.22 10.43
N ARG A 49 -10.20 7.61 9.39
CA ARG A 49 -11.62 7.26 9.36
C ARG A 49 -11.85 5.92 10.05
N LEU A 50 -11.15 4.88 9.61
CA LEU A 50 -11.28 3.55 10.18
C LEU A 50 -10.33 3.38 11.35
N GLY A 51 -9.70 4.46 11.78
CA GLY A 51 -8.78 4.41 12.90
C GLY A 51 -7.86 3.20 12.82
N CYS A 52 -7.48 2.82 11.61
CA CYS A 52 -6.60 1.67 11.41
C CYS A 52 -5.15 2.04 11.71
N ARG A 53 -4.52 1.27 12.60
CA ARG A 53 -3.14 1.51 12.97
C ARG A 53 -2.20 0.53 12.27
N SER A 54 -2.70 -0.07 11.18
CA SER A 54 -1.91 -1.02 10.41
C SER A 54 -0.77 -0.33 9.68
N ARG A 55 0.46 -0.81 9.90
CA ARG A 55 1.63 -0.23 9.27
C ARG A 55 2.38 -1.29 8.46
N ALA A 56 3.20 -0.83 7.52
CA ALA A 56 3.97 -1.73 6.68
C ALA A 56 5.27 -1.07 6.21
N ILE A 57 6.31 -1.87 6.00
CA ILE A 57 7.59 -1.37 5.55
C ILE A 57 7.97 -1.95 4.19
N THR A 58 8.36 -1.08 3.27
CA THR A 58 8.75 -1.50 1.93
C THR A 58 10.22 -1.22 1.66
N GLN A 59 10.87 -2.10 0.91
CA GLN A 59 12.28 -1.94 0.58
C GLN A 59 12.52 -2.11 -0.91
N GLY A 60 12.54 -0.99 -1.63
CA GLY A 60 12.75 -1.04 -3.07
C GLY A 60 11.50 -1.43 -3.83
N HIS A 61 11.28 -2.74 -3.96
CA HIS A 61 10.12 -3.25 -4.67
C HIS A 61 9.37 -4.27 -3.82
N ARG A 62 9.81 -4.44 -2.58
CA ARG A 62 9.18 -5.38 -1.67
C ARG A 62 8.29 -4.65 -0.66
N ILE A 63 7.61 -5.42 0.19
CA ILE A 63 6.73 -4.85 1.20
C ILE A 63 6.65 -5.75 2.42
N MET A 64 6.43 -5.14 3.58
CA MET A 64 6.32 -5.88 4.83
C MET A 64 5.19 -5.34 5.70
N VAL A 65 4.46 -6.24 6.34
CA VAL A 65 3.35 -5.85 7.20
C VAL A 65 3.76 -5.85 8.67
N MET A 66 3.26 -4.88 9.42
CA MET A 66 3.58 -4.78 10.84
C MET A 66 2.42 -5.27 11.70
N ARG A 67 1.27 -4.60 11.59
CA ARG A 67 0.09 -4.97 12.35
C ARG A 67 -1.03 -5.45 11.43
N SER A 68 -2.19 -5.73 12.00
CA SER A 68 -3.34 -6.19 11.23
C SER A 68 -4.27 -5.03 10.90
N HIS A 69 -5.40 -5.35 10.28
CA HIS A 69 -6.39 -4.34 9.91
C HIS A 69 -7.72 -4.59 10.62
N CYS A 70 -8.30 -3.51 11.15
CA CYS A 70 -9.57 -3.61 11.86
C CYS A 70 -10.74 -3.42 10.90
N HIS A 71 -10.46 -3.52 9.61
CA HIS A 71 -11.49 -3.36 8.59
C HIS A 71 -11.26 -4.30 7.41
N GLN A 72 -12.30 -4.52 6.61
CA GLN A 72 -12.19 -5.40 5.46
C GLN A 72 -11.84 -4.62 4.20
N PRO A 73 -11.19 -5.30 3.25
CA PRO A 73 -10.79 -4.68 1.97
C PRO A 73 -11.97 -4.37 1.08
N ASP A 74 -11.79 -3.40 0.19
CA ASP A 74 -12.85 -3.00 -0.73
C ASP A 74 -12.33 -2.91 -2.16
N LEU A 75 -12.26 -4.06 -2.83
CA LEU A 75 -11.78 -4.11 -4.21
C LEU A 75 -12.54 -3.13 -5.09
N ALA A 76 -13.69 -2.68 -4.61
CA ALA A 76 -14.52 -1.74 -5.35
C ALA A 76 -13.89 -0.35 -5.37
N GLY A 77 -13.57 0.16 -4.18
CA GLY A 77 -12.97 1.47 -4.08
C GLY A 77 -11.53 1.50 -4.55
N LEU A 78 -10.84 0.38 -4.39
CA LEU A 78 -9.44 0.26 -4.80
C LEU A 78 -9.33 0.20 -6.32
N GLU A 79 -10.17 -0.63 -6.94
CA GLU A 79 -10.15 -0.78 -8.39
C GLU A 79 -10.46 0.54 -9.08
N ALA A 80 -11.36 1.33 -8.48
CA ALA A 80 -11.74 2.62 -9.03
C ALA A 80 -10.52 3.52 -9.20
N LEU A 81 -9.55 3.36 -8.31
CA LEU A 81 -8.33 4.17 -8.37
C LEU A 81 -7.44 3.73 -9.53
N ARG A 82 -7.30 2.42 -9.70
CA ARG A 82 -6.48 1.87 -10.76
C ARG A 82 -7.20 1.97 -12.11
N GLN A 83 -8.51 2.11 -12.07
CA GLN A 83 -9.30 2.23 -13.28
C GLN A 83 -9.39 3.67 -13.75
N ARG A 84 -9.49 4.60 -12.80
CA ARG A 84 -9.57 6.02 -13.11
C ARG A 84 -8.20 6.59 -13.42
N GLU A 85 -7.17 5.77 -13.22
CA GLU A 85 -5.80 6.20 -13.48
C GLU A 85 -5.37 5.83 -14.90
N ARG A 86 -5.32 4.53 -15.18
CA ARG A 86 -4.92 4.05 -16.49
C ARG A 86 -5.94 4.47 -17.55
N LEU A 87 -5.63 4.17 -18.81
CA LEU A 87 -6.52 4.52 -19.91
C LEU A 87 -6.66 3.34 -20.88
ZN ZN B . -6.29 -1.24 7.50
N GLY A 1 -3.43 -25.23 -5.04
CA GLY A 1 -2.61 -24.14 -5.54
C GLY A 1 -1.41 -24.63 -6.34
N SER A 2 -0.36 -23.81 -6.38
CA SER A 2 0.86 -24.16 -7.10
C SER A 2 2.09 -23.88 -6.26
N SER A 3 3.21 -24.52 -6.62
CA SER A 3 4.46 -24.33 -5.89
C SER A 3 5.56 -23.84 -6.83
N GLY A 4 5.83 -22.55 -6.80
CA GLY A 4 6.86 -21.97 -7.64
C GLY A 4 8.13 -21.67 -6.87
N SER A 5 8.57 -20.41 -6.94
CA SER A 5 9.79 -19.99 -6.25
C SER A 5 9.57 -18.65 -5.54
N SER A 6 10.27 -18.46 -4.43
CA SER A 6 10.16 -17.23 -3.65
C SER A 6 11.34 -16.31 -3.95
N GLY A 7 11.35 -15.15 -3.28
CA GLY A 7 12.42 -14.18 -3.48
C GLY A 7 12.00 -12.77 -3.15
N LEU A 8 12.00 -11.91 -4.15
CA LEU A 8 11.62 -10.51 -3.96
C LEU A 8 10.33 -10.20 -4.72
N ARG A 9 9.21 -10.14 -3.99
CA ARG A 9 7.92 -9.85 -4.59
C ARG A 9 7.80 -8.36 -4.91
N PRO A 10 7.11 -8.06 -6.03
CA PRO A 10 6.91 -6.68 -6.48
C PRO A 10 5.96 -5.91 -5.57
N LEU A 11 5.51 -4.75 -6.04
CA LEU A 11 4.60 -3.92 -5.26
C LEU A 11 3.82 -2.98 -6.18
N GLU A 12 2.56 -2.71 -5.81
CA GLU A 12 1.71 -1.82 -6.59
C GLU A 12 1.57 -0.46 -5.93
N PHE A 13 1.67 0.60 -6.71
CA PHE A 13 1.57 1.96 -6.20
C PHE A 13 0.51 2.75 -6.96
N LEU A 14 0.07 3.87 -6.38
CA LEU A 14 -0.93 4.71 -7.01
C LEU A 14 -0.72 6.18 -6.63
N ARG A 15 -1.16 7.07 -7.50
CA ARG A 15 -1.03 8.51 -7.26
C ARG A 15 -2.38 9.22 -7.41
N THR A 16 -2.55 10.30 -6.66
CA THR A 16 -3.79 11.07 -6.72
C THR A 16 -3.59 12.39 -7.44
N SER A 17 -4.64 13.21 -7.48
CA SER A 17 -4.57 14.51 -8.15
C SER A 17 -3.19 15.13 -7.99
N LEU A 18 -2.91 15.65 -6.80
CA LEU A 18 -1.64 16.28 -6.51
C LEU A 18 -1.05 15.77 -5.21
N GLY A 19 0.26 15.54 -5.19
CA GLY A 19 0.92 15.05 -4.00
C GLY A 19 0.05 14.07 -3.22
N GLY A 20 -0.16 12.90 -3.80
CA GLY A 20 -0.98 11.88 -3.14
C GLY A 20 -0.69 10.49 -3.64
N ARG A 21 0.45 9.93 -3.20
CA ARG A 21 0.83 8.59 -3.61
C ARG A 21 0.43 7.56 -2.56
N PHE A 22 -0.46 6.64 -2.96
CA PHE A 22 -0.94 5.61 -2.06
C PHE A 22 -0.18 4.29 -2.30
N LEU A 23 -0.37 3.34 -1.38
CA LEU A 23 0.28 2.04 -1.49
C LEU A 23 -0.74 0.91 -1.48
N VAL A 24 -0.85 0.20 -2.59
CA VAL A 24 -1.78 -0.90 -2.71
C VAL A 24 -1.13 -2.22 -2.30
N HIS A 25 -1.57 -2.76 -1.17
CA HIS A 25 -1.03 -4.02 -0.67
C HIS A 25 -2.10 -4.81 0.08
N GLU A 26 -2.31 -6.05 -0.34
CA GLU A 26 -3.31 -6.91 0.29
C GLU A 26 -4.71 -6.34 0.10
N SER A 27 -4.97 -5.77 -1.07
CA SER A 27 -6.27 -5.18 -1.36
C SER A 27 -6.56 -4.02 -0.42
N PHE A 28 -5.52 -3.53 0.26
CA PHE A 28 -5.66 -2.42 1.19
C PHE A 28 -4.93 -1.18 0.67
N LEU A 29 -5.04 -0.09 1.42
CA LEU A 29 -4.40 1.16 1.03
C LEU A 29 -3.65 1.77 2.21
N TYR A 30 -2.38 2.13 1.99
CA TYR A 30 -1.56 2.72 3.03
C TYR A 30 -1.00 4.07 2.58
N ARG A 31 -0.30 4.74 3.48
CA ARG A 31 0.29 6.04 3.19
C ARG A 31 1.73 6.10 3.67
N LYS A 32 2.60 6.70 2.86
CA LYS A 32 4.02 6.83 3.21
C LYS A 32 4.20 7.72 4.43
N GLU A 33 4.62 7.12 5.54
CA GLU A 33 4.82 7.85 6.78
C GLU A 33 6.23 8.43 6.83
N LYS A 34 7.23 7.56 6.74
CA LYS A 34 8.63 7.98 6.77
C LYS A 34 9.51 7.00 6.00
N ALA A 35 10.75 7.40 5.75
CA ALA A 35 11.70 6.56 5.02
C ALA A 35 13.00 6.41 5.81
N ALA A 36 13.46 5.17 5.94
CA ALA A 36 14.69 4.89 6.66
C ALA A 36 15.74 4.27 5.74
N GLY A 37 16.68 5.08 5.27
CA GLY A 37 17.72 4.60 4.38
C GLY A 37 17.16 4.11 3.06
N GLU A 38 16.95 2.80 2.95
CA GLU A 38 16.43 2.20 1.73
C GLU A 38 15.03 1.64 1.96
N LYS A 39 14.51 1.81 3.17
CA LYS A 39 13.19 1.31 3.52
C LYS A 39 12.18 2.46 3.59
N VAL A 40 10.90 2.12 3.44
CA VAL A 40 9.84 3.12 3.49
C VAL A 40 8.66 2.63 4.31
N TYR A 41 8.38 3.31 5.41
CA TYR A 41 7.27 2.95 6.29
C TYR A 41 5.95 3.43 5.72
N TRP A 42 4.90 2.66 5.96
CA TRP A 42 3.56 3.00 5.48
C TRP A 42 2.51 2.78 6.56
N MET A 43 1.31 3.30 6.32
CA MET A 43 0.22 3.15 7.28
C MET A 43 -1.13 3.20 6.57
N CYS A 44 -2.00 2.25 6.89
CA CYS A 44 -3.32 2.18 6.29
C CYS A 44 -3.98 3.56 6.26
N ARG A 45 -4.19 4.09 5.06
CA ARG A 45 -4.80 5.40 4.89
C ARG A 45 -6.15 5.46 5.60
N ASP A 46 -6.80 4.31 5.71
CA ASP A 46 -8.11 4.23 6.37
C ASP A 46 -7.93 4.07 7.88
N GLN A 47 -7.09 4.90 8.47
CA GLN A 47 -6.84 4.84 9.91
C GLN A 47 -7.88 5.65 10.68
N ALA A 48 -8.29 6.78 10.10
CA ALA A 48 -9.28 7.63 10.73
C ALA A 48 -10.69 7.29 10.24
N ARG A 49 -10.77 6.51 9.18
CA ARG A 49 -12.06 6.11 8.61
C ARG A 49 -12.44 4.71 9.08
N LEU A 50 -11.47 3.81 9.14
CA LEU A 50 -11.72 2.44 9.56
C LEU A 50 -10.97 2.14 10.86
N GLY A 51 -10.68 3.19 11.63
CA GLY A 51 -9.98 3.01 12.89
C GLY A 51 -8.96 1.89 12.84
N CYS A 52 -8.08 1.94 11.85
CA CYS A 52 -7.05 0.91 11.68
C CYS A 52 -5.66 1.53 11.63
N ARG A 53 -4.82 1.17 12.60
CA ARG A 53 -3.46 1.70 12.65
C ARG A 53 -2.45 0.64 12.21
N SER A 54 -2.70 0.03 11.06
CA SER A 54 -1.82 -1.00 10.54
C SER A 54 -0.70 -0.38 9.70
N ARG A 55 0.53 -0.57 10.15
CA ARG A 55 1.69 -0.03 9.44
C ARG A 55 2.45 -1.13 8.71
N ALA A 56 3.27 -0.73 7.74
CA ALA A 56 4.04 -1.69 6.95
C ALA A 56 5.38 -1.09 6.53
N ILE A 57 6.31 -1.96 6.13
CA ILE A 57 7.62 -1.51 5.69
C ILE A 57 7.97 -2.07 4.32
N THR A 58 8.36 -1.19 3.40
CA THR A 58 8.71 -1.60 2.04
C THR A 58 10.20 -1.43 1.80
N GLN A 59 10.78 -2.34 1.02
CA GLN A 59 12.20 -2.29 0.70
C GLN A 59 12.43 -2.39 -0.80
N GLY A 60 12.46 -1.23 -1.46
CA GLY A 60 12.67 -1.20 -2.90
C GLY A 60 11.43 -1.59 -3.67
N HIS A 61 11.23 -2.89 -3.88
CA HIS A 61 10.08 -3.38 -4.62
C HIS A 61 9.31 -4.41 -3.79
N ARG A 62 9.70 -4.55 -2.54
CA ARG A 62 9.05 -5.50 -1.64
C ARG A 62 8.16 -4.77 -0.63
N ILE A 63 7.51 -5.54 0.25
CA ILE A 63 6.64 -4.97 1.26
C ILE A 63 6.58 -5.86 2.50
N MET A 64 6.29 -5.24 3.65
CA MET A 64 6.21 -5.97 4.90
C MET A 64 5.12 -5.40 5.79
N VAL A 65 4.49 -6.26 6.58
CA VAL A 65 3.42 -5.84 7.48
C VAL A 65 3.79 -6.08 8.93
N MET A 66 3.35 -5.20 9.81
CA MET A 66 3.64 -5.32 11.24
C MET A 66 2.37 -5.63 12.03
N ARG A 67 1.41 -4.71 11.99
CA ARG A 67 0.15 -4.89 12.70
C ARG A 67 -0.93 -5.44 11.77
N SER A 68 -2.11 -5.69 12.32
CA SER A 68 -3.21 -6.23 11.55
C SER A 68 -4.20 -5.13 11.18
N HIS A 69 -5.19 -5.47 10.36
CA HIS A 69 -6.20 -4.51 9.93
C HIS A 69 -7.54 -4.79 10.60
N CYS A 70 -8.11 -3.76 11.22
CA CYS A 70 -9.39 -3.89 11.91
C CYS A 70 -10.55 -3.78 10.92
N HIS A 71 -10.23 -3.90 9.64
CA HIS A 71 -11.25 -3.81 8.58
C HIS A 71 -10.92 -4.74 7.42
N GLN A 72 -11.95 -5.18 6.71
CA GLN A 72 -11.77 -6.08 5.59
C GLN A 72 -11.50 -5.30 4.31
N PRO A 73 -10.77 -5.93 3.37
CA PRO A 73 -10.43 -5.31 2.09
C PRO A 73 -11.64 -5.14 1.18
N ASP A 74 -11.59 -4.15 0.29
CA ASP A 74 -12.68 -3.89 -0.63
C ASP A 74 -12.16 -3.77 -2.06
N LEU A 75 -12.15 -4.89 -2.78
CA LEU A 75 -11.68 -4.92 -4.15
C LEU A 75 -12.49 -3.97 -5.03
N ALA A 76 -13.77 -3.81 -4.67
CA ALA A 76 -14.66 -2.93 -5.42
C ALA A 76 -14.25 -1.47 -5.25
N GLY A 77 -13.72 -1.14 -4.07
CA GLY A 77 -13.31 0.23 -3.81
C GLY A 77 -11.89 0.49 -4.24
N LEU A 78 -11.01 -0.49 -4.05
CA LEU A 78 -9.60 -0.35 -4.43
C LEU A 78 -9.44 -0.39 -5.93
N GLU A 79 -10.19 -1.27 -6.60
CA GLU A 79 -10.13 -1.40 -8.04
C GLU A 79 -10.60 -0.11 -8.73
N ALA A 80 -11.51 0.60 -8.08
CA ALA A 80 -12.04 1.85 -8.61
C ALA A 80 -10.95 2.91 -8.71
N LEU A 81 -10.36 3.24 -7.56
CA LEU A 81 -9.31 4.25 -7.52
C LEU A 81 -8.37 4.12 -8.72
N ARG A 82 -8.02 2.89 -9.04
CA ARG A 82 -7.12 2.62 -10.17
C ARG A 82 -7.79 3.02 -11.49
N GLN A 83 -9.06 2.69 -11.63
CA GLN A 83 -9.81 3.01 -12.83
C GLN A 83 -9.47 4.41 -13.33
N ARG A 84 -9.18 5.31 -12.40
CA ARG A 84 -8.84 6.69 -12.75
C ARG A 84 -7.46 6.75 -13.39
N GLU A 85 -6.50 6.06 -12.80
CA GLU A 85 -5.13 6.04 -13.31
C GLU A 85 -5.05 5.24 -14.61
N ARG A 86 -5.28 3.94 -14.50
CA ARG A 86 -5.23 3.05 -15.68
C ARG A 86 -6.63 2.82 -16.23
N LEU A 87 -6.70 2.20 -17.41
CA LEU A 87 -7.97 1.91 -18.04
C LEU A 87 -8.15 0.41 -18.25
ZN ZN B . -6.19 -1.39 7.45
N GLY A 1 16.63 -4.64 -15.36
CA GLY A 1 16.48 -5.71 -14.39
C GLY A 1 15.03 -6.05 -14.11
N SER A 2 14.78 -6.66 -12.96
CA SER A 2 13.42 -7.04 -12.58
C SER A 2 12.84 -8.03 -13.58
N SER A 3 13.69 -8.87 -14.15
CA SER A 3 13.25 -9.87 -15.12
C SER A 3 13.57 -11.28 -14.64
N GLY A 4 12.91 -11.68 -13.55
CA GLY A 4 13.12 -13.00 -13.00
C GLY A 4 13.83 -12.97 -11.66
N SER A 5 13.06 -13.00 -10.58
CA SER A 5 13.61 -12.97 -9.24
C SER A 5 12.89 -13.96 -8.32
N SER A 6 13.63 -14.91 -7.78
CA SER A 6 13.06 -15.92 -6.89
C SER A 6 13.32 -15.57 -5.43
N GLY A 7 12.50 -14.67 -4.89
CA GLY A 7 12.67 -14.27 -3.50
C GLY A 7 12.12 -12.87 -3.24
N LEU A 8 12.42 -11.95 -4.15
CA LEU A 8 11.96 -10.58 -4.01
C LEU A 8 10.62 -10.37 -4.72
N ARG A 9 9.55 -10.25 -3.95
CA ARG A 9 8.22 -10.05 -4.50
C ARG A 9 8.00 -8.59 -4.87
N PRO A 10 7.23 -8.36 -5.95
CA PRO A 10 6.93 -7.01 -6.43
C PRO A 10 5.99 -6.26 -5.49
N LEU A 11 5.42 -5.17 -5.98
CA LEU A 11 4.50 -4.36 -5.18
C LEU A 11 3.77 -3.35 -6.05
N GLU A 12 2.50 -3.10 -5.72
CA GLU A 12 1.69 -2.16 -6.48
C GLU A 12 1.57 -0.83 -5.74
N PHE A 13 1.43 0.25 -6.50
CA PHE A 13 1.31 1.59 -5.93
C PHE A 13 0.26 2.41 -6.67
N LEU A 14 -0.05 3.59 -6.13
CA LEU A 14 -1.04 4.47 -6.74
C LEU A 14 -0.64 5.93 -6.56
N ARG A 15 -1.08 6.78 -7.50
CA ARG A 15 -0.77 8.20 -7.45
C ARG A 15 -2.04 9.03 -7.48
N THR A 16 -2.29 9.78 -6.41
CA THR A 16 -3.47 10.63 -6.32
C THR A 16 -3.18 12.04 -6.81
N SER A 17 -4.21 12.87 -6.85
CA SER A 17 -4.08 14.26 -7.30
C SER A 17 -4.14 15.22 -6.13
N LEU A 18 -5.32 15.34 -5.53
CA LEU A 18 -5.52 16.23 -4.40
C LEU A 18 -5.12 15.56 -3.10
N GLY A 19 -4.06 14.75 -3.16
CA GLY A 19 -3.58 14.06 -1.97
C GLY A 19 -2.10 13.77 -2.03
N GLY A 20 -1.75 12.51 -2.27
CA GLY A 20 -0.35 12.12 -2.34
C GLY A 20 -0.15 10.78 -3.01
N ARG A 21 0.81 10.01 -2.52
CA ARG A 21 1.10 8.69 -3.08
C ARG A 21 0.52 7.59 -2.20
N PHE A 22 -0.20 6.67 -2.83
CA PHE A 22 -0.81 5.55 -2.10
C PHE A 22 -0.08 4.25 -2.40
N LEU A 23 -0.24 3.27 -1.51
CA LEU A 23 0.41 1.97 -1.66
C LEU A 23 -0.62 0.85 -1.61
N VAL A 24 -0.78 0.15 -2.73
CA VAL A 24 -1.73 -0.96 -2.80
C VAL A 24 -1.08 -2.27 -2.37
N HIS A 25 -1.63 -2.87 -1.33
CA HIS A 25 -1.11 -4.13 -0.82
C HIS A 25 -2.18 -4.89 -0.05
N GLU A 26 -2.40 -6.15 -0.42
CA GLU A 26 -3.41 -6.98 0.23
C GLU A 26 -4.79 -6.38 0.08
N SER A 27 -5.08 -5.86 -1.12
CA SER A 27 -6.38 -5.25 -1.39
C SER A 27 -6.65 -4.09 -0.43
N PHE A 28 -5.58 -3.41 -0.03
CA PHE A 28 -5.70 -2.28 0.90
C PHE A 28 -4.93 -1.07 0.39
N LEU A 29 -4.90 -0.01 1.19
CA LEU A 29 -4.19 1.21 0.81
C LEU A 29 -3.46 1.80 2.01
N TYR A 30 -2.20 2.18 1.81
CA TYR A 30 -1.40 2.77 2.88
C TYR A 30 -0.78 4.08 2.42
N ARG A 31 -0.33 4.88 3.39
CA ARG A 31 0.29 6.16 3.10
C ARG A 31 1.71 6.22 3.64
N LYS A 32 2.64 6.73 2.83
CA LYS A 32 4.03 6.85 3.23
C LYS A 32 4.17 7.69 4.49
N GLU A 33 4.57 7.04 5.59
CA GLU A 33 4.74 7.74 6.86
C GLU A 33 6.10 8.42 6.93
N LYS A 34 7.15 7.66 6.64
CA LYS A 34 8.51 8.18 6.67
C LYS A 34 9.44 7.32 5.82
N ALA A 35 10.71 7.71 5.76
CA ALA A 35 11.71 6.97 4.98
C ALA A 35 12.96 6.71 5.82
N ALA A 36 13.46 5.48 5.74
CA ALA A 36 14.66 5.10 6.49
C ALA A 36 15.78 4.67 5.54
N GLY A 37 16.86 4.16 6.11
CA GLY A 37 17.98 3.72 5.30
C GLY A 37 17.60 2.63 4.31
N GLU A 38 17.24 3.04 3.10
CA GLU A 38 16.84 2.10 2.07
C GLU A 38 15.54 1.39 2.44
N LYS A 39 14.58 2.17 2.94
CA LYS A 39 13.29 1.62 3.34
C LYS A 39 12.20 2.69 3.28
N VAL A 40 10.96 2.26 3.20
CA VAL A 40 9.83 3.17 3.13
C VAL A 40 8.69 2.72 4.05
N TYR A 41 8.33 3.57 5.00
CA TYR A 41 7.26 3.26 5.94
C TYR A 41 5.89 3.62 5.36
N TRP A 42 4.88 2.87 5.76
CA TRP A 42 3.52 3.11 5.27
C TRP A 42 2.50 2.86 6.38
N MET A 43 1.39 3.57 6.32
CA MET A 43 0.33 3.43 7.31
C MET A 43 -1.04 3.37 6.65
N CYS A 44 -1.84 2.38 7.04
CA CYS A 44 -3.17 2.22 6.47
C CYS A 44 -3.92 3.54 6.45
N ARG A 45 -4.10 4.10 5.25
CA ARG A 45 -4.79 5.38 5.08
C ARG A 45 -6.00 5.44 6.00
N ASP A 46 -6.56 4.28 6.33
CA ASP A 46 -7.73 4.21 7.19
C ASP A 46 -7.32 4.13 8.66
N GLN A 47 -6.29 4.90 9.02
CA GLN A 47 -5.80 4.90 10.40
C GLN A 47 -6.58 5.90 11.26
N ALA A 48 -6.95 7.03 10.66
CA ALA A 48 -7.69 8.07 11.36
C ALA A 48 -9.19 7.94 11.09
N ARG A 49 -9.53 7.16 10.08
CA ARG A 49 -10.93 6.95 9.71
C ARG A 49 -11.49 5.72 10.40
N LEU A 50 -10.92 4.56 10.11
CA LEU A 50 -11.36 3.30 10.70
C LEU A 50 -10.40 2.85 11.78
N GLY A 51 -9.74 3.80 12.43
CA GLY A 51 -8.80 3.47 13.49
C GLY A 51 -7.93 2.28 13.14
N CYS A 52 -7.37 2.27 11.93
CA CYS A 52 -6.53 1.18 11.48
C CYS A 52 -5.06 1.60 11.48
N ARG A 53 -4.48 1.72 12.67
CA ARG A 53 -3.09 2.11 12.81
C ARG A 53 -2.18 1.17 12.02
N SER A 54 -2.73 0.04 11.59
CA SER A 54 -1.96 -0.95 10.84
C SER A 54 -0.97 -0.26 9.90
N ARG A 55 0.30 -0.60 10.06
CA ARG A 55 1.36 -0.02 9.24
C ARG A 55 2.08 -1.09 8.44
N ALA A 56 3.02 -0.67 7.60
CA ALA A 56 3.78 -1.60 6.77
C ALA A 56 5.07 -0.95 6.26
N ILE A 57 6.08 -1.77 6.03
CA ILE A 57 7.37 -1.27 5.53
C ILE A 57 7.73 -1.94 4.21
N THR A 58 8.17 -1.12 3.25
CA THR A 58 8.55 -1.63 1.94
C THR A 58 10.04 -1.39 1.68
N GLN A 59 10.67 -2.34 0.99
CA GLN A 59 12.09 -2.23 0.66
C GLN A 59 12.32 -2.41 -0.83
N GLY A 60 12.27 -1.29 -1.57
CA GLY A 60 12.48 -1.35 -3.00
C GLY A 60 11.24 -1.78 -3.75
N HIS A 61 11.04 -3.07 -3.90
CA HIS A 61 9.88 -3.61 -4.60
C HIS A 61 9.13 -4.61 -3.74
N ARG A 62 9.54 -4.72 -2.48
CA ARG A 62 8.90 -5.64 -1.55
C ARG A 62 8.02 -4.89 -0.55
N ILE A 63 7.39 -5.64 0.36
CA ILE A 63 6.52 -5.04 1.37
C ILE A 63 6.49 -5.88 2.63
N MET A 64 6.25 -5.24 3.76
CA MET A 64 6.19 -5.92 5.04
C MET A 64 5.08 -5.36 5.92
N VAL A 65 4.38 -6.24 6.62
CA VAL A 65 3.29 -5.82 7.51
C VAL A 65 3.67 -6.01 8.97
N MET A 66 3.28 -5.04 9.80
CA MET A 66 3.57 -5.10 11.22
C MET A 66 2.33 -5.49 12.02
N ARG A 67 1.24 -4.76 11.82
CA ARG A 67 -0.01 -5.02 12.52
C ARG A 67 -1.09 -5.46 11.54
N SER A 68 -2.20 -5.97 12.08
CA SER A 68 -3.31 -6.42 11.26
C SER A 68 -4.26 -5.27 10.94
N HIS A 69 -5.35 -5.59 10.26
CA HIS A 69 -6.34 -4.58 9.89
C HIS A 69 -7.70 -4.89 10.53
N CYS A 70 -8.35 -3.86 11.04
CA CYS A 70 -9.65 -4.01 11.69
C CYS A 70 -10.78 -3.82 10.67
N HIS A 71 -10.42 -3.76 9.40
CA HIS A 71 -11.40 -3.57 8.33
C HIS A 71 -11.07 -4.47 7.14
N GLN A 72 -12.09 -4.75 6.33
CA GLN A 72 -11.92 -5.59 5.15
C GLN A 72 -11.55 -4.76 3.93
N PRO A 73 -10.90 -5.39 2.94
CA PRO A 73 -10.48 -4.73 1.71
C PRO A 73 -11.66 -4.35 0.82
N ASP A 74 -11.59 -3.18 0.21
CA ASP A 74 -12.66 -2.70 -0.67
C ASP A 74 -12.27 -2.87 -2.13
N LEU A 75 -12.42 -4.08 -2.65
CA LEU A 75 -12.09 -4.37 -4.03
C LEU A 75 -12.79 -3.40 -4.98
N ALA A 76 -13.81 -2.72 -4.47
CA ALA A 76 -14.57 -1.76 -5.27
C ALA A 76 -13.93 -0.38 -5.20
N GLY A 77 -13.80 0.15 -3.98
CA GLY A 77 -13.21 1.46 -3.81
C GLY A 77 -11.78 1.53 -4.32
N LEU A 78 -11.06 0.43 -4.18
CA LEU A 78 -9.67 0.37 -4.62
C LEU A 78 -9.59 0.38 -6.15
N GLU A 79 -10.37 -0.48 -6.80
CA GLU A 79 -10.38 -0.56 -8.24
C GLU A 79 -10.85 0.75 -8.86
N ALA A 80 -11.73 1.44 -8.16
CA ALA A 80 -12.26 2.72 -8.63
C ALA A 80 -11.16 3.78 -8.68
N LEU A 81 -10.49 3.98 -7.55
CA LEU A 81 -9.43 4.97 -7.46
C LEU A 81 -8.34 4.71 -8.52
N ARG A 82 -8.15 3.43 -8.83
CA ARG A 82 -7.15 3.05 -9.83
C ARG A 82 -7.46 3.67 -11.18
N GLN A 83 -8.75 3.78 -11.49
CA GLN A 83 -9.17 4.36 -12.76
C GLN A 83 -8.63 5.77 -12.93
N ARG A 84 -8.57 6.51 -11.81
CA ARG A 84 -8.07 7.87 -11.83
C ARG A 84 -6.57 7.91 -12.12
N GLU A 85 -5.93 6.75 -12.04
CA GLU A 85 -4.50 6.65 -12.29
C GLU A 85 -4.23 6.08 -13.68
N ARG A 86 -4.83 4.94 -13.98
CA ARG A 86 -4.66 4.29 -15.27
C ARG A 86 -4.84 5.29 -16.41
N LEU A 87 -4.08 5.10 -17.48
CA LEU A 87 -4.14 6.00 -18.64
C LEU A 87 -5.53 5.93 -19.29
ZN ZN B . -6.30 -1.41 7.39
N GLY A 1 -5.10 -23.01 -13.97
CA GLY A 1 -3.82 -23.25 -14.59
C GLY A 1 -2.97 -21.99 -14.65
N SER A 2 -3.10 -21.14 -13.64
CA SER A 2 -2.36 -19.89 -13.59
C SER A 2 -0.88 -20.16 -13.27
N SER A 3 -0.01 -19.35 -13.85
CA SER A 3 1.44 -19.50 -13.64
C SER A 3 2.09 -18.14 -13.38
N GLY A 4 3.05 -18.13 -12.46
CA GLY A 4 3.74 -16.90 -12.12
C GLY A 4 5.05 -17.15 -11.40
N SER A 5 5.74 -16.07 -11.03
CA SER A 5 7.01 -16.17 -10.34
C SER A 5 6.82 -16.12 -8.83
N SER A 6 7.76 -16.69 -8.09
CA SER A 6 7.69 -16.71 -6.64
C SER A 6 8.95 -16.10 -6.02
N GLY A 7 8.83 -15.65 -4.77
CA GLY A 7 9.97 -15.06 -4.10
C GLY A 7 9.83 -13.55 -3.94
N LEU A 8 10.59 -12.81 -4.73
CA LEU A 8 10.55 -11.35 -4.67
C LEU A 8 9.39 -10.81 -5.50
N ARG A 9 8.21 -10.74 -4.89
CA ARG A 9 7.03 -10.24 -5.56
C ARG A 9 7.06 -8.71 -5.68
N PRO A 10 6.54 -8.19 -6.79
CA PRO A 10 6.51 -6.75 -7.04
C PRO A 10 5.52 -6.02 -6.14
N LEU A 11 5.36 -4.73 -6.36
CA LEU A 11 4.45 -3.92 -5.56
C LEU A 11 3.62 -3.00 -6.45
N GLU A 12 2.43 -2.63 -5.97
CA GLU A 12 1.54 -1.75 -6.71
C GLU A 12 1.28 -0.46 -5.96
N PHE A 13 1.05 0.62 -6.69
CA PHE A 13 0.80 1.93 -6.08
C PHE A 13 -0.30 2.67 -6.83
N LEU A 14 -0.79 3.75 -6.24
CA LEU A 14 -1.85 4.55 -6.85
C LEU A 14 -1.55 6.04 -6.74
N ARG A 15 -1.39 6.69 -7.88
CA ARG A 15 -1.09 8.12 -7.92
C ARG A 15 -2.31 8.94 -7.53
N THR A 16 -2.10 9.93 -6.67
CA THR A 16 -3.19 10.80 -6.22
C THR A 16 -2.98 12.23 -6.68
N SER A 17 -4.01 13.06 -6.54
CA SER A 17 -3.94 14.45 -6.94
C SER A 17 -3.90 15.36 -5.71
N LEU A 18 -4.86 15.18 -4.81
CA LEU A 18 -4.93 15.98 -3.60
C LEU A 18 -3.75 15.70 -2.68
N GLY A 19 -3.56 14.43 -2.34
CA GLY A 19 -2.46 14.04 -1.48
C GLY A 19 -1.17 13.84 -2.24
N GLY A 20 -0.80 12.59 -2.46
CA GLY A 20 0.43 12.28 -3.17
C GLY A 20 0.40 10.91 -3.83
N ARG A 21 1.08 9.95 -3.21
CA ARG A 21 1.12 8.60 -3.74
C ARG A 21 0.54 7.61 -2.74
N PHE A 22 -0.03 6.52 -3.25
CA PHE A 22 -0.63 5.50 -2.41
C PHE A 22 0.11 4.17 -2.56
N LEU A 23 -0.06 3.28 -1.58
CA LEU A 23 0.59 1.97 -1.59
C LEU A 23 -0.44 0.85 -1.52
N VAL A 24 -0.55 0.08 -2.59
CA VAL A 24 -1.49 -1.03 -2.63
C VAL A 24 -0.86 -2.31 -2.10
N HIS A 25 -1.42 -2.83 -1.01
CA HIS A 25 -0.92 -4.05 -0.40
C HIS A 25 -2.03 -4.79 0.36
N GLU A 26 -2.23 -6.05 0.01
CA GLU A 26 -3.27 -6.86 0.65
C GLU A 26 -4.65 -6.27 0.40
N SER A 27 -4.91 -5.89 -0.86
CA SER A 27 -6.20 -5.31 -1.23
C SER A 27 -6.53 -4.13 -0.33
N PHE A 28 -5.51 -3.54 0.28
CA PHE A 28 -5.70 -2.39 1.16
C PHE A 28 -4.94 -1.18 0.64
N LEU A 29 -5.04 -0.06 1.37
CA LEU A 29 -4.37 1.17 0.98
C LEU A 29 -3.57 1.75 2.15
N TYR A 30 -2.36 2.20 1.88
CA TYR A 30 -1.51 2.78 2.90
C TYR A 30 -0.88 4.09 2.42
N ARG A 31 -0.29 4.84 3.35
CA ARG A 31 0.33 6.10 3.03
C ARG A 31 1.74 6.18 3.62
N LYS A 32 2.68 6.70 2.85
CA LYS A 32 4.06 6.84 3.29
C LYS A 32 4.14 7.66 4.57
N GLU A 33 4.67 7.04 5.63
CA GLU A 33 4.80 7.72 6.91
C GLU A 33 6.20 8.32 7.07
N LYS A 34 7.22 7.47 6.92
CA LYS A 34 8.60 7.90 7.05
C LYS A 34 9.52 7.04 6.19
N ALA A 35 10.81 7.36 6.21
CA ALA A 35 11.79 6.62 5.44
C ALA A 35 13.08 6.41 6.24
N ALA A 36 13.44 5.15 6.44
CA ALA A 36 14.65 4.81 7.19
C ALA A 36 15.86 4.73 6.26
N GLY A 37 16.13 5.81 5.54
CA GLY A 37 17.26 5.84 4.63
C GLY A 37 16.96 5.15 3.31
N GLU A 38 16.74 3.84 3.36
CA GLU A 38 16.44 3.07 2.17
C GLU A 38 15.05 2.45 2.25
N LYS A 39 14.54 2.33 3.47
CA LYS A 39 13.22 1.75 3.69
C LYS A 39 12.15 2.83 3.74
N VAL A 40 10.90 2.44 3.55
CA VAL A 40 9.78 3.37 3.58
C VAL A 40 8.61 2.81 4.36
N TYR A 41 8.26 3.45 5.47
CA TYR A 41 7.15 3.01 6.30
C TYR A 41 5.82 3.50 5.74
N TRP A 42 4.77 2.72 5.97
CA TRP A 42 3.44 3.06 5.49
C TRP A 42 2.38 2.77 6.55
N MET A 43 1.23 3.42 6.43
CA MET A 43 0.13 3.23 7.37
C MET A 43 -1.21 3.26 6.66
N CYS A 44 -2.10 2.34 7.05
CA CYS A 44 -3.42 2.27 6.44
C CYS A 44 -4.06 3.64 6.35
N ARG A 45 -4.16 4.16 5.13
CA ARG A 45 -4.75 5.47 4.89
C ARG A 45 -6.03 5.64 5.69
N ASP A 46 -6.64 4.52 6.06
CA ASP A 46 -7.88 4.54 6.84
C ASP A 46 -7.58 4.69 8.33
N GLN A 47 -6.55 5.45 8.65
CA GLN A 47 -6.16 5.66 10.04
C GLN A 47 -7.37 6.03 10.90
N ALA A 48 -7.95 7.19 10.61
CA ALA A 48 -9.12 7.66 11.36
C ALA A 48 -10.42 7.23 10.67
N ARG A 49 -10.39 7.17 9.34
CA ARG A 49 -11.55 6.77 8.56
C ARG A 49 -12.10 5.43 9.05
N LEU A 50 -11.21 4.47 9.25
CA LEU A 50 -11.60 3.15 9.71
C LEU A 50 -10.86 2.77 10.99
N GLY A 51 -10.44 3.79 11.74
CA GLY A 51 -9.74 3.54 12.98
C GLY A 51 -8.75 2.39 12.87
N CYS A 52 -8.01 2.36 11.77
CA CYS A 52 -7.03 1.30 11.54
C CYS A 52 -5.63 1.76 11.96
N ARG A 53 -4.82 0.82 12.42
CA ARG A 53 -3.46 1.13 12.85
C ARG A 53 -2.47 0.13 12.26
N SER A 54 -2.75 -0.33 11.05
CA SER A 54 -1.88 -1.30 10.38
C SER A 54 -0.74 -0.59 9.64
N ARG A 55 0.49 -0.89 10.06
CA ARG A 55 1.66 -0.27 9.44
C ARG A 55 2.47 -1.31 8.68
N ALA A 56 3.10 -0.88 7.60
CA ALA A 56 3.91 -1.77 6.76
C ALA A 56 5.20 -1.09 6.33
N ILE A 57 6.21 -1.90 6.00
CA ILE A 57 7.50 -1.37 5.57
C ILE A 57 7.87 -1.90 4.19
N THR A 58 8.18 -0.98 3.27
CA THR A 58 8.55 -1.36 1.92
C THR A 58 10.06 -1.28 1.73
N GLN A 59 10.58 -2.09 0.81
CA GLN A 59 12.02 -2.10 0.53
C GLN A 59 12.29 -2.58 -0.89
N GLY A 60 12.69 -1.66 -1.76
CA GLY A 60 12.97 -2.03 -3.14
C GLY A 60 11.72 -2.29 -3.94
N HIS A 61 11.35 -3.56 -4.07
CA HIS A 61 10.16 -3.94 -4.83
C HIS A 61 9.27 -4.86 -4.00
N ARG A 62 9.58 -4.97 -2.71
CA ARG A 62 8.81 -5.83 -1.81
C ARG A 62 8.15 -5.00 -0.71
N ILE A 63 7.36 -5.67 0.13
CA ILE A 63 6.67 -4.99 1.23
C ILE A 63 6.60 -5.88 2.45
N MET A 64 6.39 -5.27 3.62
CA MET A 64 6.30 -6.01 4.87
C MET A 64 5.14 -5.50 5.72
N VAL A 65 4.54 -6.39 6.50
CA VAL A 65 3.42 -6.04 7.36
C VAL A 65 3.74 -6.30 8.82
N MET A 66 3.27 -5.42 9.70
CA MET A 66 3.51 -5.56 11.13
C MET A 66 2.20 -5.73 11.88
N ARG A 67 1.35 -4.70 11.83
CA ARG A 67 0.06 -4.73 12.51
C ARG A 67 -1.02 -5.32 11.59
N SER A 68 -2.20 -5.57 12.16
CA SER A 68 -3.31 -6.13 11.40
C SER A 68 -4.34 -5.05 11.08
N HIS A 69 -5.34 -5.41 10.29
CA HIS A 69 -6.39 -4.48 9.90
C HIS A 69 -7.71 -4.83 10.56
N CYS A 70 -8.37 -3.85 11.13
CA CYS A 70 -9.66 -4.06 11.81
C CYS A 70 -10.81 -3.88 10.83
N HIS A 71 -10.50 -3.86 9.54
CA HIS A 71 -11.52 -3.69 8.50
C HIS A 71 -11.22 -4.58 7.30
N GLN A 72 -12.26 -4.90 6.53
CA GLN A 72 -12.11 -5.74 5.36
C GLN A 72 -11.86 -4.90 4.11
N PRO A 73 -11.22 -5.51 3.10
CA PRO A 73 -10.91 -4.83 1.84
C PRO A 73 -12.15 -4.56 1.01
N ASP A 74 -12.03 -3.65 0.04
CA ASP A 74 -13.15 -3.30 -0.82
C ASP A 74 -12.68 -3.10 -2.26
N LEU A 75 -12.49 -4.20 -2.97
CA LEU A 75 -12.04 -4.14 -4.36
C LEU A 75 -12.83 -3.11 -5.15
N ALA A 76 -14.02 -2.80 -4.67
CA ALA A 76 -14.88 -1.82 -5.33
C ALA A 76 -14.32 -0.41 -5.17
N GLY A 77 -13.83 -0.11 -3.97
CA GLY A 77 -13.26 1.21 -3.71
C GLY A 77 -11.85 1.35 -4.23
N LEU A 78 -11.05 0.30 -4.07
CA LEU A 78 -9.67 0.32 -4.52
C LEU A 78 -9.60 0.39 -6.04
N GLU A 79 -10.49 -0.32 -6.71
CA GLU A 79 -10.53 -0.33 -8.17
C GLU A 79 -10.86 1.05 -8.71
N ALA A 80 -11.65 1.80 -7.96
CA ALA A 80 -12.05 3.14 -8.37
C ALA A 80 -10.83 4.07 -8.44
N LEU A 81 -9.85 3.81 -7.59
CA LEU A 81 -8.64 4.63 -7.57
C LEU A 81 -7.69 4.22 -8.69
N ARG A 82 -7.76 2.96 -9.10
CA ARG A 82 -6.91 2.45 -10.17
C ARG A 82 -7.46 2.85 -11.54
N GLN A 83 -8.79 2.88 -11.65
CA GLN A 83 -9.44 3.23 -12.91
C GLN A 83 -9.04 4.63 -13.34
N ARG A 84 -8.84 5.53 -12.37
CA ARG A 84 -8.45 6.90 -12.66
C ARG A 84 -6.94 7.00 -12.86
N GLU A 85 -6.24 5.89 -12.66
CA GLU A 85 -4.79 5.86 -12.81
C GLU A 85 -4.40 5.20 -14.12
N ARG A 86 -5.22 4.26 -14.58
CA ARG A 86 -4.96 3.54 -15.82
C ARG A 86 -5.85 4.06 -16.94
N LEU A 87 -5.54 5.26 -17.43
CA LEU A 87 -6.31 5.87 -18.51
C LEU A 87 -5.56 5.77 -19.84
ZN ZN B . -6.40 -1.33 7.47
N GLY A 1 11.27 -9.67 -19.36
CA GLY A 1 12.36 -10.51 -18.88
C GLY A 1 11.90 -11.49 -17.82
N SER A 2 11.82 -12.76 -18.19
CA SER A 2 11.40 -13.80 -17.26
C SER A 2 12.49 -14.85 -17.08
N SER A 3 13.01 -14.96 -15.86
CA SER A 3 14.07 -15.91 -15.56
C SER A 3 13.52 -17.07 -14.72
N GLY A 4 12.34 -16.87 -14.13
CA GLY A 4 11.74 -17.89 -13.31
C GLY A 4 10.84 -17.32 -12.23
N SER A 5 10.54 -18.13 -11.22
CA SER A 5 9.69 -17.69 -10.13
C SER A 5 10.46 -17.63 -8.82
N SER A 6 10.47 -16.46 -8.19
CA SER A 6 11.19 -16.27 -6.93
C SER A 6 10.25 -15.78 -5.84
N GLY A 7 10.69 -15.87 -4.59
CA GLY A 7 9.87 -15.43 -3.48
C GLY A 7 9.68 -13.93 -3.46
N LEU A 8 10.57 -13.21 -4.13
CA LEU A 8 10.49 -11.75 -4.17
C LEU A 8 9.32 -11.30 -5.04
N ARG A 9 8.15 -11.15 -4.42
CA ARG A 9 6.95 -10.72 -5.13
C ARG A 9 6.94 -9.20 -5.31
N PRO A 10 6.42 -8.75 -6.46
CA PRO A 10 6.34 -7.32 -6.77
C PRO A 10 5.30 -6.60 -5.91
N LEU A 11 5.18 -5.29 -6.11
CA LEU A 11 4.23 -4.49 -5.36
C LEU A 11 3.57 -3.44 -6.24
N GLU A 12 2.33 -3.09 -5.91
CA GLU A 12 1.59 -2.10 -6.68
C GLU A 12 1.47 -0.79 -5.92
N PHE A 13 1.37 0.32 -6.66
CA PHE A 13 1.25 1.64 -6.05
C PHE A 13 0.20 2.48 -6.77
N LEU A 14 -0.10 3.64 -6.20
CA LEU A 14 -1.09 4.54 -6.79
C LEU A 14 -0.72 6.00 -6.53
N ARG A 15 -1.49 6.91 -7.12
CA ARG A 15 -1.25 8.34 -6.94
C ARG A 15 -2.52 9.06 -6.50
N THR A 16 -2.35 10.14 -5.74
CA THR A 16 -3.49 10.91 -5.25
C THR A 16 -3.60 12.25 -5.98
N SER A 17 -4.69 12.96 -5.73
CA SER A 17 -4.91 14.26 -6.35
C SER A 17 -4.03 15.33 -5.73
N LEU A 18 -4.29 15.63 -4.46
CA LEU A 18 -3.51 16.64 -3.74
C LEU A 18 -2.08 16.17 -3.52
N GLY A 19 -1.30 16.12 -4.60
CA GLY A 19 0.08 15.70 -4.50
C GLY A 19 0.28 14.61 -3.45
N GLY A 20 0.04 13.37 -3.85
CA GLY A 20 0.20 12.25 -2.93
C GLY A 20 0.38 10.93 -3.64
N ARG A 21 0.72 9.90 -2.87
CA ARG A 21 0.93 8.56 -3.44
C ARG A 21 0.37 7.49 -2.52
N PHE A 22 -0.33 6.52 -3.10
CA PHE A 22 -0.91 5.43 -2.33
C PHE A 22 -0.15 4.12 -2.57
N LEU A 23 -0.28 3.20 -1.63
CA LEU A 23 0.40 1.91 -1.73
C LEU A 23 -0.60 0.76 -1.65
N VAL A 24 -0.71 0.00 -2.74
CA VAL A 24 -1.64 -1.13 -2.79
C VAL A 24 -0.96 -2.41 -2.32
N HIS A 25 -1.44 -2.97 -1.21
CA HIS A 25 -0.87 -4.20 -0.66
C HIS A 25 -1.92 -4.95 0.15
N GLU A 26 -2.02 -6.26 -0.09
CA GLU A 26 -2.97 -7.09 0.62
C GLU A 26 -4.41 -6.61 0.37
N SER A 27 -4.65 -6.08 -0.82
CA SER A 27 -5.97 -5.57 -1.17
C SER A 27 -6.34 -4.36 -0.31
N PHE A 28 -5.33 -3.61 0.11
CA PHE A 28 -5.53 -2.44 0.94
C PHE A 28 -4.77 -1.24 0.39
N LEU A 29 -4.81 -0.13 1.11
CA LEU A 29 -4.12 1.09 0.69
C LEU A 29 -3.44 1.76 1.88
N TYR A 30 -2.18 2.13 1.70
CA TYR A 30 -1.41 2.79 2.76
C TYR A 30 -0.83 4.11 2.27
N ARG A 31 -0.34 4.92 3.20
CA ARG A 31 0.24 6.22 2.87
C ARG A 31 1.64 6.35 3.46
N LYS A 32 2.61 6.67 2.60
CA LYS A 32 3.99 6.83 3.04
C LYS A 32 4.07 7.65 4.33
N GLU A 33 4.40 6.98 5.43
CA GLU A 33 4.50 7.65 6.71
C GLU A 33 5.87 8.30 6.88
N LYS A 34 6.92 7.52 6.68
CA LYS A 34 8.29 8.03 6.80
C LYS A 34 9.27 7.13 6.05
N ALA A 35 10.54 7.51 6.07
CA ALA A 35 11.57 6.73 5.40
C ALA A 35 12.76 6.48 6.33
N ALA A 36 13.16 5.22 6.43
CA ALA A 36 14.29 4.84 7.28
C ALA A 36 15.60 4.88 6.51
N GLY A 37 15.60 5.61 5.41
CA GLY A 37 16.80 5.71 4.60
C GLY A 37 16.87 4.64 3.52
N GLU A 38 16.66 3.39 3.92
CA GLU A 38 16.70 2.28 2.98
C GLU A 38 15.31 1.67 2.79
N LYS A 39 14.42 1.96 3.72
CA LYS A 39 13.06 1.44 3.66
C LYS A 39 12.04 2.59 3.69
N VAL A 40 10.78 2.26 3.43
CA VAL A 40 9.72 3.26 3.43
C VAL A 40 8.51 2.77 4.23
N TYR A 41 8.16 3.51 5.28
CA TYR A 41 7.02 3.15 6.12
C TYR A 41 5.71 3.49 5.43
N TRP A 42 4.67 2.73 5.74
CA TRP A 42 3.35 2.96 5.16
C TRP A 42 2.25 2.70 6.17
N MET A 43 1.43 3.71 6.42
CA MET A 43 0.33 3.59 7.38
C MET A 43 -1.01 3.49 6.65
N CYS A 44 -1.85 2.58 7.10
CA CYS A 44 -3.18 2.39 6.50
C CYS A 44 -3.92 3.72 6.38
N ARG A 45 -4.13 4.16 5.14
CA ARG A 45 -4.83 5.40 4.89
C ARG A 45 -6.06 5.55 5.78
N ASP A 46 -6.72 4.42 6.05
CA ASP A 46 -7.91 4.41 6.89
C ASP A 46 -7.53 4.46 8.37
N GLN A 47 -6.58 5.32 8.70
CA GLN A 47 -6.12 5.46 10.08
C GLN A 47 -6.96 6.49 10.82
N ALA A 48 -7.53 7.43 10.08
CA ALA A 48 -8.36 8.47 10.68
C ALA A 48 -9.84 8.13 10.57
N ARG A 49 -10.20 7.40 9.52
CA ARG A 49 -11.58 7.01 9.29
C ARG A 49 -11.88 5.68 9.98
N LEU A 50 -11.20 4.62 9.55
CA LEU A 50 -11.39 3.29 10.12
C LEU A 50 -10.45 3.07 11.29
N GLY A 51 -9.95 4.16 11.87
CA GLY A 51 -9.04 4.05 13.00
C GLY A 51 -8.10 2.87 12.88
N CYS A 52 -7.66 2.58 11.66
CA CYS A 52 -6.76 1.47 11.42
C CYS A 52 -5.30 1.92 11.54
N ARG A 53 -4.57 1.29 12.47
CA ARG A 53 -3.17 1.62 12.69
C ARG A 53 -2.26 0.62 11.97
N SER A 54 -2.84 -0.16 11.06
CA SER A 54 -2.09 -1.15 10.31
C SER A 54 -0.99 -0.48 9.47
N ARG A 55 0.26 -0.66 9.89
CA ARG A 55 1.38 -0.07 9.18
C ARG A 55 2.22 -1.16 8.51
N ALA A 56 3.08 -0.75 7.57
CA ALA A 56 3.94 -1.67 6.86
C ALA A 56 5.16 -0.96 6.28
N ILE A 57 6.20 -1.74 5.98
CA ILE A 57 7.42 -1.19 5.43
C ILE A 57 7.79 -1.85 4.10
N THR A 58 8.03 -1.02 3.08
CA THR A 58 8.38 -1.52 1.76
C THR A 58 9.88 -1.43 1.52
N GLN A 59 10.42 -2.41 0.81
CA GLN A 59 11.85 -2.44 0.50
C GLN A 59 12.10 -2.97 -0.90
N GLY A 60 12.55 -2.10 -1.79
CA GLY A 60 12.82 -2.50 -3.16
C GLY A 60 11.55 -2.84 -3.93
N HIS A 61 11.21 -4.12 -3.95
CA HIS A 61 10.01 -4.58 -4.65
C HIS A 61 9.15 -5.44 -3.74
N ARG A 62 9.52 -5.51 -2.48
CA ARG A 62 8.78 -6.31 -1.50
C ARG A 62 8.10 -5.41 -0.47
N ILE A 63 7.36 -6.03 0.46
CA ILE A 63 6.66 -5.29 1.49
C ILE A 63 6.63 -6.07 2.80
N MET A 64 6.45 -5.36 3.90
CA MET A 64 6.39 -5.99 5.22
C MET A 64 5.23 -5.42 6.04
N VAL A 65 4.57 -6.31 6.78
CA VAL A 65 3.44 -5.90 7.62
C VAL A 65 3.82 -5.90 9.10
N MET A 66 3.29 -4.93 9.84
CA MET A 66 3.58 -4.81 11.27
C MET A 66 2.30 -4.97 12.09
N ARG A 67 1.31 -4.15 11.79
CA ARG A 67 0.04 -4.20 12.50
C ARG A 67 -1.07 -4.72 11.59
N SER A 68 -2.00 -5.47 12.18
CA SER A 68 -3.12 -6.04 11.42
C SER A 68 -4.16 -4.97 11.10
N HIS A 69 -5.10 -5.30 10.23
CA HIS A 69 -6.15 -4.37 9.83
C HIS A 69 -7.47 -4.73 10.50
N CYS A 70 -8.13 -3.73 11.06
CA CYS A 70 -9.41 -3.94 11.73
C CYS A 70 -10.56 -3.88 10.73
N HIS A 71 -10.23 -3.90 9.45
CA HIS A 71 -11.25 -3.83 8.40
C HIS A 71 -10.88 -4.77 7.25
N GLN A 72 -11.90 -5.21 6.50
CA GLN A 72 -11.68 -6.11 5.38
C GLN A 72 -11.44 -5.32 4.09
N PRO A 73 -10.70 -5.93 3.16
CA PRO A 73 -10.38 -5.30 1.87
C PRO A 73 -11.59 -5.19 0.96
N ASP A 74 -11.51 -4.29 -0.01
CA ASP A 74 -12.61 -4.07 -0.95
C ASP A 74 -12.09 -3.88 -2.37
N LEU A 75 -11.86 -4.98 -3.07
CA LEU A 75 -11.36 -4.93 -4.44
C LEU A 75 -12.21 -4.00 -5.29
N ALA A 76 -13.42 -3.71 -4.82
CA ALA A 76 -14.34 -2.84 -5.55
C ALA A 76 -13.90 -1.38 -5.46
N GLY A 77 -13.68 -0.92 -4.23
CA GLY A 77 -13.24 0.46 -4.03
C GLY A 77 -11.82 0.69 -4.48
N LEU A 78 -10.97 -0.31 -4.31
CA LEU A 78 -9.57 -0.20 -4.71
C LEU A 78 -9.44 -0.14 -6.23
N GLU A 79 -10.21 -0.97 -6.92
CA GLU A 79 -10.18 -1.01 -8.38
C GLU A 79 -10.64 0.32 -8.96
N ALA A 80 -11.68 0.89 -8.37
CA ALA A 80 -12.22 2.17 -8.83
C ALA A 80 -11.14 3.24 -8.87
N LEU A 81 -10.14 3.11 -7.99
CA LEU A 81 -9.05 4.07 -7.92
C LEU A 81 -8.00 3.78 -8.98
N ARG A 82 -7.87 2.51 -9.36
CA ARG A 82 -6.91 2.09 -10.38
C ARG A 82 -7.47 2.32 -11.77
N GLN A 83 -8.78 2.19 -11.91
CA GLN A 83 -9.45 2.37 -13.20
C GLN A 83 -9.19 3.78 -13.74
N ARG A 84 -9.10 4.75 -12.84
CA ARG A 84 -8.86 6.13 -13.24
C ARG A 84 -7.40 6.35 -13.62
N GLU A 85 -6.58 5.33 -13.38
CA GLU A 85 -5.16 5.40 -13.70
C GLU A 85 -4.88 4.80 -15.07
N ARG A 86 -5.35 3.57 -15.27
CA ARG A 86 -5.15 2.88 -16.54
C ARG A 86 -6.12 3.39 -17.60
N LEU A 87 -5.64 3.51 -18.83
CA LEU A 87 -6.47 3.99 -19.94
C LEU A 87 -7.74 3.17 -20.06
ZN ZN B . -6.22 -1.27 7.42
N GLY A 1 7.63 -11.31 -26.93
CA GLY A 1 7.23 -12.38 -26.03
C GLY A 1 7.49 -12.04 -24.58
N SER A 2 7.07 -12.94 -23.69
CA SER A 2 7.24 -12.73 -22.25
C SER A 2 7.91 -13.93 -21.60
N SER A 3 9.22 -13.84 -21.41
CA SER A 3 9.98 -14.93 -20.79
C SER A 3 11.08 -14.38 -19.89
N GLY A 4 11.24 -14.98 -18.72
CA GLY A 4 12.25 -14.54 -17.79
C GLY A 4 12.04 -15.10 -16.39
N SER A 5 13.05 -14.96 -15.53
CA SER A 5 12.97 -15.46 -14.17
C SER A 5 13.52 -14.44 -13.18
N SER A 6 12.71 -14.10 -12.18
CA SER A 6 13.13 -13.13 -11.17
C SER A 6 12.73 -13.60 -9.78
N GLY A 7 13.58 -13.30 -8.79
CA GLY A 7 13.31 -13.70 -7.42
C GLY A 7 12.84 -12.54 -6.56
N LEU A 8 12.36 -11.48 -7.21
CA LEU A 8 11.89 -10.31 -6.49
C LEU A 8 10.68 -9.69 -7.20
N ARG A 9 9.50 -9.90 -6.63
CA ARG A 9 8.27 -9.37 -7.20
C ARG A 9 8.14 -7.87 -6.92
N PRO A 10 7.59 -7.14 -7.90
CA PRO A 10 7.40 -5.69 -7.78
C PRO A 10 6.32 -5.32 -6.76
N LEU A 11 6.09 -4.02 -6.60
CA LEU A 11 5.08 -3.54 -5.65
C LEU A 11 4.04 -2.67 -6.35
N GLU A 12 2.80 -2.75 -5.88
CA GLU A 12 1.72 -1.97 -6.46
C GLU A 12 1.57 -0.63 -5.74
N PHE A 13 1.37 0.43 -6.53
CA PHE A 13 1.21 1.77 -5.96
C PHE A 13 0.08 2.51 -6.66
N LEU A 14 -0.30 3.66 -6.10
CA LEU A 14 -1.36 4.48 -6.66
C LEU A 14 -1.07 5.96 -6.49
N ARG A 15 -1.00 6.68 -7.61
CA ARG A 15 -0.72 8.11 -7.59
C ARG A 15 -2.02 8.91 -7.55
N THR A 16 -2.11 9.84 -6.60
CA THR A 16 -3.30 10.68 -6.46
C THR A 16 -3.02 12.11 -6.90
N SER A 17 -4.08 12.88 -7.10
CA SER A 17 -3.95 14.27 -7.53
C SER A 17 -4.27 15.22 -6.38
N LEU A 18 -5.15 14.78 -5.49
CA LEU A 18 -5.55 15.59 -4.34
C LEU A 18 -4.58 15.42 -3.18
N GLY A 19 -4.47 14.18 -2.70
CA GLY A 19 -3.57 13.89 -1.59
C GLY A 19 -2.12 13.81 -2.03
N GLY A 20 -1.68 12.59 -2.37
CA GLY A 20 -0.31 12.40 -2.81
C GLY A 20 -0.08 11.02 -3.39
N ARG A 21 0.72 10.21 -2.71
CA ARG A 21 1.02 8.86 -3.18
C ARG A 21 0.36 7.81 -2.29
N PHE A 22 0.03 6.67 -2.87
CA PHE A 22 -0.60 5.59 -2.13
C PHE A 22 0.13 4.27 -2.34
N LEU A 23 -0.17 3.28 -1.51
CA LEU A 23 0.46 1.98 -1.60
C LEU A 23 -0.58 0.86 -1.53
N VAL A 24 -0.74 0.14 -2.62
CA VAL A 24 -1.70 -0.96 -2.67
C VAL A 24 -1.07 -2.27 -2.20
N HIS A 25 -1.63 -2.85 -1.15
CA HIS A 25 -1.11 -4.10 -0.61
C HIS A 25 -2.20 -4.84 0.18
N GLU A 26 -2.34 -6.13 -0.11
CA GLU A 26 -3.34 -6.95 0.57
C GLU A 26 -4.74 -6.39 0.34
N SER A 27 -4.98 -5.86 -0.86
CA SER A 27 -6.28 -5.29 -1.20
C SER A 27 -6.59 -4.09 -0.31
N PHE A 28 -5.55 -3.45 0.21
CA PHE A 28 -5.72 -2.29 1.08
C PHE A 28 -4.92 -1.10 0.56
N LEU A 29 -4.98 0.01 1.30
CA LEU A 29 -4.27 1.22 0.92
C LEU A 29 -3.51 1.80 2.10
N TYR A 30 -2.26 2.22 1.85
CA TYR A 30 -1.43 2.79 2.91
C TYR A 30 -0.81 4.10 2.44
N ARG A 31 -0.39 4.92 3.41
CA ARG A 31 0.22 6.20 3.10
C ARG A 31 1.69 6.22 3.53
N LYS A 32 2.54 6.78 2.66
CA LYS A 32 3.97 6.86 2.95
C LYS A 32 4.23 7.69 4.20
N GLU A 33 4.62 7.02 5.28
CA GLU A 33 4.91 7.71 6.54
C GLU A 33 6.30 8.32 6.52
N LYS A 34 7.32 7.49 6.35
CA LYS A 34 8.70 7.94 6.31
C LYS A 34 9.57 7.00 5.48
N ALA A 35 10.84 7.35 5.33
CA ALA A 35 11.77 6.54 4.57
C ALA A 35 13.13 6.44 5.26
N ALA A 36 13.51 5.23 5.65
CA ALA A 36 14.78 5.01 6.32
C ALA A 36 15.84 4.49 5.35
N GLY A 37 16.59 5.42 4.77
CA GLY A 37 17.63 5.04 3.83
C GLY A 37 17.07 4.43 2.56
N GLU A 38 16.83 3.12 2.59
CA GLU A 38 16.29 2.42 1.43
C GLU A 38 14.91 1.82 1.75
N LYS A 39 14.45 2.04 2.97
CA LYS A 39 13.16 1.53 3.41
C LYS A 39 12.11 2.64 3.42
N VAL A 40 10.85 2.25 3.32
CA VAL A 40 9.75 3.21 3.32
C VAL A 40 8.58 2.72 4.18
N TYR A 41 8.28 3.45 5.24
CA TYR A 41 7.18 3.09 6.13
C TYR A 41 5.84 3.54 5.57
N TRP A 42 4.81 2.75 5.83
CA TRP A 42 3.46 3.08 5.36
C TRP A 42 2.42 2.83 6.44
N MET A 43 1.26 3.47 6.29
CA MET A 43 0.18 3.31 7.27
C MET A 43 -1.18 3.31 6.57
N CYS A 44 -1.97 2.27 6.84
CA CYS A 44 -3.29 2.15 6.24
C CYS A 44 -3.98 3.51 6.14
N ARG A 45 -4.20 3.97 4.93
CA ARG A 45 -4.85 5.26 4.71
C ARG A 45 -6.16 5.35 5.46
N ASP A 46 -6.73 4.19 5.78
CA ASP A 46 -7.99 4.13 6.51
C ASP A 46 -7.75 4.21 8.02
N GLN A 47 -6.86 5.11 8.42
CA GLN A 47 -6.55 5.29 9.84
C GLN A 47 -7.53 6.24 10.50
N ALA A 48 -7.96 7.26 9.75
CA ALA A 48 -8.90 8.24 10.27
C ALA A 48 -10.32 7.92 9.84
N ARG A 49 -10.46 6.94 8.95
CA ARG A 49 -11.78 6.53 8.46
C ARG A 49 -12.27 5.29 9.21
N LEU A 50 -11.46 4.24 9.20
CA LEU A 50 -11.81 2.99 9.88
C LEU A 50 -10.94 2.78 11.11
N GLY A 51 -10.45 3.87 11.68
CA GLY A 51 -9.60 3.77 12.86
C GLY A 51 -8.61 2.63 12.77
N CYS A 52 -7.93 2.53 11.63
CA CYS A 52 -6.94 1.48 11.43
C CYS A 52 -5.54 1.96 11.78
N ARG A 53 -4.71 1.05 12.28
CA ARG A 53 -3.34 1.39 12.65
C ARG A 53 -2.36 0.37 12.09
N SER A 54 -2.73 -0.27 10.98
CA SER A 54 -1.89 -1.26 10.35
C SER A 54 -0.78 -0.61 9.54
N ARG A 55 0.45 -0.72 10.03
CA ARG A 55 1.60 -0.14 9.36
C ARG A 55 2.41 -1.21 8.63
N ALA A 56 3.19 -0.79 7.64
CA ALA A 56 4.02 -1.71 6.87
C ALA A 56 5.28 -1.03 6.38
N ILE A 57 6.28 -1.83 6.01
CA ILE A 57 7.55 -1.31 5.52
C ILE A 57 7.91 -1.91 4.18
N THR A 58 8.08 -1.07 3.17
CA THR A 58 8.44 -1.51 1.83
C THR A 58 9.92 -1.29 1.55
N GLN A 59 10.53 -2.22 0.82
CA GLN A 59 11.94 -2.13 0.48
C GLN A 59 12.16 -2.32 -1.02
N GLY A 60 12.06 -1.22 -1.76
CA GLY A 60 12.24 -1.29 -3.20
C GLY A 60 11.03 -1.86 -3.92
N HIS A 61 10.93 -3.18 -3.95
CA HIS A 61 9.82 -3.85 -4.60
C HIS A 61 9.17 -4.85 -3.67
N ARG A 62 9.55 -4.81 -2.39
CA ARG A 62 9.00 -5.73 -1.40
C ARG A 62 8.14 -4.97 -0.39
N ILE A 63 7.42 -5.71 0.45
CA ILE A 63 6.57 -5.10 1.46
C ILE A 63 6.49 -5.98 2.71
N MET A 64 6.40 -5.33 3.87
CA MET A 64 6.32 -6.05 5.13
C MET A 64 5.19 -5.49 6.00
N VAL A 65 4.39 -6.39 6.57
CA VAL A 65 3.28 -5.99 7.42
C VAL A 65 3.59 -6.23 8.89
N MET A 66 3.38 -5.21 9.71
CA MET A 66 3.65 -5.31 11.14
C MET A 66 2.35 -5.50 11.92
N ARG A 67 1.46 -4.50 11.85
CA ARG A 67 0.19 -4.57 12.55
C ARG A 67 -0.89 -5.20 11.67
N SER A 68 -2.06 -5.43 12.25
CA SER A 68 -3.17 -6.04 11.52
C SER A 68 -4.25 -5.00 11.22
N HIS A 69 -5.18 -5.37 10.35
CA HIS A 69 -6.27 -4.47 9.97
C HIS A 69 -7.58 -4.88 10.63
N CYS A 70 -8.25 -3.92 11.25
CA CYS A 70 -9.52 -4.18 11.93
C CYS A 70 -10.70 -4.05 10.96
N HIS A 71 -10.38 -3.97 9.66
CA HIS A 71 -11.41 -3.83 8.64
C HIS A 71 -11.10 -4.72 7.45
N GLN A 72 -12.12 -5.00 6.64
CA GLN A 72 -11.96 -5.84 5.45
C GLN A 72 -11.76 -4.99 4.20
N PRO A 73 -11.06 -5.55 3.21
CA PRO A 73 -10.78 -4.87 1.95
C PRO A 73 -12.04 -4.71 1.09
N ASP A 74 -12.03 -3.69 0.24
CA ASP A 74 -13.17 -3.43 -0.64
C ASP A 74 -12.71 -3.22 -2.08
N LEU A 75 -12.43 -4.32 -2.77
CA LEU A 75 -11.98 -4.26 -4.16
C LEU A 75 -12.81 -3.25 -4.95
N ALA A 76 -14.02 -2.98 -4.48
CA ALA A 76 -14.91 -2.04 -5.15
C ALA A 76 -14.37 -0.62 -5.05
N GLY A 77 -13.98 -0.22 -3.83
CA GLY A 77 -13.44 1.11 -3.62
C GLY A 77 -12.06 1.29 -4.21
N LEU A 78 -11.26 0.23 -4.13
CA LEU A 78 -9.89 0.27 -4.65
C LEU A 78 -9.89 0.30 -6.18
N GLU A 79 -10.85 -0.39 -6.78
CA GLU A 79 -10.97 -0.44 -8.23
C GLU A 79 -11.51 0.87 -8.78
N ALA A 80 -12.26 1.58 -7.95
CA ALA A 80 -12.85 2.86 -8.34
C ALA A 80 -11.78 3.92 -8.53
N LEU A 81 -10.70 3.81 -7.76
CA LEU A 81 -9.60 4.78 -7.84
C LEU A 81 -8.61 4.37 -8.93
N ARG A 82 -8.47 3.06 -9.15
CA ARG A 82 -7.55 2.55 -10.15
C ARG A 82 -8.12 2.75 -11.55
N GLN A 83 -9.43 2.57 -11.68
CA GLN A 83 -10.09 2.73 -12.97
C GLN A 83 -9.88 4.13 -13.53
N ARG A 84 -9.97 5.13 -12.66
CA ARG A 84 -9.78 6.52 -13.07
C ARG A 84 -8.33 6.77 -13.47
N GLU A 85 -7.44 5.86 -13.08
CA GLU A 85 -6.02 5.98 -13.39
C GLU A 85 -5.67 5.15 -14.63
N ARG A 86 -5.65 3.84 -14.45
CA ARG A 86 -5.31 2.92 -15.53
C ARG A 86 -6.57 2.54 -16.32
N LEU A 87 -6.48 2.68 -17.64
CA LEU A 87 -7.61 2.34 -18.52
C LEU A 87 -7.89 0.85 -18.51
ZN ZN B . -6.35 -1.35 7.51
N GLY A 1 9.82 -0.15 -17.98
CA GLY A 1 8.82 -0.46 -16.97
C GLY A 1 8.08 -1.75 -17.26
N SER A 2 8.45 -2.82 -16.56
CA SER A 2 7.83 -4.12 -16.75
C SER A 2 7.93 -4.97 -15.49
N SER A 3 6.94 -5.83 -15.29
CA SER A 3 6.91 -6.70 -14.11
C SER A 3 6.73 -8.15 -14.52
N GLY A 4 7.40 -9.05 -13.80
CA GLY A 4 7.30 -10.46 -14.10
C GLY A 4 7.31 -11.32 -12.85
N SER A 5 7.69 -12.58 -13.00
CA SER A 5 7.73 -13.52 -11.88
C SER A 5 9.16 -13.93 -11.56
N SER A 6 10.11 -13.06 -11.90
CA SER A 6 11.53 -13.34 -11.66
C SER A 6 12.05 -12.52 -10.48
N GLY A 7 12.92 -13.13 -9.68
CA GLY A 7 13.48 -12.45 -8.54
C GLY A 7 12.42 -11.85 -7.64
N LEU A 8 12.85 -11.17 -6.59
CA LEU A 8 11.92 -10.54 -5.65
C LEU A 8 10.67 -10.05 -6.36
N ARG A 9 9.52 -10.15 -5.70
CA ARG A 9 8.27 -9.71 -6.27
C ARG A 9 8.11 -8.19 -6.15
N PRO A 10 7.50 -7.59 -7.18
CA PRO A 10 7.29 -6.14 -7.21
C PRO A 10 6.25 -5.68 -6.20
N LEU A 11 5.81 -4.43 -6.32
CA LEU A 11 4.81 -3.87 -5.41
C LEU A 11 3.84 -2.96 -6.15
N GLU A 12 2.58 -2.95 -5.72
CA GLU A 12 1.56 -2.13 -6.34
C GLU A 12 1.48 -0.76 -5.66
N PHE A 13 1.31 0.29 -6.47
CA PHE A 13 1.22 1.64 -5.94
C PHE A 13 0.13 2.43 -6.66
N LEU A 14 -0.19 3.61 -6.13
CA LEU A 14 -1.21 4.46 -6.73
C LEU A 14 -0.82 5.93 -6.62
N ARG A 15 -1.47 6.76 -7.44
CA ARG A 15 -1.19 8.19 -7.44
C ARG A 15 -2.47 9.00 -7.28
N THR A 16 -2.36 10.17 -6.66
CA THR A 16 -3.51 11.04 -6.45
C THR A 16 -3.47 12.25 -7.38
N SER A 17 -4.58 12.97 -7.44
CA SER A 17 -4.67 14.16 -8.30
C SER A 17 -4.08 15.37 -7.60
N LEU A 18 -4.19 15.41 -6.27
CA LEU A 18 -3.66 16.52 -5.48
C LEU A 18 -2.34 16.13 -4.83
N GLY A 19 -1.30 16.02 -5.65
CA GLY A 19 0.01 15.66 -5.13
C GLY A 19 -0.06 14.67 -4.00
N GLY A 20 0.02 13.38 -4.35
CA GLY A 20 -0.05 12.34 -3.33
C GLY A 20 0.21 10.96 -3.91
N ARG A 21 0.69 10.05 -3.06
CA ARG A 21 0.98 8.69 -3.50
C ARG A 21 0.39 7.67 -2.53
N PHE A 22 -0.19 6.61 -3.07
CA PHE A 22 -0.81 5.57 -2.25
C PHE A 22 -0.08 4.24 -2.45
N LEU A 23 -0.21 3.35 -1.47
CA LEU A 23 0.41 2.04 -1.54
C LEU A 23 -0.63 0.92 -1.46
N VAL A 24 -0.74 0.13 -2.52
CA VAL A 24 -1.69 -0.97 -2.57
C VAL A 24 -1.05 -2.27 -2.09
N HIS A 25 -1.58 -2.81 -1.00
CA HIS A 25 -1.07 -4.05 -0.44
C HIS A 25 -2.15 -4.79 0.34
N GLU A 26 -2.35 -6.07 0.01
CA GLU A 26 -3.36 -6.88 0.67
C GLU A 26 -4.75 -6.30 0.47
N SER A 27 -5.02 -5.85 -0.77
CA SER A 27 -6.31 -5.27 -1.09
C SER A 27 -6.65 -4.12 -0.15
N PHE A 28 -5.62 -3.37 0.25
CA PHE A 28 -5.82 -2.25 1.15
C PHE A 28 -5.08 -1.01 0.66
N LEU A 29 -5.12 0.06 1.44
CA LEU A 29 -4.45 1.31 1.08
C LEU A 29 -3.67 1.87 2.25
N TYR A 30 -2.43 2.25 1.99
CA TYR A 30 -1.56 2.81 3.03
C TYR A 30 -0.96 4.14 2.59
N ARG A 31 -0.34 4.85 3.52
CA ARG A 31 0.28 6.13 3.23
C ARG A 31 1.72 6.18 3.76
N LYS A 32 2.59 6.83 3.01
CA LYS A 32 4.00 6.94 3.40
C LYS A 32 4.14 7.74 4.68
N GLU A 33 4.49 7.07 5.77
CA GLU A 33 4.65 7.72 7.06
C GLU A 33 6.04 8.35 7.17
N LYS A 34 7.08 7.53 6.97
CA LYS A 34 8.45 8.00 7.05
C LYS A 34 9.36 7.15 6.18
N ALA A 35 10.66 7.45 6.22
CA ALA A 35 11.65 6.70 5.44
C ALA A 35 12.91 6.44 6.26
N ALA A 36 13.33 5.18 6.30
CA ALA A 36 14.53 4.80 7.05
C ALA A 36 15.62 4.30 6.11
N GLY A 37 16.74 3.87 6.68
CA GLY A 37 17.84 3.38 5.88
C GLY A 37 17.38 2.48 4.75
N GLU A 38 17.21 3.06 3.57
CA GLU A 38 16.77 2.31 2.41
C GLU A 38 15.45 1.58 2.69
N LYS A 39 14.53 2.28 3.35
CA LYS A 39 13.24 1.71 3.69
C LYS A 39 12.17 2.80 3.75
N VAL A 40 10.90 2.39 3.65
CA VAL A 40 9.79 3.32 3.69
C VAL A 40 8.64 2.77 4.52
N TYR A 41 8.26 3.50 5.56
CA TYR A 41 7.18 3.08 6.44
C TYR A 41 5.83 3.53 5.88
N TRP A 42 4.84 2.65 5.98
CA TRP A 42 3.49 2.95 5.49
C TRP A 42 2.45 2.67 6.56
N MET A 43 1.29 3.31 6.44
CA MET A 43 0.21 3.12 7.40
C MET A 43 -1.15 3.18 6.70
N CYS A 44 -2.03 2.25 7.06
CA CYS A 44 -3.36 2.19 6.46
C CYS A 44 -4.00 3.58 6.43
N ARG A 45 -4.23 4.08 5.22
CA ARG A 45 -4.83 5.39 5.04
C ARG A 45 -6.17 5.48 5.78
N ASP A 46 -6.76 4.33 6.05
CA ASP A 46 -8.04 4.28 6.76
C ASP A 46 -7.83 4.37 8.27
N GLN A 47 -6.86 5.17 8.67
CA GLN A 47 -6.56 5.35 10.09
C GLN A 47 -7.53 6.34 10.74
N ALA A 48 -7.90 7.37 9.98
CA ALA A 48 -8.82 8.38 10.48
C ALA A 48 -10.26 8.05 10.10
N ARG A 49 -10.42 7.13 9.17
CA ARG A 49 -11.74 6.72 8.71
C ARG A 49 -12.18 5.42 9.40
N LEU A 50 -11.42 4.35 9.15
CA LEU A 50 -11.72 3.05 9.75
C LEU A 50 -10.89 2.81 10.99
N GLY A 51 -10.49 3.90 11.65
CA GLY A 51 -9.69 3.79 12.86
C GLY A 51 -8.70 2.64 12.80
N CYS A 52 -7.98 2.54 11.69
CA CYS A 52 -7.00 1.47 11.51
C CYS A 52 -5.60 1.96 11.89
N ARG A 53 -4.78 1.03 12.39
CA ARG A 53 -3.42 1.35 12.80
C ARG A 53 -2.41 0.46 12.08
N SER A 54 -2.89 -0.31 11.11
CA SER A 54 -2.04 -1.21 10.35
C SER A 54 -0.91 -0.44 9.66
N ARG A 55 0.24 -1.08 9.53
CA ARG A 55 1.39 -0.45 8.88
C ARG A 55 2.24 -1.48 8.15
N ALA A 56 3.11 -1.01 7.27
CA ALA A 56 3.98 -1.89 6.50
C ALA A 56 5.27 -1.19 6.11
N ILE A 57 6.32 -1.98 5.90
CA ILE A 57 7.63 -1.43 5.52
C ILE A 57 8.07 -1.96 4.17
N THR A 58 8.39 -1.05 3.26
CA THR A 58 8.84 -1.43 1.92
C THR A 58 10.35 -1.29 1.79
N GLN A 59 10.96 -2.19 1.03
CA GLN A 59 12.40 -2.16 0.81
C GLN A 59 12.74 -2.34 -0.66
N GLY A 60 12.77 -1.23 -1.40
CA GLY A 60 13.08 -1.29 -2.82
C GLY A 60 11.86 -1.57 -3.67
N HIS A 61 11.54 -2.85 -3.84
CA HIS A 61 10.38 -3.24 -4.65
C HIS A 61 9.50 -4.21 -3.87
N ARG A 62 9.96 -4.61 -2.69
CA ARG A 62 9.20 -5.54 -1.85
C ARG A 62 8.39 -4.78 -0.81
N ILE A 63 7.68 -5.53 0.04
CA ILE A 63 6.86 -4.93 1.09
C ILE A 63 6.76 -5.85 2.29
N MET A 64 6.47 -5.27 3.46
CA MET A 64 6.34 -6.04 4.68
C MET A 64 5.24 -5.46 5.57
N VAL A 65 4.53 -6.35 6.27
CA VAL A 65 3.45 -5.93 7.15
C VAL A 65 3.89 -5.94 8.62
N MET A 66 3.33 -5.04 9.40
CA MET A 66 3.66 -4.95 10.82
C MET A 66 2.43 -5.20 11.69
N ARG A 67 1.43 -4.34 11.55
CA ARG A 67 0.20 -4.45 12.33
C ARG A 67 -0.92 -5.03 11.46
N SER A 68 -1.98 -5.49 12.12
CA SER A 68 -3.13 -6.07 11.42
C SER A 68 -4.17 -5.00 11.10
N HIS A 69 -5.21 -5.39 10.37
CA HIS A 69 -6.27 -4.47 10.00
C HIS A 69 -7.58 -4.84 10.69
N CYS A 70 -8.26 -3.83 11.24
CA CYS A 70 -9.53 -4.05 11.93
C CYS A 70 -10.70 -3.90 10.97
N HIS A 71 -10.40 -3.87 9.68
CA HIS A 71 -11.44 -3.73 8.66
C HIS A 71 -11.16 -4.65 7.46
N GLN A 72 -12.16 -4.81 6.61
CA GLN A 72 -12.03 -5.65 5.43
C GLN A 72 -11.66 -4.83 4.20
N PRO A 73 -10.99 -5.47 3.24
CA PRO A 73 -10.56 -4.81 1.99
C PRO A 73 -11.74 -4.46 1.09
N ASP A 74 -11.57 -3.43 0.28
CA ASP A 74 -12.62 -2.99 -0.64
C ASP A 74 -12.19 -3.19 -2.09
N LEU A 75 -12.21 -4.44 -2.54
CA LEU A 75 -11.83 -4.77 -3.91
C LEU A 75 -12.53 -3.86 -4.90
N ALA A 76 -13.63 -3.25 -4.47
CA ALA A 76 -14.40 -2.35 -5.33
C ALA A 76 -13.89 -0.92 -5.20
N GLY A 77 -13.76 -0.45 -3.97
CA GLY A 77 -13.29 0.91 -3.73
C GLY A 77 -11.87 1.12 -4.22
N LEU A 78 -11.05 0.08 -4.11
CA LEU A 78 -9.66 0.16 -4.55
C LEU A 78 -9.56 0.16 -6.07
N GLU A 79 -10.32 -0.73 -6.70
CA GLU A 79 -10.32 -0.83 -8.16
C GLU A 79 -10.85 0.45 -8.80
N ALA A 80 -11.68 1.17 -8.06
CA ALA A 80 -12.25 2.42 -8.56
C ALA A 80 -11.17 3.49 -8.72
N LEU A 81 -10.44 3.76 -7.63
CA LEU A 81 -9.39 4.75 -7.65
C LEU A 81 -8.50 4.59 -8.88
N ARG A 82 -8.05 3.36 -9.12
CA ARG A 82 -7.19 3.06 -10.26
C ARG A 82 -7.88 3.44 -11.57
N GLN A 83 -9.19 3.26 -11.61
CA GLN A 83 -9.97 3.59 -12.80
C GLN A 83 -10.15 5.09 -12.94
N ARG A 84 -10.03 5.80 -11.82
CA ARG A 84 -10.19 7.25 -11.81
C ARG A 84 -8.87 7.95 -12.14
N GLU A 85 -7.76 7.23 -11.96
CA GLU A 85 -6.45 7.77 -12.24
C GLU A 85 -6.12 7.68 -13.73
N ARG A 86 -5.85 6.46 -14.19
CA ARG A 86 -5.51 6.23 -15.59
C ARG A 86 -6.78 5.98 -16.41
N LEU A 87 -6.65 6.07 -17.73
CA LEU A 87 -7.77 5.85 -18.63
C LEU A 87 -7.57 4.59 -19.47
ZN ZN B . -6.33 -1.35 7.54
N GLY A 1 -3.81 -21.28 0.80
CA GLY A 1 -2.66 -21.90 0.16
C GLY A 1 -1.35 -21.51 0.82
N SER A 2 -0.24 -22.04 0.31
CA SER A 2 1.08 -21.75 0.85
C SER A 2 1.94 -21.00 -0.17
N SER A 3 2.80 -20.13 0.33
CA SER A 3 3.69 -19.36 -0.53
C SER A 3 5.15 -19.68 -0.24
N GLY A 4 6.03 -19.27 -1.15
CA GLY A 4 7.45 -19.51 -0.98
C GLY A 4 8.01 -18.80 0.23
N SER A 5 9.34 -18.75 0.32
CA SER A 5 10.01 -18.10 1.45
C SER A 5 11.04 -17.10 0.95
N SER A 6 12.04 -17.60 0.22
CA SER A 6 13.10 -16.75 -0.31
C SER A 6 12.77 -16.31 -1.74
N GLY A 7 11.93 -15.28 -1.86
CA GLY A 7 11.56 -14.78 -3.17
C GLY A 7 11.34 -13.28 -3.18
N LEU A 8 11.43 -12.68 -4.36
CA LEU A 8 11.24 -11.24 -4.50
C LEU A 8 9.97 -10.93 -5.27
N ARG A 9 8.89 -10.64 -4.54
CA ARG A 9 7.60 -10.33 -5.16
C ARG A 9 7.47 -8.82 -5.39
N PRO A 10 6.80 -8.45 -6.49
CA PRO A 10 6.58 -7.04 -6.83
C PRO A 10 5.60 -6.35 -5.88
N LEU A 11 5.33 -5.08 -6.15
CA LEU A 11 4.41 -4.31 -5.32
C LEU A 11 3.53 -3.39 -6.18
N GLU A 12 2.35 -3.08 -5.67
CA GLU A 12 1.42 -2.21 -6.40
C GLU A 12 1.28 -0.85 -5.70
N PHE A 13 1.21 0.21 -6.49
CA PHE A 13 1.08 1.55 -5.96
C PHE A 13 0.06 2.37 -6.75
N LEU A 14 -0.25 3.55 -6.26
CA LEU A 14 -1.21 4.43 -6.93
C LEU A 14 -0.85 5.90 -6.72
N ARG A 15 -1.38 6.76 -7.58
CA ARG A 15 -1.11 8.19 -7.50
C ARG A 15 -2.40 8.96 -7.22
N THR A 16 -2.27 10.08 -6.50
CA THR A 16 -3.42 10.91 -6.16
C THR A 16 -3.31 12.28 -6.82
N SER A 17 -4.42 12.73 -7.41
CA SER A 17 -4.45 14.03 -8.07
C SER A 17 -4.24 15.16 -7.07
N LEU A 18 -4.91 15.07 -5.92
CA LEU A 18 -4.79 16.07 -4.88
C LEU A 18 -3.33 16.38 -4.58
N GLY A 19 -2.45 15.47 -4.96
CA GLY A 19 -1.04 15.66 -4.73
C GLY A 19 -0.49 14.72 -3.67
N GLY A 20 -0.34 13.44 -4.03
CA GLY A 20 0.17 12.46 -3.10
C GLY A 20 0.34 11.09 -3.72
N ARG A 21 0.79 10.13 -2.93
CA ARG A 21 0.99 8.77 -3.41
C ARG A 21 0.38 7.75 -2.45
N PHE A 22 -0.10 6.64 -3.02
CA PHE A 22 -0.72 5.59 -2.21
C PHE A 22 -0.02 4.25 -2.43
N LEU A 23 -0.21 3.33 -1.49
CA LEU A 23 0.40 2.01 -1.60
C LEU A 23 -0.66 0.91 -1.56
N VAL A 24 -0.73 0.14 -2.64
CA VAL A 24 -1.71 -0.94 -2.73
C VAL A 24 -1.09 -2.27 -2.30
N HIS A 25 -1.50 -2.76 -1.13
CA HIS A 25 -0.99 -4.02 -0.60
C HIS A 25 -2.08 -4.77 0.17
N GLU A 26 -2.20 -6.06 -0.09
CA GLU A 26 -3.20 -6.89 0.57
C GLU A 26 -4.61 -6.36 0.28
N SER A 27 -4.80 -5.81 -0.90
CA SER A 27 -6.10 -5.27 -1.30
C SER A 27 -6.47 -4.07 -0.43
N PHE A 28 -5.46 -3.41 0.11
CA PHE A 28 -5.67 -2.24 0.96
C PHE A 28 -4.85 -1.05 0.48
N LEU A 29 -4.99 0.07 1.17
CA LEU A 29 -4.25 1.29 0.81
C LEU A 29 -3.52 1.85 2.03
N TYR A 30 -2.26 2.20 1.83
CA TYR A 30 -1.45 2.76 2.91
C TYR A 30 -0.85 4.11 2.51
N ARG A 31 -0.38 4.86 3.49
CA ARG A 31 0.21 6.16 3.24
C ARG A 31 1.65 6.23 3.78
N LYS A 32 2.55 6.77 2.97
CA LYS A 32 3.95 6.88 3.37
C LYS A 32 4.09 7.74 4.62
N GLU A 33 4.44 7.10 5.73
CA GLU A 33 4.61 7.81 6.99
C GLU A 33 6.01 8.40 7.11
N LYS A 34 7.02 7.57 6.93
CA LYS A 34 8.41 8.02 7.00
C LYS A 34 9.28 7.23 6.04
N ALA A 35 10.54 7.66 5.88
CA ALA A 35 11.48 7.00 4.99
C ALA A 35 12.82 6.79 5.67
N ALA A 36 13.19 5.53 5.88
CA ALA A 36 14.46 5.20 6.53
C ALA A 36 15.57 5.06 5.50
N GLY A 37 16.76 4.67 5.96
CA GLY A 37 17.89 4.51 5.07
C GLY A 37 17.49 3.95 3.72
N GLU A 38 17.16 2.66 3.70
CA GLU A 38 16.76 1.99 2.47
C GLU A 38 15.41 1.30 2.63
N LYS A 39 14.49 1.98 3.33
CA LYS A 39 13.16 1.44 3.57
C LYS A 39 12.12 2.55 3.58
N VAL A 40 10.85 2.16 3.53
CA VAL A 40 9.75 3.13 3.54
C VAL A 40 8.62 2.67 4.45
N TYR A 41 8.22 3.52 5.38
CA TYR A 41 7.14 3.19 6.31
C TYR A 41 5.79 3.64 5.75
N TRP A 42 4.77 2.81 5.93
CA TRP A 42 3.44 3.12 5.46
C TRP A 42 2.40 2.86 6.54
N MET A 43 1.18 3.34 6.32
CA MET A 43 0.09 3.15 7.27
C MET A 43 -1.26 3.16 6.57
N CYS A 44 -2.08 2.16 6.88
CA CYS A 44 -3.41 2.04 6.27
C CYS A 44 -4.12 3.40 6.26
N ARG A 45 -4.21 3.99 5.07
CA ARG A 45 -4.86 5.29 4.92
C ARG A 45 -6.16 5.34 5.70
N ASP A 46 -6.73 4.16 5.97
CA ASP A 46 -7.99 4.08 6.71
C ASP A 46 -7.72 4.07 8.21
N GLN A 47 -6.67 4.77 8.62
CA GLN A 47 -6.30 4.84 10.03
C GLN A 47 -7.11 5.93 10.75
N ALA A 48 -7.60 6.89 9.98
CA ALA A 48 -8.39 7.99 10.53
C ALA A 48 -9.89 7.73 10.36
N ARG A 49 -10.23 6.93 9.35
CA ARG A 49 -11.63 6.60 9.08
C ARG A 49 -11.98 5.24 9.66
N LEU A 50 -11.20 4.23 9.33
CA LEU A 50 -11.43 2.87 9.82
C LEU A 50 -10.61 2.61 11.08
N GLY A 51 -9.99 3.66 11.61
CA GLY A 51 -9.19 3.50 12.82
C GLY A 51 -8.24 2.33 12.74
N CYS A 52 -7.77 2.02 11.53
CA CYS A 52 -6.85 0.91 11.32
C CYS A 52 -5.43 1.30 11.69
N ARG A 53 -4.84 0.57 12.62
CA ARG A 53 -3.48 0.84 13.07
C ARG A 53 -2.49 -0.14 12.42
N SER A 54 -2.74 -0.48 11.17
CA SER A 54 -1.88 -1.40 10.43
C SER A 54 -0.74 -0.66 9.73
N ARG A 55 0.49 -1.00 10.10
CA ARG A 55 1.66 -0.36 9.51
C ARG A 55 2.51 -1.37 8.75
N ALA A 56 3.15 -0.92 7.68
CA ALA A 56 3.98 -1.79 6.87
C ALA A 56 5.25 -1.06 6.42
N ILE A 57 6.24 -1.82 5.96
CA ILE A 57 7.49 -1.26 5.50
C ILE A 57 7.90 -1.81 4.14
N THR A 58 7.98 -0.94 3.15
CA THR A 58 8.35 -1.34 1.79
C THR A 58 9.80 -0.98 1.50
N GLN A 59 10.47 -1.84 0.72
CA GLN A 59 11.87 -1.61 0.36
C GLN A 59 12.19 -2.26 -0.98
N GLY A 60 12.39 -1.42 -2.00
CA GLY A 60 12.71 -1.93 -3.32
C GLY A 60 11.46 -2.29 -4.11
N HIS A 61 11.18 -3.59 -4.20
CA HIS A 61 10.02 -4.07 -4.94
C HIS A 61 9.16 -4.98 -4.07
N ARG A 62 9.54 -5.12 -2.80
CA ARG A 62 8.82 -5.97 -1.87
C ARG A 62 8.10 -5.13 -0.82
N ILE A 63 7.47 -5.81 0.14
CA ILE A 63 6.75 -5.12 1.20
C ILE A 63 6.75 -5.95 2.49
N MET A 64 6.56 -5.27 3.62
CA MET A 64 6.55 -5.93 4.91
C MET A 64 5.38 -5.45 5.76
N VAL A 65 4.76 -6.37 6.50
CA VAL A 65 3.63 -6.03 7.35
C VAL A 65 4.00 -6.17 8.83
N MET A 66 3.54 -5.22 9.63
CA MET A 66 3.82 -5.23 11.07
C MET A 66 2.58 -5.63 11.85
N ARG A 67 1.50 -4.88 11.67
CA ARG A 67 0.25 -5.17 12.36
C ARG A 67 -0.87 -5.50 11.38
N SER A 68 -1.75 -6.41 11.76
CA SER A 68 -2.86 -6.81 10.90
C SER A 68 -3.88 -5.68 10.77
N HIS A 69 -4.94 -5.94 10.01
CA HIS A 69 -5.99 -4.95 9.80
C HIS A 69 -7.27 -5.35 10.53
N CYS A 70 -7.99 -4.35 11.03
CA CYS A 70 -9.23 -4.59 11.75
C CYS A 70 -10.44 -4.52 10.80
N HIS A 71 -10.15 -4.39 9.52
CA HIS A 71 -11.21 -4.32 8.51
C HIS A 71 -10.86 -5.17 7.29
N GLN A 72 -11.86 -5.42 6.44
CA GLN A 72 -11.65 -6.22 5.24
C GLN A 72 -11.52 -5.33 4.01
N PRO A 73 -10.75 -5.81 3.02
CA PRO A 73 -10.51 -5.08 1.77
C PRO A 73 -11.77 -4.99 0.91
N ASP A 74 -11.80 -4.01 0.00
CA ASP A 74 -12.94 -3.83 -0.88
C ASP A 74 -12.46 -3.47 -2.29
N LEU A 75 -12.26 -4.48 -3.12
CA LEU A 75 -11.82 -4.26 -4.50
C LEU A 75 -12.76 -3.33 -5.24
N ALA A 76 -13.94 -3.11 -4.67
CA ALA A 76 -14.94 -2.23 -5.27
C ALA A 76 -14.49 -0.77 -5.22
N GLY A 77 -14.06 -0.34 -4.04
CA GLY A 77 -13.61 1.04 -3.88
C GLY A 77 -12.19 1.25 -4.39
N LEU A 78 -11.37 0.22 -4.24
CA LEU A 78 -9.97 0.29 -4.69
C LEU A 78 -9.89 0.38 -6.21
N GLU A 79 -10.74 -0.39 -6.88
CA GLU A 79 -10.76 -0.39 -8.34
C GLU A 79 -11.15 0.98 -8.89
N ALA A 80 -11.86 1.75 -8.07
CA ALA A 80 -12.30 3.08 -8.47
C ALA A 80 -11.12 4.06 -8.52
N LEU A 81 -10.18 3.87 -7.60
CA LEU A 81 -9.01 4.74 -7.52
C LEU A 81 -8.15 4.60 -8.78
N ARG A 82 -7.83 3.36 -9.14
CA ARG A 82 -7.01 3.09 -10.32
C ARG A 82 -7.65 3.70 -11.57
N GLN A 83 -8.95 3.96 -11.49
CA GLN A 83 -9.68 4.54 -12.61
C GLN A 83 -9.44 6.04 -12.70
N ARG A 84 -9.05 6.64 -11.58
CA ARG A 84 -8.79 8.07 -11.52
C ARG A 84 -7.40 8.39 -12.05
N GLU A 85 -6.38 7.77 -11.46
CA GLU A 85 -5.00 8.00 -11.88
C GLU A 85 -4.89 8.00 -13.40
N ARG A 86 -5.71 7.17 -14.05
CA ARG A 86 -5.69 7.07 -15.50
C ARG A 86 -6.84 7.88 -16.11
N LEU A 87 -6.60 8.47 -17.27
CA LEU A 87 -7.60 9.27 -17.96
C LEU A 87 -8.83 8.42 -18.29
ZN ZN B . -6.35 -1.67 7.26
N GLY A 1 18.58 -25.12 -15.17
CA GLY A 1 17.20 -25.02 -14.74
C GLY A 1 16.37 -24.16 -15.68
N SER A 2 15.12 -23.92 -15.30
CA SER A 2 14.21 -23.11 -16.11
C SER A 2 13.76 -21.87 -15.35
N SER A 3 13.21 -22.08 -14.17
CA SER A 3 12.74 -20.98 -13.34
C SER A 3 13.75 -19.84 -13.29
N GLY A 4 13.27 -18.62 -13.39
CA GLY A 4 14.16 -17.47 -13.36
C GLY A 4 14.52 -17.05 -11.95
N SER A 5 15.17 -15.89 -11.82
CA SER A 5 15.58 -15.39 -10.52
C SER A 5 14.61 -14.33 -10.02
N SER A 6 13.85 -14.68 -8.99
CA SER A 6 12.88 -13.75 -8.41
C SER A 6 13.55 -12.78 -7.44
N GLY A 7 14.37 -13.33 -6.56
CA GLY A 7 15.07 -12.51 -5.58
C GLY A 7 14.12 -11.78 -4.66
N LEU A 8 13.50 -10.73 -5.17
CA LEU A 8 12.55 -9.93 -4.39
C LEU A 8 11.24 -9.74 -5.13
N ARG A 9 10.14 -9.68 -4.39
CA ARG A 9 8.83 -9.50 -4.98
C ARG A 9 8.51 -8.02 -5.15
N PRO A 10 7.80 -7.67 -6.24
CA PRO A 10 7.41 -6.30 -6.54
C PRO A 10 6.37 -5.76 -5.57
N LEU A 11 5.73 -4.65 -5.94
CA LEU A 11 4.70 -4.05 -5.11
C LEU A 11 3.75 -3.19 -5.96
N GLU A 12 2.62 -2.83 -5.37
CA GLU A 12 1.63 -2.01 -6.06
C GLU A 12 1.52 -0.63 -5.42
N PHE A 13 1.37 0.39 -6.26
CA PHE A 13 1.25 1.76 -5.78
C PHE A 13 0.22 2.54 -6.58
N LEU A 14 -0.08 3.75 -6.13
CA LEU A 14 -1.06 4.59 -6.81
C LEU A 14 -0.75 6.07 -6.59
N ARG A 15 -1.33 6.92 -7.43
CA ARG A 15 -1.11 8.36 -7.33
C ARG A 15 -2.45 9.11 -7.27
N THR A 16 -2.45 10.25 -6.60
CA THR A 16 -3.66 11.06 -6.47
C THR A 16 -3.57 12.31 -7.33
N SER A 17 -4.73 12.86 -7.70
CA SER A 17 -4.78 14.07 -8.52
C SER A 17 -3.64 15.01 -8.16
N LEU A 18 -3.62 15.47 -6.92
CA LEU A 18 -2.58 16.39 -6.46
C LEU A 18 -1.34 15.62 -6.02
N GLY A 19 -0.36 16.35 -5.47
CA GLY A 19 0.86 15.72 -5.02
C GLY A 19 0.61 14.68 -3.95
N GLY A 20 0.17 13.48 -4.37
CA GLY A 20 -0.10 12.41 -3.43
C GLY A 20 0.12 11.04 -4.03
N ARG A 21 0.51 10.09 -3.19
CA ARG A 21 0.77 8.73 -3.64
C ARG A 21 0.28 7.71 -2.62
N PHE A 22 -0.51 6.75 -3.08
CA PHE A 22 -1.05 5.72 -2.20
C PHE A 22 -0.32 4.39 -2.40
N LEU A 23 -0.42 3.50 -1.43
CA LEU A 23 0.22 2.20 -1.51
C LEU A 23 -0.80 1.08 -1.43
N VAL A 24 -0.78 0.19 -2.42
CA VAL A 24 -1.72 -0.93 -2.46
C VAL A 24 -1.02 -2.24 -2.11
N HIS A 25 -1.52 -2.92 -1.09
CA HIS A 25 -0.94 -4.20 -0.66
C HIS A 25 -1.99 -5.07 0.02
N GLU A 26 -1.96 -6.36 -0.29
CA GLU A 26 -2.91 -7.30 0.29
C GLU A 26 -4.35 -6.85 0.03
N SER A 27 -4.53 -6.07 -1.03
CA SER A 27 -5.85 -5.56 -1.37
C SER A 27 -6.28 -4.44 -0.42
N PHE A 28 -5.29 -3.75 0.14
CA PHE A 28 -5.56 -2.65 1.07
C PHE A 28 -4.87 -1.37 0.60
N LEU A 29 -4.98 -0.33 1.41
CA LEU A 29 -4.38 0.97 1.09
C LEU A 29 -3.53 1.48 2.25
N TYR A 30 -2.47 2.20 1.93
CA TYR A 30 -1.58 2.75 2.95
C TYR A 30 -1.03 4.11 2.52
N ARG A 31 -0.31 4.75 3.43
CA ARG A 31 0.26 6.07 3.15
C ARG A 31 1.71 6.14 3.64
N LYS A 32 2.56 6.80 2.87
CA LYS A 32 3.97 6.96 3.23
C LYS A 32 4.13 7.76 4.51
N GLU A 33 4.63 7.12 5.55
CA GLU A 33 4.83 7.79 6.83
C GLU A 33 6.24 8.37 6.93
N LYS A 34 7.24 7.51 6.77
CA LYS A 34 8.64 7.93 6.84
C LYS A 34 9.52 7.05 5.97
N ALA A 35 10.81 7.35 5.94
CA ALA A 35 11.76 6.57 5.16
C ALA A 35 13.05 6.32 5.94
N ALA A 36 13.34 5.04 6.19
CA ALA A 36 14.53 4.67 6.92
C ALA A 36 15.64 4.23 5.97
N GLY A 37 16.76 3.77 6.54
CA GLY A 37 17.88 3.31 5.73
C GLY A 37 17.45 2.36 4.63
N GLU A 38 17.21 2.90 3.44
CA GLU A 38 16.79 2.08 2.30
C GLU A 38 15.45 1.41 2.58
N LYS A 39 14.59 2.11 3.32
CA LYS A 39 13.27 1.57 3.65
C LYS A 39 12.23 2.69 3.70
N VAL A 40 10.97 2.31 3.54
CA VAL A 40 9.87 3.28 3.56
C VAL A 40 8.68 2.75 4.35
N TYR A 41 8.39 3.40 5.48
CA TYR A 41 7.28 2.99 6.33
C TYR A 41 5.94 3.48 5.75
N TRP A 42 4.90 2.68 5.94
CA TRP A 42 3.57 3.03 5.45
C TRP A 42 2.51 2.75 6.51
N MET A 43 1.42 3.51 6.45
CA MET A 43 0.33 3.35 7.40
C MET A 43 -1.03 3.35 6.69
N CYS A 44 -1.85 2.36 6.98
CA CYS A 44 -3.17 2.26 6.37
C CYS A 44 -3.86 3.61 6.33
N ARG A 45 -4.11 4.10 5.12
CA ARG A 45 -4.77 5.40 4.94
C ARG A 45 -6.10 5.45 5.68
N ASP A 46 -6.64 4.27 5.98
CA ASP A 46 -7.91 4.18 6.69
C ASP A 46 -7.69 4.30 8.21
N GLN A 47 -6.75 5.15 8.59
CA GLN A 47 -6.45 5.37 10.01
C GLN A 47 -7.32 6.46 10.59
N ALA A 48 -7.88 7.29 9.72
CA ALA A 48 -8.74 8.39 10.15
C ALA A 48 -10.22 8.00 10.06
N ARG A 49 -10.54 7.12 9.12
CA ARG A 49 -11.91 6.67 8.93
C ARG A 49 -12.16 5.35 9.67
N LEU A 50 -11.36 4.35 9.34
CA LEU A 50 -11.48 3.03 9.96
C LEU A 50 -10.50 2.89 11.12
N GLY A 51 -10.07 4.02 11.67
CA GLY A 51 -9.14 4.00 12.78
C GLY A 51 -8.12 2.88 12.65
N CYS A 52 -7.79 2.52 11.42
CA CYS A 52 -6.82 1.46 11.17
C CYS A 52 -5.40 1.95 11.42
N ARG A 53 -4.65 1.21 12.24
CA ARG A 53 -3.28 1.58 12.55
C ARG A 53 -2.30 0.69 11.80
N SER A 54 -2.81 -0.38 11.20
CA SER A 54 -1.98 -1.31 10.45
C SER A 54 -0.90 -0.57 9.67
N ARG A 55 0.35 -0.99 9.84
CA ARG A 55 1.47 -0.37 9.15
C ARG A 55 2.25 -1.40 8.34
N ALA A 56 3.12 -0.92 7.45
CA ALA A 56 3.92 -1.80 6.62
C ALA A 56 5.26 -1.15 6.27
N ILE A 57 6.25 -1.98 5.95
CA ILE A 57 7.57 -1.48 5.59
C ILE A 57 8.01 -2.02 4.24
N THR A 58 8.32 -1.12 3.31
CA THR A 58 8.75 -1.50 1.98
C THR A 58 10.28 -1.39 1.85
N GLN A 59 10.87 -2.32 1.12
CA GLN A 59 12.31 -2.32 0.91
C GLN A 59 12.65 -2.49 -0.57
N GLY A 60 12.70 -1.38 -1.29
CA GLY A 60 13.01 -1.43 -2.70
C GLY A 60 11.79 -1.71 -3.56
N HIS A 61 11.47 -2.98 -3.73
CA HIS A 61 10.31 -3.39 -4.52
C HIS A 61 9.43 -4.34 -3.75
N ARG A 62 9.84 -4.68 -2.53
CA ARG A 62 9.07 -5.59 -1.69
C ARG A 62 8.30 -4.83 -0.62
N ILE A 63 7.48 -5.55 0.14
CA ILE A 63 6.68 -4.93 1.20
C ILE A 63 6.53 -5.87 2.39
N MET A 64 6.31 -5.30 3.56
CA MET A 64 6.15 -6.09 4.78
C MET A 64 5.02 -5.53 5.64
N VAL A 65 4.26 -6.42 6.27
CA VAL A 65 3.16 -6.02 7.14
C VAL A 65 3.60 -5.94 8.59
N MET A 66 3.03 -4.98 9.33
CA MET A 66 3.36 -4.80 10.74
C MET A 66 2.23 -5.32 11.62
N ARG A 67 1.05 -4.72 11.48
CA ARG A 67 -0.11 -5.12 12.27
C ARG A 67 -1.27 -5.53 11.36
N SER A 68 -2.23 -6.23 11.94
CA SER A 68 -3.40 -6.68 11.19
C SER A 68 -4.41 -5.56 11.02
N HIS A 69 -5.21 -5.64 9.96
CA HIS A 69 -6.21 -4.63 9.68
C HIS A 69 -7.56 -5.01 10.30
N CYS A 70 -8.23 -4.04 10.89
CA CYS A 70 -9.53 -4.27 11.52
C CYS A 70 -10.67 -4.07 10.52
N HIS A 71 -10.31 -3.95 9.25
CA HIS A 71 -11.30 -3.75 8.20
C HIS A 71 -10.96 -4.61 6.98
N GLN A 72 -12.00 -5.15 6.34
CA GLN A 72 -11.82 -5.99 5.16
C GLN A 72 -11.58 -5.13 3.92
N PRO A 73 -10.91 -5.73 2.92
CA PRO A 73 -10.60 -5.05 1.65
C PRO A 73 -11.85 -4.79 0.81
N ASP A 74 -11.78 -3.78 -0.05
CA ASP A 74 -12.90 -3.43 -0.92
C ASP A 74 -12.43 -3.23 -2.36
N LEU A 75 -12.25 -4.34 -3.07
CA LEU A 75 -11.80 -4.29 -4.47
C LEU A 75 -12.58 -3.23 -5.25
N ALA A 76 -13.78 -2.92 -4.77
CA ALA A 76 -14.62 -1.92 -5.42
C ALA A 76 -14.03 -0.53 -5.27
N GLY A 77 -13.57 -0.21 -4.06
CA GLY A 77 -12.99 1.10 -3.81
C GLY A 77 -11.58 1.22 -4.34
N LEU A 78 -10.82 0.14 -4.25
CA LEU A 78 -9.43 0.13 -4.73
C LEU A 78 -9.39 0.21 -6.26
N GLU A 79 -10.34 -0.46 -6.90
CA GLU A 79 -10.41 -0.48 -8.36
C GLU A 79 -10.80 0.90 -8.90
N ALA A 80 -11.57 1.63 -8.10
CA ALA A 80 -12.02 2.97 -8.49
C ALA A 80 -10.85 3.89 -8.75
N LEU A 81 -9.85 3.84 -7.87
CA LEU A 81 -8.66 4.67 -8.00
C LEU A 81 -7.83 4.26 -9.21
N ARG A 82 -7.60 2.95 -9.34
CA ARG A 82 -6.83 2.42 -10.45
C ARG A 82 -7.56 2.65 -11.78
N GLN A 83 -8.86 2.86 -11.71
CA GLN A 83 -9.67 3.09 -12.90
C GLN A 83 -9.45 4.50 -13.44
N ARG A 84 -9.13 5.43 -12.55
CA ARG A 84 -8.89 6.81 -12.95
C ARG A 84 -7.51 6.97 -13.57
N GLU A 85 -6.58 6.11 -13.15
CA GLU A 85 -5.22 6.16 -13.67
C GLU A 85 -5.19 5.89 -15.17
N ARG A 86 -5.68 4.73 -15.56
CA ARG A 86 -5.71 4.35 -16.97
C ARG A 86 -7.15 4.38 -17.51
N LEU A 87 -7.55 5.53 -18.03
CA LEU A 87 -8.89 5.70 -18.59
C LEU A 87 -9.23 4.56 -19.55
ZN ZN B . -6.18 -1.31 7.18
N GLY A 1 16.67 -6.11 -15.98
CA GLY A 1 16.15 -7.38 -16.45
C GLY A 1 15.18 -8.01 -15.47
N SER A 2 15.71 -8.81 -14.55
CA SER A 2 14.87 -9.47 -13.55
C SER A 2 13.51 -9.84 -14.13
N SER A 3 13.51 -10.19 -15.42
CA SER A 3 12.27 -10.57 -16.10
C SER A 3 11.66 -11.81 -15.46
N GLY A 4 12.50 -12.62 -14.81
CA GLY A 4 12.02 -13.83 -14.17
C GLY A 4 11.64 -13.59 -12.72
N SER A 5 11.64 -14.67 -11.93
CA SER A 5 11.30 -14.58 -10.52
C SER A 5 11.92 -15.73 -9.73
N SER A 6 12.63 -15.39 -8.66
CA SER A 6 13.28 -16.40 -7.83
C SER A 6 12.63 -16.46 -6.45
N GLY A 7 11.56 -15.69 -6.26
CA GLY A 7 10.86 -15.68 -4.99
C GLY A 7 10.59 -14.27 -4.50
N LEU A 8 10.99 -13.28 -5.28
CA LEU A 8 10.80 -11.88 -4.91
C LEU A 8 9.68 -11.25 -5.74
N ARG A 9 8.48 -11.22 -5.19
CA ARG A 9 7.33 -10.64 -5.87
C ARG A 9 7.37 -9.11 -5.81
N PRO A 10 6.93 -8.47 -6.89
CA PRO A 10 6.90 -7.00 -6.97
C PRO A 10 5.85 -6.38 -6.05
N LEU A 11 5.71 -5.07 -6.13
CA LEU A 11 4.74 -4.36 -5.30
C LEU A 11 3.98 -3.32 -6.12
N GLU A 12 2.69 -3.15 -5.82
CA GLU A 12 1.86 -2.19 -6.53
C GLU A 12 1.74 -0.90 -5.74
N PHE A 13 1.62 0.22 -6.45
CA PHE A 13 1.50 1.53 -5.82
C PHE A 13 0.43 2.37 -6.51
N LEU A 14 0.13 3.52 -5.93
CA LEU A 14 -0.88 4.42 -6.49
C LEU A 14 -0.53 5.88 -6.21
N ARG A 15 -1.08 6.77 -7.02
CA ARG A 15 -0.83 8.21 -6.86
C ARG A 15 -2.14 8.98 -6.69
N THR A 16 -2.22 9.78 -5.64
CA THR A 16 -3.40 10.58 -5.37
C THR A 16 -3.28 11.98 -5.96
N SER A 17 -4.39 12.51 -6.45
CA SER A 17 -4.41 13.84 -7.04
C SER A 17 -3.94 14.88 -6.04
N LEU A 18 -4.02 14.54 -4.76
CA LEU A 18 -3.61 15.45 -3.70
C LEU A 18 -2.09 15.42 -3.52
N GLY A 19 -1.37 15.41 -4.62
CA GLY A 19 0.08 15.38 -4.56
C GLY A 19 0.60 14.32 -3.62
N GLY A 20 -0.25 13.34 -3.30
CA GLY A 20 0.15 12.28 -2.39
C GLY A 20 0.39 10.97 -3.11
N ARG A 21 1.03 10.03 -2.42
CA ARG A 21 1.31 8.73 -3.00
C ARG A 21 0.73 7.60 -2.14
N PHE A 22 -0.09 6.76 -2.75
CA PHE A 22 -0.72 5.65 -2.04
C PHE A 22 0.00 4.34 -2.33
N LEU A 23 -0.35 3.29 -1.59
CA LEU A 23 0.27 1.98 -1.77
C LEU A 23 -0.77 0.88 -1.68
N VAL A 24 -0.66 -0.11 -2.57
CA VAL A 24 -1.58 -1.23 -2.59
C VAL A 24 -0.95 -2.48 -2.00
N HIS A 25 -1.63 -3.08 -1.01
CA HIS A 25 -1.12 -4.28 -0.37
C HIS A 25 -2.25 -5.03 0.34
N GLU A 26 -2.32 -6.34 0.11
CA GLU A 26 -3.36 -7.16 0.72
C GLU A 26 -4.74 -6.59 0.45
N SER A 27 -4.93 -6.07 -0.76
CA SER A 27 -6.20 -5.49 -1.16
C SER A 27 -6.54 -4.28 -0.28
N PHE A 28 -5.51 -3.63 0.25
CA PHE A 28 -5.70 -2.46 1.10
C PHE A 28 -4.88 -1.28 0.58
N LEU A 29 -5.21 -0.09 1.06
CA LEU A 29 -4.51 1.13 0.65
C LEU A 29 -3.77 1.75 1.83
N TYR A 30 -2.55 2.20 1.57
CA TYR A 30 -1.73 2.82 2.62
C TYR A 30 -1.22 4.18 2.17
N ARG A 31 -0.67 4.94 3.11
CA ARG A 31 -0.14 6.27 2.82
C ARG A 31 1.28 6.41 3.34
N LYS A 32 2.23 6.65 2.44
CA LYS A 32 3.62 6.81 2.81
C LYS A 32 3.75 7.66 4.07
N GLU A 33 4.28 7.05 5.13
CA GLU A 33 4.46 7.76 6.40
C GLU A 33 5.83 8.40 6.48
N LYS A 34 6.87 7.59 6.27
CA LYS A 34 8.25 8.07 6.32
C LYS A 34 9.16 7.21 5.44
N ALA A 35 10.44 7.55 5.44
CA ALA A 35 11.41 6.80 4.65
C ALA A 35 12.78 6.78 5.33
N ALA A 36 13.41 5.61 5.37
CA ALA A 36 14.72 5.46 5.98
C ALA A 36 15.82 5.35 4.94
N GLY A 37 15.66 6.08 3.83
CA GLY A 37 16.64 6.04 2.77
C GLY A 37 16.42 4.88 1.82
N GLU A 38 16.53 3.66 2.33
CA GLU A 38 16.34 2.47 1.51
C GLU A 38 14.96 1.87 1.75
N LYS A 39 14.41 2.10 2.93
CA LYS A 39 13.10 1.58 3.28
C LYS A 39 12.05 2.68 3.27
N VAL A 40 10.78 2.29 3.15
CA VAL A 40 9.69 3.26 3.13
C VAL A 40 8.52 2.78 3.98
N TYR A 41 8.21 3.54 5.03
CA TYR A 41 7.11 3.20 5.92
C TYR A 41 5.78 3.62 5.34
N TRP A 42 4.74 2.83 5.61
CA TRP A 42 3.40 3.12 5.11
C TRP A 42 2.35 2.89 6.19
N MET A 43 1.27 3.67 6.14
CA MET A 43 0.20 3.56 7.12
C MET A 43 -1.16 3.49 6.43
N CYS A 44 -1.94 2.47 6.75
CA CYS A 44 -3.26 2.29 6.16
C CYS A 44 -4.00 3.62 6.09
N ARG A 45 -4.37 4.02 4.88
CA ARG A 45 -5.09 5.28 4.67
C ARG A 45 -6.33 5.35 5.56
N ASP A 46 -6.75 4.19 6.07
CA ASP A 46 -7.93 4.12 6.93
C ASP A 46 -7.54 4.34 8.39
N GLN A 47 -6.35 4.89 8.61
CA GLN A 47 -5.86 5.15 9.95
C GLN A 47 -6.50 6.41 10.53
N ALA A 48 -7.11 7.21 9.66
CA ALA A 48 -7.77 8.44 10.09
C ALA A 48 -9.26 8.23 10.29
N ARG A 49 -9.84 7.35 9.48
CA ARG A 49 -11.26 7.06 9.56
C ARG A 49 -11.52 5.78 10.37
N LEU A 50 -11.01 4.66 9.87
CA LEU A 50 -11.17 3.38 10.55
C LEU A 50 -10.13 3.20 11.65
N GLY A 51 -9.48 4.30 12.03
CA GLY A 51 -8.47 4.24 13.07
C GLY A 51 -7.56 3.05 12.92
N CYS A 52 -7.29 2.65 11.69
CA CYS A 52 -6.43 1.50 11.42
C CYS A 52 -4.96 1.88 11.58
N ARG A 53 -4.34 1.38 12.63
CA ARG A 53 -2.93 1.66 12.90
C ARG A 53 -2.03 0.72 12.12
N SER A 54 -2.62 -0.01 11.17
CA SER A 54 -1.86 -0.95 10.35
C SER A 54 -0.75 -0.24 9.58
N ARG A 55 0.49 -0.56 9.93
CA ARG A 55 1.65 0.05 9.27
C ARG A 55 2.51 -1.02 8.60
N ALA A 56 2.97 -0.71 7.39
CA ALA A 56 3.81 -1.64 6.64
C ALA A 56 5.11 -0.97 6.19
N ILE A 57 6.10 -1.79 5.86
CA ILE A 57 7.40 -1.27 5.42
C ILE A 57 7.82 -1.92 4.11
N THR A 58 8.17 -1.08 3.14
CA THR A 58 8.60 -1.57 1.83
C THR A 58 10.12 -1.52 1.69
N GLN A 59 10.67 -2.46 0.95
CA GLN A 59 12.11 -2.52 0.73
C GLN A 59 12.44 -2.97 -0.69
N GLY A 60 12.89 -2.03 -1.51
CA GLY A 60 13.24 -2.34 -2.88
C GLY A 60 12.01 -2.65 -3.73
N HIS A 61 11.67 -3.93 -3.82
CA HIS A 61 10.50 -4.35 -4.60
C HIS A 61 9.58 -5.25 -3.77
N ARG A 62 9.89 -5.37 -2.48
CA ARG A 62 9.10 -6.20 -1.59
C ARG A 62 8.29 -5.34 -0.62
N ILE A 63 7.59 -5.98 0.30
CA ILE A 63 6.77 -5.27 1.28
C ILE A 63 6.68 -6.05 2.58
N MET A 64 6.46 -5.33 3.68
CA MET A 64 6.34 -5.96 4.99
C MET A 64 5.17 -5.37 5.78
N VAL A 65 4.54 -6.20 6.60
CA VAL A 65 3.41 -5.76 7.40
C VAL A 65 3.71 -5.86 8.89
N MET A 66 3.42 -4.79 9.62
CA MET A 66 3.67 -4.77 11.06
C MET A 66 2.44 -5.22 11.83
N ARG A 67 1.33 -4.53 11.64
CA ARG A 67 0.08 -4.87 12.32
C ARG A 67 -1.00 -5.25 11.31
N SER A 68 -2.02 -5.95 11.79
CA SER A 68 -3.12 -6.38 10.93
C SER A 68 -4.09 -5.23 10.67
N HIS A 69 -5.14 -5.50 9.90
CA HIS A 69 -6.14 -4.49 9.58
C HIS A 69 -7.45 -4.77 10.32
N CYS A 70 -8.08 -3.71 10.81
CA CYS A 70 -9.34 -3.85 11.54
C CYS A 70 -10.53 -3.65 10.60
N HIS A 71 -10.28 -3.72 9.30
CA HIS A 71 -11.33 -3.54 8.30
C HIS A 71 -11.08 -4.44 7.09
N GLN A 72 -12.16 -4.83 6.43
CA GLN A 72 -12.06 -5.69 5.25
C GLN A 72 -11.72 -4.88 4.02
N PRO A 73 -11.05 -5.53 3.05
CA PRO A 73 -10.65 -4.88 1.79
C PRO A 73 -11.84 -4.57 0.90
N ASP A 74 -11.72 -3.50 0.10
CA ASP A 74 -12.79 -3.09 -0.80
C ASP A 74 -12.28 -3.03 -2.24
N LEU A 75 -12.24 -4.18 -2.89
CA LEU A 75 -11.78 -4.26 -4.28
C LEU A 75 -12.55 -3.29 -5.16
N ALA A 76 -13.76 -2.94 -4.73
CA ALA A 76 -14.60 -2.02 -5.47
C ALA A 76 -14.05 -0.61 -5.45
N GLY A 77 -13.63 -0.16 -4.27
CA GLY A 77 -13.08 1.17 -4.12
C GLY A 77 -11.64 1.25 -4.57
N LEU A 78 -10.91 0.17 -4.41
CA LEU A 78 -9.50 0.11 -4.79
C LEU A 78 -9.36 0.11 -6.31
N GLU A 79 -10.26 -0.59 -6.99
CA GLU A 79 -10.23 -0.67 -8.44
C GLU A 79 -10.58 0.68 -9.07
N ALA A 80 -11.29 1.51 -8.31
CA ALA A 80 -11.69 2.83 -8.79
C ALA A 80 -10.47 3.72 -9.00
N LEU A 81 -9.55 3.70 -8.05
CA LEU A 81 -8.34 4.51 -8.13
C LEU A 81 -7.41 3.99 -9.22
N ARG A 82 -7.14 2.68 -9.18
CA ARG A 82 -6.27 2.06 -10.17
C ARG A 82 -6.83 2.23 -11.58
N GLN A 83 -8.12 2.52 -11.66
CA GLN A 83 -8.78 2.70 -12.95
C GLN A 83 -8.44 4.07 -13.54
N ARG A 84 -8.09 5.01 -12.68
CA ARG A 84 -7.75 6.36 -13.11
C ARG A 84 -6.27 6.45 -13.50
N GLU A 85 -5.44 5.70 -12.79
CA GLU A 85 -4.00 5.70 -13.06
C GLU A 85 -3.73 5.78 -14.56
N ARG A 86 -4.47 5.00 -15.33
CA ARG A 86 -4.31 4.97 -16.78
C ARG A 86 -5.45 5.74 -17.46
N LEU A 87 -5.11 6.49 -18.50
CA LEU A 87 -6.10 7.26 -19.24
C LEU A 87 -7.29 6.39 -19.65
ZN ZN B . -6.21 -1.31 7.44
N GLY A 1 20.95 -19.78 1.83
CA GLY A 1 21.22 -18.53 2.53
C GLY A 1 20.11 -17.51 2.36
N SER A 2 19.07 -17.89 1.63
CA SER A 2 17.94 -17.00 1.38
C SER A 2 16.64 -17.78 1.33
N SER A 3 15.54 -17.11 1.66
CA SER A 3 14.22 -17.75 1.65
C SER A 3 13.75 -18.00 0.22
N GLY A 4 13.92 -19.22 -0.25
CA GLY A 4 13.51 -19.58 -1.60
C GLY A 4 14.52 -19.13 -2.64
N SER A 5 14.49 -19.79 -3.80
CA SER A 5 15.41 -19.47 -4.88
C SER A 5 14.71 -18.68 -5.98
N SER A 6 13.52 -18.17 -5.67
CA SER A 6 12.73 -17.40 -6.63
C SER A 6 13.14 -15.93 -6.60
N GLY A 7 13.54 -15.45 -5.43
CA GLY A 7 13.95 -14.08 -5.28
C GLY A 7 13.02 -13.28 -4.38
N LEU A 8 11.94 -12.77 -4.95
CA LEU A 8 10.97 -11.98 -4.20
C LEU A 8 9.73 -11.68 -5.05
N ARG A 9 8.75 -11.03 -4.44
CA ARG A 9 7.52 -10.67 -5.14
C ARG A 9 7.42 -9.16 -5.32
N PRO A 10 6.87 -8.75 -6.47
CA PRO A 10 6.69 -7.33 -6.81
C PRO A 10 5.64 -6.65 -5.93
N LEU A 11 5.46 -5.36 -6.13
CA LEU A 11 4.48 -4.59 -5.37
C LEU A 11 3.85 -3.49 -6.22
N GLU A 12 2.57 -3.23 -5.98
CA GLU A 12 1.86 -2.21 -6.73
C GLU A 12 1.73 -0.93 -5.92
N PHE A 13 1.62 0.20 -6.62
CA PHE A 13 1.49 1.50 -5.96
C PHE A 13 0.45 2.37 -6.66
N LEU A 14 0.11 3.48 -6.04
CA LEU A 14 -0.88 4.39 -6.59
C LEU A 14 -0.53 5.84 -6.27
N ARG A 15 -1.16 6.78 -6.97
CA ARG A 15 -0.92 8.19 -6.75
C ARG A 15 -2.23 8.95 -6.52
N THR A 16 -2.16 10.00 -5.70
CA THR A 16 -3.35 10.79 -5.39
C THR A 16 -3.21 12.21 -5.92
N SER A 17 -4.30 12.97 -5.87
CA SER A 17 -4.29 14.35 -6.35
C SER A 17 -4.06 15.32 -5.20
N LEU A 18 -4.86 15.18 -4.15
CA LEU A 18 -4.74 16.04 -2.97
C LEU A 18 -3.67 15.53 -2.02
N GLY A 19 -3.68 14.23 -1.77
CA GLY A 19 -2.70 13.63 -0.89
C GLY A 19 -1.31 13.59 -1.48
N GLY A 20 -0.88 12.41 -1.91
CA GLY A 20 0.44 12.27 -2.49
C GLY A 20 0.60 10.96 -3.24
N ARG A 21 1.10 9.94 -2.53
CA ARG A 21 1.31 8.63 -3.13
C ARG A 21 0.72 7.53 -2.24
N PHE A 22 -0.08 6.66 -2.85
CA PHE A 22 -0.72 5.57 -2.13
C PHE A 22 -0.01 4.25 -2.41
N LEU A 23 -0.30 3.25 -1.59
CA LEU A 23 0.30 1.92 -1.75
C LEU A 23 -0.75 0.83 -1.73
N VAL A 24 -0.65 -0.11 -2.66
CA VAL A 24 -1.60 -1.22 -2.74
C VAL A 24 -1.00 -2.49 -2.15
N HIS A 25 -1.63 -2.98 -1.09
CA HIS A 25 -1.17 -4.19 -0.43
C HIS A 25 -2.32 -4.91 0.27
N GLU A 26 -2.49 -6.20 -0.03
CA GLU A 26 -3.56 -6.98 0.57
C GLU A 26 -4.93 -6.39 0.24
N SER A 27 -5.10 -5.99 -1.02
CA SER A 27 -6.36 -5.41 -1.47
C SER A 27 -6.72 -4.18 -0.63
N PHE A 28 -5.72 -3.62 0.03
CA PHE A 28 -5.92 -2.43 0.87
C PHE A 28 -5.15 -1.24 0.33
N LEU A 29 -5.21 -0.13 1.04
CA LEU A 29 -4.52 1.09 0.63
C LEU A 29 -3.79 1.73 1.80
N TYR A 30 -2.54 2.12 1.58
CA TYR A 30 -1.73 2.74 2.63
C TYR A 30 -1.18 4.09 2.16
N ARG A 31 -0.56 4.81 3.08
CA ARG A 31 0.01 6.12 2.77
C ARG A 31 1.43 6.23 3.31
N LYS A 32 2.36 6.63 2.44
CA LYS A 32 3.76 6.78 2.83
C LYS A 32 3.90 7.70 4.03
N GLU A 33 4.49 7.18 5.10
CA GLU A 33 4.68 7.97 6.32
C GLU A 33 6.06 8.62 6.33
N LYS A 34 7.09 7.81 6.17
CA LYS A 34 8.47 8.31 6.17
C LYS A 34 9.39 7.35 5.43
N ALA A 35 10.58 7.84 5.08
CA ALA A 35 11.56 7.01 4.37
C ALA A 35 12.87 6.92 5.16
N ALA A 36 13.36 5.70 5.30
CA ALA A 36 14.61 5.46 6.03
C ALA A 36 15.77 5.25 5.07
N GLY A 37 15.77 5.99 3.96
CA GLY A 37 16.83 5.86 2.98
C GLY A 37 16.56 4.77 1.96
N GLU A 38 16.68 3.53 2.38
CA GLU A 38 16.44 2.39 1.49
C GLU A 38 15.07 1.76 1.77
N LYS A 39 14.46 2.17 2.87
CA LYS A 39 13.15 1.64 3.25
C LYS A 39 12.09 2.74 3.23
N VAL A 40 10.84 2.35 3.07
CA VAL A 40 9.73 3.30 3.04
C VAL A 40 8.58 2.84 3.93
N TYR A 41 8.31 3.60 4.97
CA TYR A 41 7.24 3.28 5.91
C TYR A 41 5.88 3.65 5.33
N TRP A 42 4.85 2.90 5.69
CA TRP A 42 3.50 3.17 5.21
C TRP A 42 2.48 2.97 6.33
N MET A 43 1.26 3.47 6.10
CA MET A 43 0.20 3.35 7.09
C MET A 43 -1.17 3.32 6.41
N CYS A 44 -2.02 2.39 6.82
CA CYS A 44 -3.35 2.25 6.26
C CYS A 44 -4.03 3.61 6.16
N ARG A 45 -4.36 4.02 4.93
CA ARG A 45 -5.01 5.30 4.70
C ARG A 45 -6.25 5.44 5.58
N ASP A 46 -6.82 4.31 5.98
CA ASP A 46 -8.01 4.30 6.83
C ASP A 46 -7.64 4.52 8.29
N GLN A 47 -6.39 4.91 8.52
CA GLN A 47 -5.92 5.15 9.89
C GLN A 47 -6.54 6.42 10.47
N ALA A 48 -7.09 7.26 9.60
CA ALA A 48 -7.73 8.50 10.03
C ALA A 48 -9.23 8.32 10.20
N ARG A 49 -9.82 7.51 9.32
CA ARG A 49 -11.26 7.26 9.36
C ARG A 49 -11.56 6.00 10.17
N LEU A 50 -11.07 4.87 9.69
CA LEU A 50 -11.29 3.59 10.36
C LEU A 50 -10.26 3.38 11.47
N GLY A 51 -9.61 4.46 11.89
CA GLY A 51 -8.61 4.37 12.94
C GLY A 51 -7.80 3.10 12.84
N CYS A 52 -7.47 2.69 11.63
CA CYS A 52 -6.69 1.48 11.40
C CYS A 52 -5.21 1.73 11.67
N ARG A 53 -4.74 1.29 12.83
CA ARG A 53 -3.34 1.46 13.21
C ARG A 53 -2.47 0.39 12.58
N SER A 54 -2.68 0.14 11.29
CA SER A 54 -1.91 -0.86 10.56
C SER A 54 -0.80 -0.21 9.74
N ARG A 55 0.44 -0.45 10.14
CA ARG A 55 1.59 0.11 9.44
C ARG A 55 2.32 -0.97 8.64
N ALA A 56 3.13 -0.54 7.68
CA ALA A 56 3.89 -1.47 6.85
C ALA A 56 5.19 -0.84 6.38
N ILE A 57 6.12 -1.69 5.94
CA ILE A 57 7.41 -1.21 5.46
C ILE A 57 7.80 -1.88 4.15
N THR A 58 8.09 -1.07 3.13
CA THR A 58 8.47 -1.59 1.82
C THR A 58 9.97 -1.51 1.61
N GLN A 59 10.50 -2.43 0.82
CA GLN A 59 11.94 -2.47 0.54
C GLN A 59 12.21 -2.98 -0.87
N GLY A 60 12.72 -2.11 -1.73
CA GLY A 60 13.01 -2.48 -3.09
C GLY A 60 11.77 -2.83 -3.88
N HIS A 61 11.41 -4.12 -3.90
CA HIS A 61 10.23 -4.58 -4.62
C HIS A 61 9.34 -5.43 -3.72
N ARG A 62 9.74 -5.57 -2.45
CA ARG A 62 8.99 -6.36 -1.49
C ARG A 62 8.18 -5.45 -0.57
N ILE A 63 7.52 -6.06 0.42
CA ILE A 63 6.71 -5.31 1.37
C ILE A 63 6.65 -6.02 2.72
N MET A 64 6.39 -5.25 3.77
CA MET A 64 6.31 -5.81 5.12
C MET A 64 5.11 -5.24 5.87
N VAL A 65 4.53 -6.04 6.76
CA VAL A 65 3.38 -5.61 7.55
C VAL A 65 3.68 -5.68 9.04
N MET A 66 3.32 -4.63 9.76
CA MET A 66 3.55 -4.56 11.20
C MET A 66 2.32 -5.05 11.97
N ARG A 67 1.22 -4.33 11.82
CA ARG A 67 -0.02 -4.69 12.50
C ARG A 67 -1.09 -5.13 11.49
N SER A 68 -2.16 -5.71 12.00
CA SER A 68 -3.25 -6.18 11.15
C SER A 68 -4.23 -5.05 10.83
N HIS A 69 -5.29 -5.37 10.10
CA HIS A 69 -6.30 -4.38 9.74
C HIS A 69 -7.61 -4.65 10.48
N CYS A 70 -8.23 -3.58 10.95
CA CYS A 70 -9.49 -3.69 11.68
C CYS A 70 -10.67 -3.55 10.73
N HIS A 71 -10.41 -3.66 9.43
CA HIS A 71 -11.46 -3.55 8.43
C HIS A 71 -11.19 -4.50 7.26
N GLN A 72 -12.23 -4.80 6.51
CA GLN A 72 -12.11 -5.70 5.37
C GLN A 72 -11.81 -4.92 4.08
N PRO A 73 -11.16 -5.59 3.13
CA PRO A 73 -10.80 -4.98 1.84
C PRO A 73 -12.01 -4.71 0.96
N ASP A 74 -12.02 -3.56 0.30
CA ASP A 74 -13.12 -3.18 -0.57
C ASP A 74 -12.76 -3.42 -2.03
N LEU A 75 -12.86 -4.67 -2.46
CA LEU A 75 -12.54 -5.05 -3.84
C LEU A 75 -13.20 -4.09 -4.82
N ALA A 76 -14.29 -3.46 -4.38
CA ALA A 76 -15.02 -2.51 -5.22
C ALA A 76 -14.49 -1.09 -5.03
N GLY A 77 -13.92 -0.83 -3.86
CA GLY A 77 -13.39 0.49 -3.58
C GLY A 77 -11.98 0.67 -4.10
N LEU A 78 -11.12 -0.32 -3.84
CA LEU A 78 -9.74 -0.26 -4.29
C LEU A 78 -9.65 -0.34 -5.81
N GLU A 79 -10.55 -1.13 -6.40
CA GLU A 79 -10.58 -1.30 -7.86
C GLU A 79 -11.10 -0.03 -8.53
N ALA A 80 -12.00 0.67 -7.86
CA ALA A 80 -12.58 1.89 -8.39
C ALA A 80 -11.51 2.97 -8.61
N LEU A 81 -10.63 3.12 -7.62
CA LEU A 81 -9.55 4.11 -7.70
C LEU A 81 -8.65 3.82 -8.89
N ARG A 82 -8.35 2.55 -9.11
CA ARG A 82 -7.48 2.15 -10.21
C ARG A 82 -8.22 2.25 -11.54
N GLN A 83 -9.55 2.35 -11.47
CA GLN A 83 -10.37 2.46 -12.67
C GLN A 83 -10.37 3.88 -13.22
N ARG A 84 -10.61 4.85 -12.34
CA ARG A 84 -10.63 6.25 -12.72
C ARG A 84 -9.24 6.74 -13.10
N GLU A 85 -8.23 6.20 -12.42
CA GLU A 85 -6.85 6.58 -12.68
C GLU A 85 -6.62 6.84 -14.17
N ARG A 86 -7.03 5.89 -15.00
CA ARG A 86 -6.89 6.01 -16.45
C ARG A 86 -8.21 6.39 -17.11
N LEU A 87 -8.13 6.88 -18.33
CA LEU A 87 -9.32 7.28 -19.07
C LEU A 87 -10.16 6.07 -19.45
ZN ZN B . -6.37 -1.28 7.41
N GLY A 1 20.06 -3.83 -16.70
CA GLY A 1 20.35 -4.81 -15.67
C GLY A 1 19.11 -5.60 -15.25
N SER A 2 18.41 -6.14 -16.23
CA SER A 2 17.19 -6.91 -15.97
C SER A 2 17.46 -8.01 -14.94
N SER A 3 16.41 -8.44 -14.26
CA SER A 3 16.54 -9.49 -13.25
C SER A 3 15.17 -10.08 -12.91
N GLY A 4 15.17 -11.35 -12.53
CA GLY A 4 13.92 -12.03 -12.19
C GLY A 4 14.15 -13.32 -11.42
N SER A 5 14.00 -13.25 -10.10
CA SER A 5 14.20 -14.42 -9.25
C SER A 5 12.87 -14.92 -8.69
N SER A 6 12.88 -16.12 -8.14
CA SER A 6 11.68 -16.71 -7.56
C SER A 6 11.49 -16.29 -6.11
N GLY A 7 12.34 -15.36 -5.66
CA GLY A 7 12.26 -14.89 -4.29
C GLY A 7 12.17 -13.38 -4.21
N LEU A 8 11.42 -12.78 -5.12
CA LEU A 8 11.25 -11.32 -5.15
C LEU A 8 10.02 -10.93 -5.95
N ARG A 9 8.99 -10.47 -5.25
CA ARG A 9 7.75 -10.06 -5.89
C ARG A 9 7.64 -8.54 -5.94
N PRO A 10 7.07 -8.02 -7.03
CA PRO A 10 6.88 -6.57 -7.22
C PRO A 10 5.84 -5.99 -6.28
N LEU A 11 5.54 -4.71 -6.45
CA LEU A 11 4.56 -4.03 -5.62
C LEU A 11 3.70 -3.08 -6.45
N GLU A 12 2.45 -2.88 -6.01
CA GLU A 12 1.53 -2.00 -6.71
C GLU A 12 1.37 -0.67 -5.96
N PHE A 13 1.14 0.40 -6.71
CA PHE A 13 0.97 1.72 -6.12
C PHE A 13 -0.15 2.49 -6.82
N LEU A 14 -0.50 3.65 -6.28
CA LEU A 14 -1.55 4.48 -6.85
C LEU A 14 -1.29 5.96 -6.56
N ARG A 15 -1.11 6.74 -7.62
CA ARG A 15 -0.87 8.17 -7.47
C ARG A 15 -2.16 8.97 -7.68
N THR A 16 -2.36 9.98 -6.84
CA THR A 16 -3.55 10.82 -6.94
C THR A 16 -3.19 12.25 -7.30
N SER A 17 -4.18 13.03 -7.74
CA SER A 17 -3.96 14.41 -8.12
C SER A 17 -4.52 15.36 -7.07
N LEU A 18 -5.48 14.89 -6.31
CA LEU A 18 -6.11 15.70 -5.27
C LEU A 18 -5.51 15.38 -3.89
N GLY A 19 -4.48 14.55 -3.89
CA GLY A 19 -3.83 14.17 -2.64
C GLY A 19 -2.36 13.87 -2.82
N GLY A 20 -2.01 12.59 -2.69
CA GLY A 20 -0.62 12.19 -2.84
C GLY A 20 -0.49 10.77 -3.39
N ARG A 21 0.62 10.12 -3.06
CA ARG A 21 0.87 8.76 -3.52
C ARG A 21 0.27 7.74 -2.55
N PHE A 22 -0.15 6.60 -3.09
CA PHE A 22 -0.74 5.55 -2.28
C PHE A 22 -0.03 4.22 -2.51
N LEU A 23 -0.14 3.31 -1.54
CA LEU A 23 0.50 2.01 -1.64
C LEU A 23 -0.54 0.89 -1.55
N VAL A 24 -0.66 0.12 -2.64
CA VAL A 24 -1.60 -0.99 -2.69
C VAL A 24 -0.97 -2.28 -2.20
N HIS A 25 -1.46 -2.80 -1.08
CA HIS A 25 -0.93 -4.04 -0.52
C HIS A 25 -2.01 -4.77 0.27
N GLU A 26 -2.22 -6.04 -0.06
CA GLU A 26 -3.22 -6.85 0.62
C GLU A 26 -4.62 -6.30 0.40
N SER A 27 -4.87 -5.82 -0.81
CA SER A 27 -6.16 -5.24 -1.16
C SER A 27 -6.49 -4.04 -0.27
N PHE A 28 -5.45 -3.36 0.19
CA PHE A 28 -5.62 -2.19 1.05
C PHE A 28 -4.80 -1.01 0.53
N LEU A 29 -4.91 0.12 1.23
CA LEU A 29 -4.20 1.32 0.84
C LEU A 29 -3.46 1.93 2.03
N TYR A 30 -2.19 2.27 1.83
CA TYR A 30 -1.39 2.86 2.89
C TYR A 30 -0.74 4.17 2.43
N ARG A 31 -0.19 4.92 3.37
CA ARG A 31 0.45 6.19 3.07
C ARG A 31 1.87 6.24 3.64
N LYS A 32 2.80 6.77 2.86
CA LYS A 32 4.19 6.88 3.28
C LYS A 32 4.30 7.70 4.56
N GLU A 33 4.76 7.07 5.64
CA GLU A 33 4.92 7.75 6.92
C GLU A 33 6.33 8.34 7.06
N LYS A 34 7.33 7.50 6.85
CA LYS A 34 8.73 7.93 6.95
C LYS A 34 9.65 6.96 6.23
N ALA A 35 10.94 7.28 6.21
CA ALA A 35 11.92 6.43 5.55
C ALA A 35 13.20 6.33 6.38
N ALA A 36 13.55 5.12 6.78
CA ALA A 36 14.75 4.89 7.57
C ALA A 36 15.97 4.69 6.68
N GLY A 37 16.04 5.46 5.60
CA GLY A 37 17.16 5.36 4.68
C GLY A 37 16.81 4.58 3.42
N GLU A 38 17.00 3.27 3.47
CA GLU A 38 16.71 2.42 2.33
C GLU A 38 15.32 1.79 2.46
N LYS A 39 14.67 2.04 3.59
CA LYS A 39 13.34 1.49 3.84
C LYS A 39 12.31 2.61 3.91
N VAL A 40 11.04 2.26 3.69
CA VAL A 40 9.97 3.23 3.73
C VAL A 40 8.76 2.68 4.49
N TYR A 41 8.39 3.36 5.58
CA TYR A 41 7.26 2.93 6.39
C TYR A 41 5.94 3.40 5.78
N TRP A 42 4.88 2.65 6.03
CA TRP A 42 3.56 2.98 5.50
C TRP A 42 2.48 2.68 6.53
N MET A 43 1.42 3.50 6.53
CA MET A 43 0.32 3.32 7.46
C MET A 43 -1.02 3.32 6.72
N CYS A 44 -1.95 2.51 7.20
CA CYS A 44 -3.27 2.41 6.59
C CYS A 44 -3.93 3.78 6.50
N ARG A 45 -4.03 4.31 5.28
CA ARG A 45 -4.64 5.61 5.06
C ARG A 45 -5.87 5.81 5.95
N ASP A 46 -6.54 4.70 6.26
CA ASP A 46 -7.74 4.74 7.09
C ASP A 46 -7.36 4.89 8.56
N GLN A 47 -6.52 5.88 8.86
CA GLN A 47 -6.09 6.12 10.24
C GLN A 47 -7.19 6.78 11.05
N ALA A 48 -7.75 7.86 10.52
CA ALA A 48 -8.81 8.58 11.21
C ALA A 48 -10.18 8.17 10.66
N ARG A 49 -10.18 7.50 9.52
CA ARG A 49 -11.42 7.06 8.89
C ARG A 49 -11.92 5.76 9.52
N LEU A 50 -11.11 4.71 9.42
CA LEU A 50 -11.47 3.42 9.99
C LEU A 50 -10.62 3.11 11.23
N GLY A 51 -10.17 4.16 11.90
CA GLY A 51 -9.37 3.98 13.09
C GLY A 51 -8.40 2.82 12.96
N CYS A 52 -7.76 2.71 11.81
CA CYS A 52 -6.80 1.64 11.57
C CYS A 52 -5.37 2.11 11.83
N ARG A 53 -4.63 1.33 12.61
CA ARG A 53 -3.25 1.67 12.93
C ARG A 53 -2.29 0.69 12.28
N SER A 54 -2.76 -0.04 11.29
CA SER A 54 -1.95 -1.02 10.59
C SER A 54 -0.87 -0.34 9.75
N ARG A 55 0.38 -0.76 9.94
CA ARG A 55 1.49 -0.19 9.20
C ARG A 55 2.24 -1.26 8.41
N ALA A 56 3.18 -0.83 7.59
CA ALA A 56 3.96 -1.76 6.79
C ALA A 56 5.33 -1.16 6.41
N ILE A 57 6.25 -2.01 5.98
CA ILE A 57 7.58 -1.56 5.59
C ILE A 57 7.95 -2.07 4.20
N THR A 58 8.25 -1.14 3.31
CA THR A 58 8.62 -1.49 1.94
C THR A 58 10.13 -1.42 1.74
N GLN A 59 10.64 -2.22 0.83
CA GLN A 59 12.08 -2.25 0.54
C GLN A 59 12.34 -2.79 -0.85
N GLY A 60 12.85 -1.94 -1.74
CA GLY A 60 13.13 -2.35 -3.09
C GLY A 60 11.88 -2.54 -3.93
N HIS A 61 11.47 -3.80 -4.10
CA HIS A 61 10.29 -4.11 -4.88
C HIS A 61 9.32 -4.98 -4.08
N ARG A 62 9.64 -5.18 -2.80
CA ARG A 62 8.81 -6.01 -1.93
C ARG A 62 8.12 -5.15 -0.87
N ILE A 63 7.41 -5.80 0.03
CA ILE A 63 6.71 -5.10 1.10
C ILE A 63 6.59 -5.98 2.35
N MET A 64 6.30 -5.34 3.48
CA MET A 64 6.16 -6.06 4.75
C MET A 64 5.06 -5.45 5.60
N VAL A 65 4.39 -6.28 6.39
CA VAL A 65 3.31 -5.82 7.26
C VAL A 65 3.69 -5.95 8.73
N MET A 66 3.24 -5.00 9.54
CA MET A 66 3.53 -5.01 10.96
C MET A 66 2.30 -5.44 11.76
N ARG A 67 1.23 -4.67 11.66
CA ARG A 67 0.00 -4.97 12.38
C ARG A 67 -1.11 -5.39 11.41
N SER A 68 -2.22 -5.87 11.96
CA SER A 68 -3.35 -6.30 11.13
C SER A 68 -4.30 -5.14 10.87
N HIS A 69 -5.39 -5.43 10.17
CA HIS A 69 -6.38 -4.41 9.84
C HIS A 69 -7.72 -4.72 10.50
N CYS A 70 -8.37 -3.69 11.03
CA CYS A 70 -9.66 -3.86 11.69
C CYS A 70 -10.81 -3.69 10.70
N HIS A 71 -10.46 -3.60 9.41
CA HIS A 71 -11.47 -3.43 8.37
C HIS A 71 -11.18 -4.35 7.19
N GLN A 72 -12.21 -4.65 6.41
CA GLN A 72 -12.07 -5.52 5.25
C GLN A 72 -11.75 -4.70 3.99
N PRO A 73 -11.05 -5.33 3.05
CA PRO A 73 -10.66 -4.70 1.78
C PRO A 73 -11.86 -4.45 0.87
N ASP A 74 -11.78 -3.41 0.05
CA ASP A 74 -12.85 -3.07 -0.87
C ASP A 74 -12.33 -2.96 -2.30
N LEU A 75 -12.17 -4.11 -2.96
CA LEU A 75 -11.68 -4.14 -4.33
C LEU A 75 -12.42 -3.14 -5.20
N ALA A 76 -13.67 -2.84 -4.84
CA ALA A 76 -14.48 -1.89 -5.58
C ALA A 76 -13.93 -0.48 -5.45
N GLY A 77 -13.57 -0.10 -4.23
CA GLY A 77 -13.03 1.22 -3.99
C GLY A 77 -11.60 1.36 -4.45
N LEU A 78 -10.85 0.26 -4.42
CA LEU A 78 -9.46 0.26 -4.83
C LEU A 78 -9.34 0.29 -6.35
N GLU A 79 -10.20 -0.49 -7.02
CA GLU A 79 -10.20 -0.54 -8.48
C GLU A 79 -10.83 0.72 -9.08
N ALA A 80 -11.67 1.37 -8.30
CA ALA A 80 -12.33 2.60 -8.75
C ALA A 80 -11.41 3.80 -8.62
N LEU A 81 -10.38 3.66 -7.81
CA LEU A 81 -9.42 4.75 -7.61
C LEU A 81 -8.41 4.81 -8.75
N ARG A 82 -7.94 3.65 -9.19
CA ARG A 82 -6.98 3.57 -10.28
C ARG A 82 -7.51 4.27 -11.52
N GLN A 83 -8.74 3.95 -11.90
CA GLN A 83 -9.37 4.55 -13.08
C GLN A 83 -9.27 6.07 -13.02
N ARG A 84 -9.38 6.62 -11.82
CA ARG A 84 -9.30 8.07 -11.63
C ARG A 84 -7.88 8.57 -11.83
N GLU A 85 -6.92 7.66 -11.69
CA GLU A 85 -5.51 8.02 -11.85
C GLU A 85 -4.98 7.58 -13.22
N ARG A 86 -5.75 6.72 -13.89
CA ARG A 86 -5.36 6.23 -15.20
C ARG A 86 -6.21 6.86 -16.29
N LEU A 87 -5.58 7.22 -17.40
CA LEU A 87 -6.27 7.83 -18.53
C LEU A 87 -6.45 6.84 -19.67
ZN ZN B . -6.27 -1.18 7.59
N GLY A 1 7.85 -31.66 -5.29
CA GLY A 1 7.14 -30.40 -5.33
C GLY A 1 8.07 -29.22 -5.56
N SER A 2 7.50 -28.01 -5.56
CA SER A 2 8.29 -26.80 -5.76
C SER A 2 7.87 -25.71 -4.77
N SER A 3 8.79 -24.78 -4.51
CA SER A 3 8.52 -23.70 -3.57
C SER A 3 8.67 -22.35 -4.26
N GLY A 4 9.56 -22.29 -5.26
CA GLY A 4 9.78 -21.06 -5.98
C GLY A 4 11.24 -20.63 -5.96
N SER A 5 11.75 -20.22 -7.12
CA SER A 5 13.13 -19.78 -7.22
C SER A 5 13.30 -18.36 -6.72
N SER A 6 12.66 -17.42 -7.40
CA SER A 6 12.74 -16.02 -7.03
C SER A 6 11.42 -15.54 -6.41
N GLY A 7 11.29 -15.71 -5.10
CA GLY A 7 10.08 -15.30 -4.42
C GLY A 7 9.85 -13.80 -4.50
N LEU A 8 10.94 -13.04 -4.55
CA LEU A 8 10.85 -11.58 -4.64
C LEU A 8 9.65 -11.16 -5.46
N ARG A 9 8.54 -10.84 -4.79
CA ARG A 9 7.33 -10.42 -5.47
C ARG A 9 7.27 -8.90 -5.61
N PRO A 10 6.73 -8.43 -6.73
CA PRO A 10 6.61 -6.99 -7.00
C PRO A 10 5.59 -6.31 -6.09
N LEU A 11 5.51 -4.99 -6.19
CA LEU A 11 4.58 -4.21 -5.38
C LEU A 11 3.83 -3.19 -6.24
N GLU A 12 2.56 -2.97 -5.91
CA GLU A 12 1.74 -2.02 -6.65
C GLU A 12 1.68 -0.67 -5.92
N PHE A 13 1.33 0.38 -6.66
CA PHE A 13 1.23 1.71 -6.08
C PHE A 13 0.01 2.45 -6.63
N LEU A 14 -0.28 3.61 -6.06
CA LEU A 14 -1.42 4.42 -6.48
C LEU A 14 -1.13 5.90 -6.31
N ARG A 15 -1.34 6.67 -7.37
CA ARG A 15 -1.11 8.11 -7.33
C ARG A 15 -2.41 8.88 -7.50
N THR A 16 -2.64 9.86 -6.63
CA THR A 16 -3.85 10.67 -6.68
C THR A 16 -3.58 12.02 -7.33
N SER A 17 -4.65 12.74 -7.66
CA SER A 17 -4.53 14.05 -8.29
C SER A 17 -4.46 15.15 -7.24
N LEU A 18 -4.60 14.76 -5.98
CA LEU A 18 -4.55 15.73 -4.88
C LEU A 18 -3.12 15.97 -4.43
N GLY A 19 -2.16 15.50 -5.22
CA GLY A 19 -0.76 15.67 -4.89
C GLY A 19 -0.30 14.71 -3.82
N GLY A 20 -0.85 13.50 -3.83
CA GLY A 20 -0.47 12.50 -2.84
C GLY A 20 -0.26 11.13 -3.46
N ARG A 21 0.54 10.30 -2.79
CA ARG A 21 0.82 8.96 -3.28
C ARG A 21 0.14 7.91 -2.41
N PHE A 22 0.05 6.69 -2.93
CA PHE A 22 -0.59 5.60 -2.19
C PHE A 22 0.14 4.27 -2.46
N LEU A 23 -0.05 3.33 -1.54
CA LEU A 23 0.59 2.02 -1.67
C LEU A 23 -0.44 0.90 -1.58
N VAL A 24 -0.60 0.15 -2.66
CA VAL A 24 -1.55 -0.95 -2.70
C VAL A 24 -0.90 -2.26 -2.24
N HIS A 25 -1.48 -2.86 -1.22
CA HIS A 25 -0.96 -4.12 -0.69
C HIS A 25 -2.02 -4.84 0.14
N GLU A 26 -2.17 -6.14 -0.09
CA GLU A 26 -3.14 -6.94 0.64
C GLU A 26 -4.55 -6.41 0.40
N SER A 27 -4.78 -5.83 -0.76
CA SER A 27 -6.08 -5.28 -1.11
C SER A 27 -6.43 -4.10 -0.22
N PHE A 28 -5.40 -3.41 0.28
CA PHE A 28 -5.61 -2.26 1.15
C PHE A 28 -4.88 -1.04 0.61
N LEU A 29 -4.88 0.04 1.39
CA LEU A 29 -4.23 1.27 0.99
C LEU A 29 -3.42 1.87 2.15
N TYR A 30 -2.17 2.21 1.89
CA TYR A 30 -1.30 2.78 2.91
C TYR A 30 -0.69 4.09 2.43
N ARG A 31 -0.23 4.90 3.38
CA ARG A 31 0.38 6.19 3.05
C ARG A 31 1.84 6.22 3.49
N LYS A 32 2.66 6.96 2.75
CA LYS A 32 4.08 7.08 3.05
C LYS A 32 4.30 7.91 4.31
N GLU A 33 4.71 7.24 5.40
CA GLU A 33 4.96 7.91 6.66
C GLU A 33 6.36 8.52 6.69
N LYS A 34 7.37 7.67 6.54
CA LYS A 34 8.76 8.12 6.55
C LYS A 34 9.64 7.16 5.76
N ALA A 35 10.94 7.43 5.76
CA ALA A 35 11.90 6.60 5.04
C ALA A 35 13.15 6.37 5.86
N ALA A 36 13.44 5.11 6.17
CA ALA A 36 14.61 4.75 6.95
C ALA A 36 15.73 4.21 6.06
N GLY A 37 16.80 3.76 6.68
CA GLY A 37 17.93 3.22 5.92
C GLY A 37 17.48 2.27 4.82
N GLU A 38 17.31 2.82 3.62
CA GLU A 38 16.88 2.02 2.48
C GLU A 38 15.54 1.34 2.76
N LYS A 39 14.64 2.07 3.40
CA LYS A 39 13.32 1.54 3.72
C LYS A 39 12.28 2.66 3.77
N VAL A 40 11.02 2.29 3.60
CA VAL A 40 9.93 3.27 3.63
C VAL A 40 8.76 2.76 4.47
N TYR A 41 8.46 3.49 5.54
CA TYR A 41 7.37 3.11 6.43
C TYR A 41 6.02 3.59 5.89
N TRP A 42 5.03 2.72 5.93
CA TRP A 42 3.70 3.06 5.43
C TRP A 42 2.65 2.84 6.51
N MET A 43 1.47 3.45 6.33
CA MET A 43 0.39 3.33 7.28
C MET A 43 -0.96 3.34 6.58
N CYS A 44 -1.78 2.33 6.86
CA CYS A 44 -3.10 2.23 6.25
C CYS A 44 -3.79 3.59 6.20
N ARG A 45 -3.97 4.11 5.00
CA ARG A 45 -4.62 5.40 4.81
C ARG A 45 -5.83 5.55 5.73
N ASP A 46 -6.67 4.51 5.77
CA ASP A 46 -7.86 4.52 6.60
C ASP A 46 -7.51 4.19 8.05
N GLN A 47 -6.59 4.97 8.63
CA GLN A 47 -6.17 4.75 10.01
C GLN A 47 -7.06 5.52 10.98
N ALA A 48 -7.46 6.73 10.58
CA ALA A 48 -8.31 7.57 11.42
C ALA A 48 -9.78 7.30 11.14
N ARG A 49 -10.23 7.69 9.95
CA ARG A 49 -11.63 7.50 9.56
C ARG A 49 -12.12 6.12 9.98
N LEU A 50 -11.49 5.08 9.45
CA LEU A 50 -11.87 3.71 9.78
C LEU A 50 -11.33 3.30 11.14
N GLY A 51 -10.32 4.04 11.62
CA GLY A 51 -9.73 3.75 12.91
C GLY A 51 -8.78 2.56 12.85
N CYS A 52 -8.03 2.46 11.76
CA CYS A 52 -7.07 1.38 11.59
C CYS A 52 -5.70 1.76 12.14
N ARG A 53 -5.02 0.79 12.72
CA ARG A 53 -3.69 1.03 13.29
C ARG A 53 -2.66 0.06 12.71
N SER A 54 -2.88 -0.35 11.46
CA SER A 54 -1.98 -1.28 10.80
C SER A 54 -0.84 -0.53 10.09
N ARG A 55 0.37 -1.07 10.21
CA ARG A 55 1.53 -0.45 9.59
C ARG A 55 2.27 -1.46 8.71
N ALA A 56 2.78 -0.98 7.57
CA ALA A 56 3.50 -1.84 6.65
C ALA A 56 4.78 -1.17 6.16
N ILE A 57 5.77 -1.97 5.81
CA ILE A 57 7.05 -1.45 5.34
C ILE A 57 7.32 -1.89 3.90
N THR A 58 8.24 -1.20 3.24
CA THR A 58 8.60 -1.52 1.87
C THR A 58 10.10 -1.38 1.64
N GLN A 59 10.68 -2.34 0.93
CA GLN A 59 12.11 -2.32 0.64
C GLN A 59 12.40 -2.93 -0.72
N GLY A 60 12.79 -2.08 -1.68
CA GLY A 60 13.08 -2.56 -3.02
C GLY A 60 11.83 -2.80 -3.84
N HIS A 61 11.43 -4.07 -3.95
CA HIS A 61 10.25 -4.43 -4.73
C HIS A 61 9.32 -5.32 -3.89
N ARG A 62 9.62 -5.45 -2.61
CA ARG A 62 8.82 -6.26 -1.71
C ARG A 62 8.11 -5.40 -0.67
N ILE A 63 7.35 -6.05 0.20
CA ILE A 63 6.61 -5.33 1.24
C ILE A 63 6.52 -6.17 2.52
N MET A 64 6.26 -5.51 3.63
CA MET A 64 6.13 -6.19 4.92
C MET A 64 4.98 -5.60 5.74
N VAL A 65 4.40 -6.43 6.60
CA VAL A 65 3.30 -5.98 7.46
C VAL A 65 3.65 -6.12 8.93
N MET A 66 3.25 -5.13 9.72
CA MET A 66 3.52 -5.13 11.15
C MET A 66 2.32 -5.64 11.93
N ARG A 67 1.17 -5.04 11.66
CA ARG A 67 -0.07 -5.43 12.35
C ARG A 67 -1.18 -5.72 11.34
N SER A 68 -2.30 -6.23 11.84
CA SER A 68 -3.44 -6.56 10.99
C SER A 68 -4.34 -5.35 10.79
N HIS A 69 -5.42 -5.55 10.05
CA HIS A 69 -6.38 -4.47 9.79
C HIS A 69 -7.70 -4.73 10.49
N CYS A 70 -8.26 -3.70 11.11
CA CYS A 70 -9.52 -3.82 11.82
C CYS A 70 -10.70 -3.79 10.85
N HIS A 71 -10.40 -3.58 9.57
CA HIS A 71 -11.43 -3.53 8.54
C HIS A 71 -11.18 -4.57 7.47
N GLN A 72 -12.06 -4.63 6.48
CA GLN A 72 -11.94 -5.59 5.39
C GLN A 72 -11.57 -4.89 4.09
N PRO A 73 -10.84 -5.60 3.21
CA PRO A 73 -10.41 -5.07 1.91
C PRO A 73 -11.59 -4.88 0.95
N ASP A 74 -11.42 -3.98 0.00
CA ASP A 74 -12.45 -3.70 -0.99
C ASP A 74 -11.86 -3.57 -2.39
N LEU A 75 -11.95 -4.64 -3.17
CA LEU A 75 -11.42 -4.65 -4.53
C LEU A 75 -12.15 -3.62 -5.41
N ALA A 76 -13.35 -3.26 -4.99
CA ALA A 76 -14.15 -2.29 -5.73
C ALA A 76 -13.64 -0.87 -5.51
N GLY A 77 -13.69 -0.42 -4.26
CA GLY A 77 -13.23 0.92 -3.94
C GLY A 77 -11.79 1.16 -4.34
N LEU A 78 -10.99 0.10 -4.26
CA LEU A 78 -9.57 0.21 -4.62
C LEU A 78 -9.40 0.31 -6.12
N GLU A 79 -10.08 -0.56 -6.86
CA GLU A 79 -10.01 -0.57 -8.32
C GLU A 79 -10.47 0.77 -8.88
N ALA A 80 -11.37 1.43 -8.17
CA ALA A 80 -11.90 2.71 -8.60
C ALA A 80 -10.80 3.77 -8.66
N LEU A 81 -9.92 3.75 -7.67
CA LEU A 81 -8.82 4.71 -7.61
C LEU A 81 -7.72 4.34 -8.60
N ARG A 82 -7.63 3.06 -8.93
CA ARG A 82 -6.63 2.59 -9.89
C ARG A 82 -7.01 2.96 -11.31
N GLN A 83 -8.31 2.97 -11.60
CA GLN A 83 -8.80 3.32 -12.92
C GLN A 83 -8.34 4.71 -13.33
N ARG A 84 -8.25 5.61 -12.34
CA ARG A 84 -7.83 6.98 -12.60
C ARG A 84 -6.32 7.07 -12.68
N GLU A 85 -5.64 5.95 -12.44
CA GLU A 85 -4.19 5.90 -12.49
C GLU A 85 -3.70 5.24 -13.77
N ARG A 86 -4.48 4.30 -14.27
CA ARG A 86 -4.13 3.58 -15.50
C ARG A 86 -4.66 4.31 -16.72
N LEU A 87 -5.19 5.51 -16.51
CA LEU A 87 -5.73 6.32 -17.60
C LEU A 87 -4.70 7.32 -18.11
ZN ZN B . -6.15 -1.20 7.53
N GLY A 1 -1.85 -19.55 -4.89
CA GLY A 1 -1.50 -20.85 -5.44
C GLY A 1 -0.09 -21.27 -5.09
N SER A 2 0.23 -22.53 -5.34
CA SER A 2 1.56 -23.07 -5.03
C SER A 2 2.54 -22.73 -6.15
N SER A 3 2.98 -21.48 -6.18
CA SER A 3 3.93 -21.02 -7.20
C SER A 3 5.14 -21.94 -7.27
N GLY A 4 5.75 -22.20 -6.11
CA GLY A 4 6.91 -23.07 -6.06
C GLY A 4 8.09 -22.42 -5.36
N SER A 5 8.98 -21.82 -6.14
CA SER A 5 10.16 -21.15 -5.60
C SER A 5 9.90 -19.66 -5.41
N SER A 6 9.13 -19.33 -4.38
CA SER A 6 8.81 -17.93 -4.09
C SER A 6 10.09 -17.10 -3.93
N GLY A 7 10.20 -16.05 -4.72
CA GLY A 7 11.37 -15.19 -4.66
C GLY A 7 11.01 -13.73 -4.50
N LEU A 8 11.83 -12.85 -5.07
CA LEU A 8 11.59 -11.41 -4.98
C LEU A 8 10.32 -11.02 -5.72
N ARG A 9 9.23 -10.83 -4.98
CA ARG A 9 7.96 -10.45 -5.57
C ARG A 9 7.85 -8.94 -5.72
N PRO A 10 7.19 -8.50 -6.81
CA PRO A 10 7.00 -7.07 -7.09
C PRO A 10 6.05 -6.40 -6.11
N LEU A 11 5.66 -5.17 -6.42
CA LEU A 11 4.75 -4.42 -5.56
C LEU A 11 3.93 -3.42 -6.38
N GLU A 12 2.72 -3.14 -5.92
CA GLU A 12 1.84 -2.21 -6.60
C GLU A 12 1.76 -0.88 -5.84
N PHE A 13 1.50 0.19 -6.58
CA PHE A 13 1.40 1.52 -5.98
C PHE A 13 0.27 2.32 -6.61
N LEU A 14 -0.01 3.49 -6.05
CA LEU A 14 -1.08 4.35 -6.55
C LEU A 14 -0.73 5.82 -6.35
N ARG A 15 -1.34 6.68 -7.16
CA ARG A 15 -1.09 8.11 -7.07
C ARG A 15 -2.40 8.88 -6.92
N THR A 16 -2.39 9.91 -6.08
CA THR A 16 -3.57 10.72 -5.84
C THR A 16 -3.39 12.14 -6.40
N SER A 17 -4.49 12.74 -6.82
CA SER A 17 -4.46 14.09 -7.38
C SER A 17 -4.42 15.14 -6.27
N LEU A 18 -5.29 14.97 -5.28
CA LEU A 18 -5.36 15.89 -4.16
C LEU A 18 -4.90 15.22 -2.86
N GLY A 19 -3.64 14.82 -2.82
CA GLY A 19 -3.10 14.17 -1.64
C GLY A 19 -1.65 13.77 -1.80
N GLY A 20 -1.40 12.47 -1.90
CA GLY A 20 -0.04 11.99 -2.06
C GLY A 20 0.02 10.65 -2.76
N ARG A 21 1.14 9.94 -2.60
CA ARG A 21 1.32 8.65 -3.22
C ARG A 21 0.77 7.53 -2.33
N PHE A 22 -0.11 6.72 -2.90
CA PHE A 22 -0.72 5.61 -2.16
C PHE A 22 -0.01 4.29 -2.48
N LEU A 23 -0.30 3.27 -1.69
CA LEU A 23 0.30 1.96 -1.88
C LEU A 23 -0.75 0.86 -1.79
N VAL A 24 -0.73 -0.06 -2.75
CA VAL A 24 -1.68 -1.17 -2.78
C VAL A 24 -1.06 -2.43 -2.20
N HIS A 25 -1.59 -2.87 -1.06
CA HIS A 25 -1.08 -4.08 -0.40
C HIS A 25 -2.20 -4.78 0.37
N GLU A 26 -2.44 -6.04 0.04
CA GLU A 26 -3.48 -6.83 0.69
C GLU A 26 -4.86 -6.22 0.43
N SER A 27 -5.13 -5.91 -0.83
CA SER A 27 -6.41 -5.33 -1.21
C SER A 27 -6.73 -4.11 -0.37
N PHE A 28 -5.68 -3.47 0.16
CA PHE A 28 -5.85 -2.29 1.00
C PHE A 28 -5.07 -1.11 0.43
N LEU A 29 -5.14 0.03 1.11
CA LEU A 29 -4.44 1.24 0.67
C LEU A 29 -3.65 1.85 1.82
N TYR A 30 -2.45 2.32 1.52
CA TYR A 30 -1.59 2.94 2.52
C TYR A 30 -1.00 4.25 2.00
N ARG A 31 -0.56 5.09 2.92
CA ARG A 31 0.03 6.38 2.56
C ARG A 31 1.43 6.51 3.15
N LYS A 32 2.41 6.78 2.28
CA LYS A 32 3.79 6.94 2.70
C LYS A 32 3.88 7.84 3.93
N GLU A 33 4.28 7.25 5.05
CA GLU A 33 4.42 8.01 6.30
C GLU A 33 5.82 8.57 6.44
N LYS A 34 6.83 7.71 6.33
CA LYS A 34 8.21 8.12 6.44
C LYS A 34 9.14 7.08 5.82
N ALA A 35 10.45 7.32 5.94
CA ALA A 35 11.44 6.41 5.39
C ALA A 35 12.67 6.33 6.30
N ALA A 36 13.12 5.11 6.57
CA ALA A 36 14.30 4.91 7.42
C ALA A 36 15.48 4.40 6.61
N GLY A 37 16.02 5.26 5.76
CA GLY A 37 17.15 4.89 4.94
C GLY A 37 16.73 4.27 3.62
N GLU A 38 16.80 2.94 3.54
CA GLU A 38 16.42 2.24 2.33
C GLU A 38 15.03 1.63 2.45
N LYS A 39 14.39 1.86 3.60
CA LYS A 39 13.05 1.35 3.86
C LYS A 39 12.04 2.48 3.93
N VAL A 40 10.83 2.23 3.43
CA VAL A 40 9.77 3.23 3.44
C VAL A 40 8.56 2.74 4.23
N TYR A 41 8.21 3.46 5.29
CA TYR A 41 7.08 3.09 6.12
C TYR A 41 5.76 3.51 5.47
N TRP A 42 4.73 2.69 5.66
CA TRP A 42 3.42 2.97 5.09
C TRP A 42 2.32 2.71 6.11
N MET A 43 1.51 3.73 6.36
CA MET A 43 0.42 3.62 7.33
C MET A 43 -0.93 3.57 6.61
N CYS A 44 -1.82 2.72 7.09
CA CYS A 44 -3.15 2.58 6.50
C CYS A 44 -3.85 3.93 6.41
N ARG A 45 -4.11 4.37 5.18
CA ARG A 45 -4.77 5.65 4.96
C ARG A 45 -5.92 5.85 5.94
N ASP A 46 -6.58 4.75 6.30
CA ASP A 46 -7.71 4.80 7.23
C ASP A 46 -7.21 4.79 8.67
N GLN A 47 -6.19 5.61 8.94
CA GLN A 47 -5.63 5.71 10.28
C GLN A 47 -6.37 6.73 11.12
N ALA A 48 -6.96 7.72 10.46
CA ALA A 48 -7.71 8.76 11.15
C ALA A 48 -9.21 8.47 11.12
N ARG A 49 -9.64 7.71 10.12
CA ARG A 49 -11.05 7.37 9.97
C ARG A 49 -11.36 6.06 10.69
N LEU A 50 -10.69 4.99 10.27
CA LEU A 50 -10.90 3.67 10.88
C LEU A 50 -9.85 3.40 11.94
N GLY A 51 -9.25 4.46 12.48
CA GLY A 51 -8.24 4.31 13.50
C GLY A 51 -7.34 3.12 13.25
N CYS A 52 -7.15 2.77 11.98
CA CYS A 52 -6.31 1.65 11.61
C CYS A 52 -4.83 2.04 11.63
N ARG A 53 -4.14 1.70 12.71
CA ARG A 53 -2.72 2.02 12.85
C ARG A 53 -1.87 1.00 12.08
N SER A 54 -2.52 0.14 11.33
CA SER A 54 -1.82 -0.88 10.55
C SER A 54 -0.77 -0.24 9.64
N ARG A 55 0.50 -0.47 9.96
CA ARG A 55 1.59 0.08 9.18
C ARG A 55 2.36 -1.03 8.45
N ALA A 56 3.21 -0.64 7.51
CA ALA A 56 3.99 -1.59 6.74
C ALA A 56 5.34 -1.00 6.34
N ILE A 57 6.24 -1.85 5.87
CA ILE A 57 7.57 -1.41 5.46
C ILE A 57 7.94 -2.01 4.10
N THR A 58 8.26 -1.14 3.15
CA THR A 58 8.64 -1.58 1.82
C THR A 58 10.15 -1.49 1.61
N GLN A 59 10.67 -2.33 0.71
CA GLN A 59 12.09 -2.35 0.43
C GLN A 59 12.36 -2.84 -0.99
N GLY A 60 12.80 -1.93 -1.85
CA GLY A 60 13.09 -2.29 -3.23
C GLY A 60 11.83 -2.56 -4.03
N HIS A 61 11.47 -3.84 -4.14
CA HIS A 61 10.28 -4.24 -4.89
C HIS A 61 9.39 -5.14 -4.04
N ARG A 62 9.71 -5.26 -2.75
CA ARG A 62 8.94 -6.09 -1.85
C ARG A 62 8.20 -5.24 -0.83
N ILE A 63 7.51 -5.89 0.10
CA ILE A 63 6.74 -5.18 1.13
C ILE A 63 6.71 -5.98 2.42
N MET A 64 6.42 -5.30 3.53
CA MET A 64 6.35 -5.95 4.83
C MET A 64 5.22 -5.36 5.67
N VAL A 65 4.63 -6.20 6.52
CA VAL A 65 3.53 -5.76 7.38
C VAL A 65 3.90 -5.91 8.85
N MET A 66 3.46 -4.94 9.66
CA MET A 66 3.75 -4.95 11.09
C MET A 66 2.51 -5.33 11.89
N ARG A 67 1.46 -4.52 11.78
CA ARG A 67 0.22 -4.78 12.49
C ARG A 67 -0.92 -5.08 11.51
N SER A 68 -1.86 -5.92 11.95
CA SER A 68 -2.99 -6.29 11.10
C SER A 68 -3.92 -5.11 10.89
N HIS A 69 -5.03 -5.35 10.22
CA HIS A 69 -6.02 -4.31 9.94
C HIS A 69 -7.31 -4.56 10.72
N CYS A 70 -7.92 -3.48 11.20
CA CYS A 70 -9.16 -3.57 11.95
C CYS A 70 -10.37 -3.45 11.03
N HIS A 71 -10.12 -3.47 9.72
CA HIS A 71 -11.19 -3.34 8.74
C HIS A 71 -10.96 -4.31 7.57
N GLN A 72 -12.02 -4.58 6.81
CA GLN A 72 -11.93 -5.47 5.68
C GLN A 72 -11.69 -4.69 4.39
N PRO A 73 -11.10 -5.37 3.39
CA PRO A 73 -10.79 -4.75 2.09
C PRO A 73 -12.06 -4.47 1.28
N ASP A 74 -11.96 -3.51 0.37
CA ASP A 74 -13.09 -3.13 -0.47
C ASP A 74 -12.65 -2.99 -1.92
N LEU A 75 -12.54 -4.11 -2.62
CA LEU A 75 -12.13 -4.11 -4.02
C LEU A 75 -12.91 -3.06 -4.81
N ALA A 76 -14.09 -2.70 -4.31
CA ALA A 76 -14.92 -1.71 -4.97
C ALA A 76 -14.32 -0.31 -4.84
N GLY A 77 -13.97 0.06 -3.62
CA GLY A 77 -13.39 1.38 -3.39
C GLY A 77 -11.99 1.50 -3.96
N LEU A 78 -11.21 0.43 -3.85
CA LEU A 78 -9.85 0.42 -4.37
C LEU A 78 -9.84 0.45 -5.89
N GLU A 79 -10.74 -0.32 -6.50
CA GLU A 79 -10.83 -0.38 -7.95
C GLU A 79 -11.16 0.99 -8.53
N ALA A 80 -11.76 1.84 -7.71
CA ALA A 80 -12.13 3.18 -8.14
C ALA A 80 -10.90 4.04 -8.40
N LEU A 81 -10.09 4.23 -7.35
CA LEU A 81 -8.88 5.03 -7.47
C LEU A 81 -8.01 4.54 -8.62
N ARG A 82 -7.83 3.23 -8.71
CA ARG A 82 -7.02 2.65 -9.78
C ARG A 82 -7.66 2.89 -11.14
N GLN A 83 -8.97 3.10 -11.14
CA GLN A 83 -9.69 3.35 -12.39
C GLN A 83 -9.63 4.83 -12.77
N ARG A 84 -9.58 5.70 -11.76
CA ARG A 84 -9.51 7.13 -11.99
C ARG A 84 -8.13 7.54 -12.52
N GLU A 85 -7.15 6.66 -12.32
CA GLU A 85 -5.79 6.93 -12.78
C GLU A 85 -5.67 6.70 -14.28
N ARG A 86 -6.38 5.69 -14.78
CA ARG A 86 -6.35 5.35 -16.20
C ARG A 86 -7.43 6.11 -16.96
N LEU A 87 -7.47 7.43 -16.79
CA LEU A 87 -8.46 8.26 -17.46
C LEU A 87 -7.87 9.62 -17.82
ZN ZN B . -6.12 -1.12 7.61
N GLY A 1 15.75 -14.51 -24.12
CA GLY A 1 15.39 -15.29 -22.95
C GLY A 1 15.88 -14.65 -21.67
N SER A 2 14.95 -14.10 -20.89
CA SER A 2 15.29 -13.45 -19.63
C SER A 2 14.49 -14.05 -18.48
N SER A 3 15.18 -14.41 -17.41
CA SER A 3 14.53 -14.99 -16.24
C SER A 3 15.05 -14.35 -14.95
N GLY A 4 14.49 -14.77 -13.82
CA GLY A 4 14.91 -14.23 -12.55
C GLY A 4 14.49 -15.11 -11.38
N SER A 5 14.59 -14.57 -10.17
CA SER A 5 14.21 -15.31 -8.97
C SER A 5 12.76 -15.04 -8.60
N SER A 6 12.19 -15.92 -7.77
CA SER A 6 10.81 -15.79 -7.34
C SER A 6 10.74 -15.31 -5.90
N GLY A 7 11.85 -14.77 -5.39
CA GLY A 7 11.88 -14.28 -4.03
C GLY A 7 11.50 -12.82 -3.93
N LEU A 8 12.14 -11.98 -4.74
CA LEU A 8 11.87 -10.55 -4.73
C LEU A 8 10.57 -10.24 -5.45
N ARG A 9 9.47 -10.19 -4.70
CA ARG A 9 8.16 -9.91 -5.28
C ARG A 9 7.97 -8.41 -5.45
N PRO A 10 7.27 -8.03 -6.54
CA PRO A 10 7.00 -6.63 -6.85
C PRO A 10 6.00 -6.00 -5.89
N LEU A 11 5.56 -4.79 -6.21
CA LEU A 11 4.60 -4.08 -5.36
C LEU A 11 3.70 -3.18 -6.19
N GLU A 12 2.49 -2.94 -5.71
CA GLU A 12 1.54 -2.09 -6.41
C GLU A 12 1.41 -0.73 -5.72
N PHE A 13 1.29 0.32 -6.54
CA PHE A 13 1.16 1.68 -6.01
C PHE A 13 0.13 2.48 -6.80
N LEU A 14 -0.23 3.65 -6.29
CA LEU A 14 -1.20 4.51 -6.95
C LEU A 14 -0.82 5.98 -6.80
N ARG A 15 -1.15 6.78 -7.81
CA ARG A 15 -0.84 8.20 -7.79
C ARG A 15 -2.11 9.03 -7.95
N THR A 16 -2.47 9.77 -6.90
CA THR A 16 -3.66 10.60 -6.94
C THR A 16 -3.32 12.06 -6.66
N SER A 17 -3.94 12.97 -7.41
CA SER A 17 -3.71 14.39 -7.25
C SER A 17 -3.74 14.79 -5.78
N LEU A 18 -4.88 14.51 -5.14
CA LEU A 18 -5.05 14.84 -3.73
C LEU A 18 -4.52 13.73 -2.84
N GLY A 19 -3.95 14.10 -1.70
CA GLY A 19 -3.41 13.12 -0.77
C GLY A 19 -1.99 12.73 -1.10
N GLY A 20 -1.65 12.76 -2.39
CA GLY A 20 -0.31 12.42 -2.82
C GLY A 20 -0.23 11.03 -3.43
N ARG A 21 0.67 10.21 -2.94
CA ARG A 21 0.85 8.86 -3.45
C ARG A 21 0.24 7.84 -2.50
N PHE A 22 -0.12 6.67 -3.03
CA PHE A 22 -0.72 5.60 -2.22
C PHE A 22 0.00 4.28 -2.45
N LEU A 23 -0.14 3.37 -1.49
CA LEU A 23 0.50 2.06 -1.58
C LEU A 23 -0.53 0.94 -1.51
N VAL A 24 -0.66 0.19 -2.59
CA VAL A 24 -1.62 -0.91 -2.64
C VAL A 24 -0.98 -2.21 -2.17
N HIS A 25 -1.49 -2.75 -1.08
CA HIS A 25 -0.97 -4.00 -0.52
C HIS A 25 -2.05 -4.73 0.28
N GLU A 26 -2.23 -6.01 -0.01
CA GLU A 26 -3.23 -6.82 0.68
C GLU A 26 -4.64 -6.27 0.43
N SER A 27 -4.88 -5.81 -0.79
CA SER A 27 -6.18 -5.25 -1.15
C SER A 27 -6.53 -4.04 -0.28
N PHE A 28 -5.50 -3.38 0.23
CA PHE A 28 -5.69 -2.22 1.08
C PHE A 28 -4.89 -1.02 0.56
N LEU A 29 -4.94 0.07 1.30
CA LEU A 29 -4.23 1.30 0.92
C LEU A 29 -3.48 1.89 2.11
N TYR A 30 -2.23 2.27 1.89
CA TYR A 30 -1.41 2.85 2.93
C TYR A 30 -0.78 4.17 2.46
N ARG A 31 -0.19 4.90 3.41
CA ARG A 31 0.45 6.17 3.09
C ARG A 31 1.86 6.22 3.66
N LYS A 32 2.80 6.74 2.88
CA LYS A 32 4.19 6.84 3.31
C LYS A 32 4.32 7.75 4.53
N GLU A 33 4.69 7.16 5.66
CA GLU A 33 4.85 7.91 6.91
C GLU A 33 6.26 8.47 7.02
N LYS A 34 7.25 7.62 6.78
CA LYS A 34 8.65 8.03 6.85
C LYS A 34 9.54 7.11 6.02
N ALA A 35 10.78 7.51 5.83
CA ALA A 35 11.74 6.73 5.06
C ALA A 35 13.08 6.62 5.77
N ALA A 36 13.52 5.39 6.02
CA ALA A 36 14.80 5.16 6.70
C ALA A 36 15.91 4.93 5.69
N GLY A 37 15.84 5.62 4.55
CA GLY A 37 16.85 5.47 3.52
C GLY A 37 16.44 4.50 2.44
N GLU A 38 16.75 3.22 2.63
CA GLU A 38 16.39 2.19 1.66
C GLU A 38 15.04 1.57 1.98
N LYS A 39 14.42 2.05 3.05
CA LYS A 39 13.11 1.55 3.46
C LYS A 39 12.08 2.67 3.51
N VAL A 40 10.81 2.31 3.42
CA VAL A 40 9.73 3.28 3.45
C VAL A 40 8.56 2.78 4.31
N TYR A 41 8.33 3.45 5.43
CA TYR A 41 7.25 3.08 6.33
C TYR A 41 5.91 3.56 5.80
N TRP A 42 4.89 2.70 5.94
CA TRP A 42 3.55 3.04 5.47
C TRP A 42 2.52 2.82 6.56
N MET A 43 1.32 3.35 6.36
CA MET A 43 0.25 3.21 7.33
C MET A 43 -1.12 3.25 6.65
N CYS A 44 -2.03 2.41 7.12
CA CYS A 44 -3.38 2.36 6.56
C CYS A 44 -4.00 3.76 6.47
N ARG A 45 -4.08 4.29 5.26
CA ARG A 45 -4.64 5.62 5.05
C ARG A 45 -5.87 5.83 5.94
N ASP A 46 -6.63 4.76 6.17
CA ASP A 46 -7.82 4.83 6.99
C ASP A 46 -7.45 4.88 8.47
N GLN A 47 -6.58 5.82 8.84
CA GLN A 47 -6.15 5.97 10.21
C GLN A 47 -7.26 6.58 11.07
N ALA A 48 -7.81 7.69 10.59
CA ALA A 48 -8.88 8.38 11.32
C ALA A 48 -10.25 7.99 10.76
N ARG A 49 -10.25 7.29 9.63
CA ARG A 49 -11.49 6.85 9.01
C ARG A 49 -11.99 5.55 9.63
N LEU A 50 -11.17 4.51 9.54
CA LEU A 50 -11.53 3.21 10.09
C LEU A 50 -10.73 2.91 11.35
N GLY A 51 -10.29 3.96 12.02
CA GLY A 51 -9.51 3.80 13.24
C GLY A 51 -8.47 2.70 13.12
N CYS A 52 -8.07 2.40 11.89
CA CYS A 52 -7.08 1.36 11.63
C CYS A 52 -5.68 1.87 11.94
N ARG A 53 -4.86 1.00 12.52
CA ARG A 53 -3.48 1.36 12.86
C ARG A 53 -2.49 0.42 12.20
N SER A 54 -2.92 -0.23 11.12
CA SER A 54 -2.07 -1.17 10.40
C SER A 54 -0.90 -0.44 9.74
N ARG A 55 0.29 -1.03 9.86
CA ARG A 55 1.49 -0.44 9.29
C ARG A 55 2.25 -1.46 8.45
N ALA A 56 3.11 -0.97 7.56
CA ALA A 56 3.90 -1.85 6.70
C ALA A 56 5.18 -1.17 6.25
N ILE A 57 6.22 -1.95 6.01
CA ILE A 57 7.51 -1.43 5.57
C ILE A 57 7.91 -2.00 4.22
N THR A 58 8.32 -1.12 3.31
CA THR A 58 8.72 -1.54 1.97
C THR A 58 10.23 -1.39 1.80
N GLN A 59 10.83 -2.32 1.05
CA GLN A 59 12.26 -2.29 0.80
C GLN A 59 12.57 -2.53 -0.67
N GLY A 60 12.57 -1.45 -1.46
CA GLY A 60 12.84 -1.56 -2.88
C GLY A 60 11.60 -1.90 -3.68
N HIS A 61 11.31 -3.20 -3.81
CA HIS A 61 10.14 -3.65 -4.56
C HIS A 61 9.28 -4.57 -3.71
N ARG A 62 9.80 -4.97 -2.56
CA ARG A 62 9.07 -5.85 -1.66
C ARG A 62 8.29 -5.05 -0.63
N ILE A 63 7.58 -5.76 0.25
CA ILE A 63 6.80 -5.11 1.30
C ILE A 63 6.68 -5.99 2.53
N MET A 64 6.39 -5.37 3.67
CA MET A 64 6.25 -6.11 4.92
C MET A 64 5.15 -5.50 5.79
N VAL A 65 4.39 -6.36 6.47
CA VAL A 65 3.30 -5.91 7.33
C VAL A 65 3.71 -5.96 8.80
N MET A 66 3.28 -4.96 9.56
CA MET A 66 3.61 -4.88 10.98
C MET A 66 2.35 -5.03 11.82
N ARG A 67 1.43 -4.08 11.70
CA ARG A 67 0.19 -4.11 12.46
C ARG A 67 -0.96 -4.60 11.58
N SER A 68 -1.81 -5.46 12.15
CA SER A 68 -2.94 -6.01 11.42
C SER A 68 -3.99 -4.93 11.17
N HIS A 69 -5.06 -5.30 10.48
CA HIS A 69 -6.14 -4.37 10.17
C HIS A 69 -7.41 -4.74 10.92
N CYS A 70 -8.17 -3.73 11.32
CA CYS A 70 -9.41 -3.94 12.05
C CYS A 70 -10.62 -3.90 11.12
N HIS A 71 -10.35 -3.96 9.81
CA HIS A 71 -11.41 -3.93 8.81
C HIS A 71 -11.11 -4.90 7.66
N GLN A 72 -12.02 -4.97 6.71
CA GLN A 72 -11.85 -5.86 5.56
C GLN A 72 -11.62 -5.07 4.28
N PRO A 73 -10.90 -5.68 3.32
CA PRO A 73 -10.61 -5.04 2.03
C PRO A 73 -11.84 -4.90 1.16
N ASP A 74 -11.78 -3.95 0.23
CA ASP A 74 -12.90 -3.71 -0.68
C ASP A 74 -12.40 -3.52 -2.12
N LEU A 75 -12.20 -4.64 -2.80
CA LEU A 75 -11.73 -4.61 -4.19
C LEU A 75 -12.53 -3.60 -5.01
N ALA A 76 -13.78 -3.41 -4.63
CA ALA A 76 -14.65 -2.47 -5.34
C ALA A 76 -14.20 -1.03 -5.13
N GLY A 77 -13.99 -0.65 -3.88
CA GLY A 77 -13.55 0.69 -3.57
C GLY A 77 -12.18 1.00 -4.14
N LEU A 78 -11.26 0.03 -4.03
CA LEU A 78 -9.91 0.21 -4.53
C LEU A 78 -9.89 0.27 -6.06
N GLU A 79 -10.52 -0.72 -6.68
CA GLU A 79 -10.58 -0.78 -8.15
C GLU A 79 -11.07 0.55 -8.72
N ALA A 80 -11.76 1.33 -7.90
CA ALA A 80 -12.27 2.62 -8.32
C ALA A 80 -11.14 3.62 -8.53
N LEU A 81 -10.49 4.00 -7.43
CA LEU A 81 -9.39 4.96 -7.49
C LEU A 81 -8.54 4.74 -8.73
N ARG A 82 -8.11 3.49 -8.93
CA ARG A 82 -7.28 3.14 -10.08
C ARG A 82 -7.95 3.60 -11.38
N GLN A 83 -9.18 3.14 -11.61
CA GLN A 83 -9.92 3.51 -12.81
C GLN A 83 -10.26 5.00 -12.82
N ARG A 84 -10.20 5.61 -11.64
CA ARG A 84 -10.51 7.03 -11.50
C ARG A 84 -9.27 7.88 -11.77
N GLU A 85 -8.10 7.30 -11.50
CA GLU A 85 -6.84 8.02 -11.73
C GLU A 85 -6.56 8.20 -13.21
N ARG A 86 -6.86 7.17 -13.99
CA ARG A 86 -6.64 7.21 -15.44
C ARG A 86 -7.94 6.94 -16.19
N LEU A 87 -7.92 7.16 -17.50
CA LEU A 87 -9.09 6.94 -18.34
C LEU A 87 -9.66 5.55 -18.11
ZN ZN B . -6.26 -1.26 7.63
N GLY A 1 8.67 -29.71 -0.89
CA GLY A 1 8.82 -29.12 -2.21
C GLY A 1 8.82 -27.60 -2.16
N SER A 2 9.46 -26.97 -3.14
CA SER A 2 9.52 -25.52 -3.21
C SER A 2 9.63 -25.04 -4.66
N SER A 3 8.66 -24.25 -5.09
CA SER A 3 8.65 -23.72 -6.44
C SER A 3 9.78 -22.71 -6.65
N GLY A 4 10.83 -23.15 -7.33
CA GLY A 4 11.96 -22.27 -7.58
C GLY A 4 11.53 -20.86 -7.90
N SER A 5 12.22 -19.88 -7.31
CA SER A 5 11.89 -18.47 -7.54
C SER A 5 12.80 -17.87 -8.61
N SER A 6 12.22 -17.13 -9.53
CA SER A 6 12.97 -16.51 -10.61
C SER A 6 13.40 -15.09 -10.22
N GLY A 7 13.07 -14.70 -9.00
CA GLY A 7 13.43 -13.37 -8.53
C GLY A 7 12.55 -12.90 -7.39
N LEU A 8 11.80 -11.83 -7.63
CA LEU A 8 10.90 -11.28 -6.63
C LEU A 8 9.74 -10.52 -7.27
N ARG A 9 8.53 -10.78 -6.79
CA ARG A 9 7.34 -10.13 -7.33
C ARG A 9 7.37 -8.64 -7.01
N PRO A 10 6.86 -7.84 -7.96
CA PRO A 10 6.81 -6.37 -7.81
C PRO A 10 5.79 -5.94 -6.76
N LEU A 11 5.54 -4.63 -6.69
CA LEU A 11 4.58 -4.09 -5.73
C LEU A 11 3.60 -3.14 -6.41
N GLU A 12 2.36 -3.17 -5.96
CA GLU A 12 1.32 -2.31 -6.53
C GLU A 12 1.30 -0.95 -5.84
N PHE A 13 1.21 0.11 -6.63
CA PHE A 13 1.18 1.46 -6.10
C PHE A 13 0.09 2.29 -6.76
N LEU A 14 -0.14 3.49 -6.25
CA LEU A 14 -1.16 4.38 -6.79
C LEU A 14 -0.73 5.84 -6.68
N ARG A 15 -1.20 6.66 -7.61
CA ARG A 15 -0.87 8.08 -7.62
C ARG A 15 -2.13 8.94 -7.68
N THR A 16 -2.37 9.72 -6.64
CA THR A 16 -3.54 10.59 -6.58
C THR A 16 -3.14 12.04 -6.39
N SER A 17 -3.96 12.95 -6.91
CA SER A 17 -3.69 14.38 -6.81
C SER A 17 -4.12 14.91 -5.44
N LEU A 18 -5.36 14.65 -5.06
CA LEU A 18 -5.89 15.10 -3.78
C LEU A 18 -5.45 14.17 -2.65
N GLY A 19 -4.15 14.17 -2.37
CA GLY A 19 -3.63 13.31 -1.31
C GLY A 19 -2.15 13.06 -1.46
N GLY A 20 -1.74 12.57 -2.61
CA GLY A 20 -0.34 12.28 -2.86
C GLY A 20 -0.12 10.91 -3.47
N ARG A 21 0.77 10.14 -2.85
CA ARG A 21 1.08 8.80 -3.34
C ARG A 21 0.46 7.74 -2.43
N PHE A 22 -0.14 6.72 -3.03
CA PHE A 22 -0.77 5.64 -2.28
C PHE A 22 -0.09 4.31 -2.56
N LEU A 23 -0.24 3.37 -1.64
CA LEU A 23 0.36 2.04 -1.78
C LEU A 23 -0.69 0.94 -1.68
N VAL A 24 -0.87 0.21 -2.77
CA VAL A 24 -1.85 -0.88 -2.80
C VAL A 24 -1.21 -2.19 -2.38
N HIS A 25 -1.65 -2.72 -1.23
CA HIS A 25 -1.12 -3.98 -0.72
C HIS A 25 -2.19 -4.74 0.06
N GLU A 26 -2.45 -5.98 -0.35
CA GLU A 26 -3.45 -6.81 0.32
C GLU A 26 -4.83 -6.19 0.18
N SER A 27 -5.16 -5.72 -1.03
CA SER A 27 -6.46 -5.11 -1.28
C SER A 27 -6.70 -3.95 -0.33
N PHE A 28 -5.62 -3.36 0.17
CA PHE A 28 -5.72 -2.24 1.10
C PHE A 28 -4.91 -1.04 0.59
N LEU A 29 -5.04 0.09 1.28
CA LEU A 29 -4.32 1.30 0.90
C LEU A 29 -3.53 1.85 2.08
N TYR A 30 -2.28 2.22 1.82
CA TYR A 30 -1.42 2.77 2.86
C TYR A 30 -0.81 4.10 2.42
N ARG A 31 -0.21 4.81 3.38
CA ARG A 31 0.41 6.09 3.08
C ARG A 31 1.80 6.17 3.71
N LYS A 32 2.76 6.64 2.91
CA LYS A 32 4.14 6.77 3.39
C LYS A 32 4.21 7.62 4.65
N GLU A 33 4.61 7.01 5.75
CA GLU A 33 4.72 7.72 7.03
C GLU A 33 6.10 8.35 7.19
N LYS A 34 7.13 7.51 7.11
CA LYS A 34 8.51 7.97 7.24
C LYS A 34 9.46 7.08 6.47
N ALA A 35 10.75 7.39 6.56
CA ALA A 35 11.78 6.60 5.87
C ALA A 35 12.93 6.27 6.80
N ALA A 36 13.43 5.04 6.70
CA ALA A 36 14.54 4.58 7.53
C ALA A 36 15.80 4.38 6.70
N GLY A 37 15.99 5.24 5.70
CA GLY A 37 17.15 5.13 4.85
C GLY A 37 16.86 4.42 3.55
N GLU A 38 16.79 3.10 3.59
CA GLU A 38 16.50 2.31 2.40
C GLU A 38 15.07 1.79 2.42
N LYS A 39 14.48 1.75 3.60
CA LYS A 39 13.11 1.27 3.76
C LYS A 39 12.12 2.44 3.84
N VAL A 40 10.84 2.14 3.66
CA VAL A 40 9.81 3.17 3.70
C VAL A 40 8.63 2.71 4.54
N TYR A 41 8.32 3.45 5.60
CA TYR A 41 7.20 3.12 6.48
C TYR A 41 5.88 3.56 5.87
N TRP A 42 4.84 2.74 6.05
CA TRP A 42 3.53 3.04 5.52
C TRP A 42 2.45 2.79 6.57
N MET A 43 1.35 3.54 6.48
CA MET A 43 0.25 3.40 7.42
C MET A 43 -1.09 3.34 6.69
N CYS A 44 -1.96 2.44 7.12
CA CYS A 44 -3.27 2.28 6.51
C CYS A 44 -3.99 3.62 6.40
N ARG A 45 -4.04 4.17 5.19
CA ARG A 45 -4.69 5.45 4.95
C ARG A 45 -5.98 5.56 5.75
N ASP A 46 -6.61 4.41 6.02
CA ASP A 46 -7.85 4.38 6.77
C ASP A 46 -7.57 4.30 8.26
N GLN A 47 -6.69 5.17 8.75
CA GLN A 47 -6.34 5.19 10.16
C GLN A 47 -7.35 6.01 10.97
N ALA A 48 -7.79 7.13 10.39
CA ALA A 48 -8.75 7.99 11.05
C ALA A 48 -10.18 7.65 10.62
N ARG A 49 -10.30 6.79 9.61
CA ARG A 49 -11.60 6.39 9.10
C ARG A 49 -12.02 5.05 9.71
N LEU A 50 -11.17 4.04 9.56
CA LEU A 50 -11.45 2.71 10.09
C LEU A 50 -10.59 2.41 11.31
N GLY A 51 -10.19 3.47 12.01
CA GLY A 51 -9.37 3.30 13.20
C GLY A 51 -8.40 2.15 13.07
N CYS A 52 -7.57 2.17 12.03
CA CYS A 52 -6.60 1.11 11.80
C CYS A 52 -5.20 1.70 11.64
N ARG A 53 -4.30 1.31 12.53
CA ARG A 53 -2.92 1.80 12.49
C ARG A 53 -2.03 0.83 11.71
N SER A 54 -2.64 -0.22 11.17
CA SER A 54 -1.90 -1.21 10.41
C SER A 54 -0.86 -0.55 9.51
N ARG A 55 0.41 -0.66 9.91
CA ARG A 55 1.50 -0.06 9.14
C ARG A 55 2.25 -1.13 8.35
N ALA A 56 3.27 -0.70 7.61
CA ALA A 56 4.07 -1.62 6.81
C ALA A 56 5.40 -0.99 6.42
N ILE A 57 6.31 -1.81 5.92
CA ILE A 57 7.63 -1.33 5.50
C ILE A 57 7.99 -1.86 4.11
N THR A 58 8.29 -0.93 3.20
CA THR A 58 8.65 -1.30 1.84
C THR A 58 10.13 -1.05 1.58
N GLN A 59 10.75 -1.97 0.83
CA GLN A 59 12.17 -1.84 0.51
C GLN A 59 12.46 -2.42 -0.87
N GLY A 60 12.81 -1.54 -1.81
CA GLY A 60 13.11 -1.99 -3.16
C GLY A 60 11.87 -2.17 -4.01
N HIS A 61 11.46 -3.42 -4.18
CA HIS A 61 10.27 -3.73 -4.97
C HIS A 61 9.33 -4.64 -4.21
N ARG A 62 9.61 -4.83 -2.92
CA ARG A 62 8.78 -5.69 -2.07
C ARG A 62 8.06 -4.86 -1.00
N ILE A 63 7.36 -5.55 -0.11
CA ILE A 63 6.63 -4.88 0.96
C ILE A 63 6.55 -5.76 2.20
N MET A 64 6.43 -5.12 3.36
CA MET A 64 6.33 -5.85 4.62
C MET A 64 5.23 -5.28 5.50
N VAL A 65 4.60 -6.14 6.30
CA VAL A 65 3.52 -5.72 7.19
C VAL A 65 3.90 -5.94 8.65
N MET A 66 3.56 -4.96 9.49
CA MET A 66 3.87 -5.05 10.91
C MET A 66 2.60 -5.28 11.72
N ARG A 67 1.61 -4.41 11.54
CA ARG A 67 0.35 -4.53 12.26
C ARG A 67 -0.74 -5.10 11.36
N SER A 68 -1.79 -5.63 11.97
CA SER A 68 -2.91 -6.22 11.22
C SER A 68 -4.03 -5.21 11.03
N HIS A 69 -4.97 -5.54 10.14
CA HIS A 69 -6.09 -4.66 9.86
C HIS A 69 -7.36 -5.19 10.53
N CYS A 70 -8.05 -4.30 11.25
CA CYS A 70 -9.28 -4.67 11.94
C CYS A 70 -10.49 -4.48 11.03
N HIS A 71 -10.24 -4.28 9.74
CA HIS A 71 -11.30 -4.09 8.77
C HIS A 71 -11.08 -4.95 7.53
N GLN A 72 -12.06 -4.97 6.64
CA GLN A 72 -11.97 -5.74 5.42
C GLN A 72 -11.70 -4.85 4.21
N PRO A 73 -11.03 -5.42 3.19
CA PRO A 73 -10.69 -4.69 1.97
C PRO A 73 -11.92 -4.38 1.12
N ASP A 74 -11.84 -3.28 0.36
CA ASP A 74 -12.95 -2.88 -0.50
C ASP A 74 -12.56 -3.02 -1.97
N LEU A 75 -12.66 -4.23 -2.50
CA LEU A 75 -12.34 -4.49 -3.90
C LEU A 75 -13.05 -3.51 -4.82
N ALA A 76 -14.09 -2.87 -4.30
CA ALA A 76 -14.86 -1.90 -5.07
C ALA A 76 -14.29 -0.50 -4.94
N GLY A 77 -14.16 -0.05 -3.69
CA GLY A 77 -13.62 1.28 -3.44
C GLY A 77 -12.22 1.46 -4.00
N LEU A 78 -11.42 0.41 -3.90
CA LEU A 78 -10.04 0.45 -4.39
C LEU A 78 -10.01 0.52 -5.92
N GLU A 79 -10.75 -0.38 -6.56
CA GLU A 79 -10.81 -0.42 -8.02
C GLU A 79 -11.20 0.95 -8.58
N ALA A 80 -11.99 1.68 -7.82
CA ALA A 80 -12.44 3.01 -8.24
C ALA A 80 -11.28 4.00 -8.24
N LEU A 81 -10.30 3.77 -7.38
CA LEU A 81 -9.13 4.64 -7.29
C LEU A 81 -8.14 4.34 -8.42
N ARG A 82 -7.98 3.07 -8.73
CA ARG A 82 -7.06 2.65 -9.79
C ARG A 82 -7.63 3.00 -11.16
N GLN A 83 -8.92 2.76 -11.35
CA GLN A 83 -9.58 3.04 -12.61
C GLN A 83 -9.48 4.53 -12.96
N ARG A 84 -9.77 5.37 -11.98
CA ARG A 84 -9.72 6.82 -12.17
C ARG A 84 -8.28 7.28 -12.39
N GLU A 85 -7.34 6.60 -11.75
CA GLU A 85 -5.93 6.95 -11.87
C GLU A 85 -5.61 7.46 -13.27
N ARG A 86 -6.06 6.74 -14.28
CA ARG A 86 -5.83 7.12 -15.66
C ARG A 86 -6.92 8.06 -16.17
N LEU A 87 -6.58 8.87 -17.15
CA LEU A 87 -7.54 9.83 -17.71
C LEU A 87 -8.53 9.12 -18.64
ZN ZN B . -5.96 -1.37 7.69
N GLY A 1 11.50 -4.20 -16.24
CA GLY A 1 10.78 -4.83 -15.15
C GLY A 1 11.50 -6.05 -14.61
N SER A 2 12.44 -5.82 -13.69
CA SER A 2 13.20 -6.92 -13.11
C SER A 2 12.27 -8.01 -12.58
N SER A 3 12.06 -9.04 -13.42
CA SER A 3 11.19 -10.15 -13.05
C SER A 3 11.95 -11.46 -13.09
N GLY A 4 11.40 -12.48 -12.42
CA GLY A 4 12.04 -13.78 -12.39
C GLY A 4 11.29 -14.77 -11.53
N SER A 5 11.79 -16.01 -11.48
CA SER A 5 11.15 -17.05 -10.70
C SER A 5 11.85 -17.22 -9.35
N SER A 6 13.18 -17.03 -9.35
CA SER A 6 13.96 -17.16 -8.12
C SER A 6 14.47 -15.80 -7.66
N GLY A 7 13.76 -15.19 -6.72
CA GLY A 7 14.16 -13.91 -6.21
C GLY A 7 13.15 -13.33 -5.23
N LEU A 8 12.64 -12.14 -5.55
CA LEU A 8 11.66 -11.48 -4.69
C LEU A 8 10.40 -11.14 -5.46
N ARG A 9 9.39 -10.63 -4.76
CA ARG A 9 8.13 -10.26 -5.39
C ARG A 9 7.99 -8.74 -5.49
N PRO A 10 7.40 -8.26 -6.59
CA PRO A 10 7.20 -6.83 -6.83
C PRO A 10 6.17 -6.22 -5.89
N LEU A 11 5.78 -4.98 -6.16
CA LEU A 11 4.78 -4.30 -5.35
C LEU A 11 4.01 -3.28 -6.17
N GLU A 12 2.73 -3.08 -5.81
CA GLU A 12 1.89 -2.14 -6.52
C GLU A 12 1.71 -0.85 -5.73
N PHE A 13 1.59 0.27 -6.43
CA PHE A 13 1.43 1.57 -5.79
C PHE A 13 0.40 2.42 -6.54
N LEU A 14 0.06 3.57 -5.96
CA LEU A 14 -0.91 4.47 -6.58
C LEU A 14 -0.50 5.92 -6.36
N ARG A 15 -1.00 6.81 -7.22
CA ARG A 15 -0.69 8.22 -7.12
C ARG A 15 -1.96 9.06 -7.05
N THR A 16 -2.13 9.80 -5.96
CA THR A 16 -3.31 10.64 -5.76
C THR A 16 -2.91 12.09 -5.55
N SER A 17 -3.58 13.00 -6.26
CA SER A 17 -3.30 14.42 -6.15
C SER A 17 -3.64 14.93 -4.75
N LEU A 18 -4.54 14.24 -4.07
CA LEU A 18 -4.94 14.62 -2.72
C LEU A 18 -4.54 13.54 -1.71
N GLY A 19 -3.27 13.59 -1.29
CA GLY A 19 -2.78 12.62 -0.33
C GLY A 19 -1.30 12.32 -0.52
N GLY A 20 -0.81 12.52 -1.74
CA GLY A 20 0.59 12.26 -2.02
C GLY A 20 0.80 10.97 -2.80
N ARG A 21 1.12 9.90 -2.08
CA ARG A 21 1.34 8.60 -2.71
C ARG A 21 0.64 7.49 -1.95
N PHE A 22 0.01 6.58 -2.68
CA PHE A 22 -0.71 5.47 -2.07
C PHE A 22 -0.02 4.14 -2.37
N LEU A 23 -0.31 3.13 -1.55
CA LEU A 23 0.29 1.81 -1.73
C LEU A 23 -0.77 0.72 -1.68
N VAL A 24 -0.74 -0.18 -2.66
CA VAL A 24 -1.71 -1.27 -2.72
C VAL A 24 -1.12 -2.55 -2.14
N HIS A 25 -1.66 -2.97 -1.00
CA HIS A 25 -1.19 -4.19 -0.33
C HIS A 25 -2.33 -4.88 0.41
N GLU A 26 -2.49 -6.17 0.17
CA GLU A 26 -3.54 -6.94 0.82
C GLU A 26 -4.91 -6.38 0.47
N SER A 27 -5.08 -5.95 -0.77
CA SER A 27 -6.34 -5.38 -1.23
C SER A 27 -6.70 -4.13 -0.43
N PHE A 28 -5.70 -3.56 0.22
CA PHE A 28 -5.90 -2.35 1.02
C PHE A 28 -5.10 -1.18 0.46
N LEU A 29 -5.22 -0.03 1.10
CA LEU A 29 -4.51 1.17 0.67
C LEU A 29 -3.78 1.82 1.83
N TYR A 30 -2.53 2.21 1.59
CA TYR A 30 -1.73 2.85 2.63
C TYR A 30 -1.13 4.17 2.12
N ARG A 31 -0.67 5.00 3.05
CA ARG A 31 -0.08 6.29 2.69
C ARG A 31 1.38 6.35 3.14
N LYS A 32 2.26 6.67 2.20
CA LYS A 32 3.69 6.77 2.49
C LYS A 32 3.94 7.73 3.65
N GLU A 33 4.36 7.17 4.78
CA GLU A 33 4.65 7.98 5.97
C GLU A 33 6.03 8.61 5.88
N LYS A 34 7.05 7.77 5.75
CA LYS A 34 8.43 8.24 5.66
C LYS A 34 9.27 7.31 4.80
N ALA A 35 10.56 7.61 4.69
CA ALA A 35 11.47 6.79 3.89
C ALA A 35 12.83 6.68 4.58
N ALA A 36 13.14 5.49 5.08
CA ALA A 36 14.40 5.24 5.76
C ALA A 36 15.46 4.75 4.78
N GLY A 37 16.20 5.68 4.19
CA GLY A 37 17.23 5.33 3.25
C GLY A 37 16.69 4.55 2.06
N GLU A 38 16.73 3.22 2.17
CA GLU A 38 16.24 2.36 1.10
C GLU A 38 14.91 1.71 1.48
N LYS A 39 14.32 2.19 2.58
CA LYS A 39 13.06 1.66 3.07
C LYS A 39 11.97 2.73 3.04
N VAL A 40 10.71 2.30 2.96
CA VAL A 40 9.59 3.23 2.93
C VAL A 40 8.49 2.78 3.88
N TYR A 41 8.12 3.65 4.82
CA TYR A 41 7.08 3.35 5.78
C TYR A 41 5.70 3.71 5.24
N TRP A 42 4.72 2.88 5.53
CA TRP A 42 3.35 3.11 5.07
C TRP A 42 2.35 2.88 6.20
N MET A 43 1.13 3.38 6.02
CA MET A 43 0.08 3.23 7.02
C MET A 43 -1.29 3.19 6.35
N CYS A 44 -2.16 2.32 6.86
CA CYS A 44 -3.51 2.19 6.32
C CYS A 44 -4.21 3.55 6.27
N ARG A 45 -4.37 4.08 5.06
CA ARG A 45 -5.02 5.37 4.87
C ARG A 45 -6.23 5.51 5.79
N ASP A 46 -6.87 4.38 6.09
CA ASP A 46 -8.04 4.39 6.96
C ASP A 46 -7.62 4.40 8.43
N GLN A 47 -6.64 5.24 8.75
CA GLN A 47 -6.14 5.34 10.12
C GLN A 47 -6.98 6.32 10.93
N ALA A 48 -7.46 7.37 10.27
CA ALA A 48 -8.28 8.38 10.94
C ALA A 48 -9.76 8.10 10.72
N ARG A 49 -10.07 7.23 9.76
CA ARG A 49 -11.45 6.89 9.45
C ARG A 49 -11.85 5.59 10.15
N LEU A 50 -11.13 4.52 9.86
CA LEU A 50 -11.41 3.22 10.46
C LEU A 50 -10.46 2.94 11.62
N GLY A 51 -9.90 4.00 12.19
CA GLY A 51 -8.98 3.84 13.30
C GLY A 51 -8.02 2.68 13.12
N CYS A 52 -7.58 2.48 11.88
CA CYS A 52 -6.66 1.39 11.58
C CYS A 52 -5.22 1.87 11.62
N ARG A 53 -4.47 1.40 12.63
CA ARG A 53 -3.07 1.78 12.79
C ARG A 53 -2.15 0.79 12.09
N SER A 54 -2.72 0.02 11.16
CA SER A 54 -1.95 -0.98 10.41
C SER A 54 -0.86 -0.30 9.58
N ARG A 55 0.39 -0.49 10.01
CA ARG A 55 1.52 0.10 9.32
C ARG A 55 2.31 -0.98 8.57
N ALA A 56 3.04 -0.56 7.53
CA ALA A 56 3.83 -1.48 6.74
C ALA A 56 5.20 -0.87 6.40
N ILE A 57 6.09 -1.71 5.89
CA ILE A 57 7.43 -1.26 5.53
C ILE A 57 7.91 -1.95 4.25
N THR A 58 8.27 -1.14 3.25
CA THR A 58 8.74 -1.67 1.97
C THR A 58 10.23 -1.40 1.79
N GLN A 59 10.90 -2.29 1.07
CA GLN A 59 12.32 -2.16 0.82
C GLN A 59 12.65 -2.46 -0.64
N GLY A 60 12.61 -1.43 -1.48
CA GLY A 60 12.91 -1.59 -2.89
C GLY A 60 11.68 -2.01 -3.69
N HIS A 61 11.45 -3.32 -3.76
CA HIS A 61 10.31 -3.85 -4.50
C HIS A 61 9.47 -4.77 -3.63
N ARG A 62 9.98 -5.07 -2.44
CA ARG A 62 9.28 -5.94 -1.50
C ARG A 62 8.39 -5.14 -0.56
N ILE A 63 7.74 -5.82 0.36
CA ILE A 63 6.86 -5.16 1.32
C ILE A 63 6.81 -5.93 2.64
N MET A 64 6.52 -5.22 3.72
CA MET A 64 6.44 -5.82 5.04
C MET A 64 5.25 -5.27 5.83
N VAL A 65 4.72 -6.08 6.74
CA VAL A 65 3.58 -5.68 7.56
C VAL A 65 3.99 -5.52 9.02
N MET A 66 3.56 -4.42 9.62
CA MET A 66 3.87 -4.15 11.03
C MET A 66 2.68 -4.43 11.92
N ARG A 67 1.48 -4.15 11.41
CA ARG A 67 0.25 -4.36 12.17
C ARG A 67 -0.85 -4.91 11.26
N SER A 68 -1.85 -5.53 11.87
CA SER A 68 -2.97 -6.10 11.12
C SER A 68 -4.04 -5.04 10.86
N HIS A 69 -5.11 -5.45 10.19
CA HIS A 69 -6.21 -4.53 9.88
C HIS A 69 -7.47 -4.94 10.63
N CYS A 70 -8.18 -3.95 11.16
CA CYS A 70 -9.40 -4.19 11.91
C CYS A 70 -10.63 -4.05 11.01
N HIS A 71 -10.39 -4.04 9.70
CA HIS A 71 -11.47 -3.93 8.73
C HIS A 71 -11.22 -4.83 7.52
N GLN A 72 -12.20 -4.90 6.63
CA GLN A 72 -12.08 -5.73 5.43
C GLN A 72 -11.87 -4.87 4.19
N PRO A 73 -11.20 -5.44 3.18
CA PRO A 73 -10.92 -4.74 1.93
C PRO A 73 -12.17 -4.50 1.09
N ASP A 74 -12.06 -3.65 0.08
CA ASP A 74 -13.18 -3.35 -0.80
C ASP A 74 -12.72 -3.14 -2.23
N LEU A 75 -12.54 -4.24 -2.96
CA LEU A 75 -12.10 -4.18 -4.34
C LEU A 75 -12.89 -3.14 -5.13
N ALA A 76 -14.10 -2.86 -4.66
CA ALA A 76 -14.96 -1.88 -5.32
C ALA A 76 -14.39 -0.47 -5.18
N GLY A 77 -13.90 -0.15 -3.98
CA GLY A 77 -13.33 1.16 -3.74
C GLY A 77 -11.92 1.29 -4.27
N LEU A 78 -11.13 0.22 -4.13
CA LEU A 78 -9.76 0.22 -4.60
C LEU A 78 -9.69 0.29 -6.12
N GLU A 79 -10.57 -0.46 -6.78
CA GLU A 79 -10.62 -0.48 -8.23
C GLU A 79 -10.99 0.89 -8.78
N ALA A 80 -11.69 1.68 -7.98
CA ALA A 80 -12.11 3.01 -8.39
C ALA A 80 -10.91 3.93 -8.59
N LEU A 81 -10.03 3.98 -7.59
CA LEU A 81 -8.83 4.82 -7.65
C LEU A 81 -7.90 4.34 -8.75
N ARG A 82 -7.92 3.04 -9.01
CA ARG A 82 -7.07 2.46 -10.05
C ARG A 82 -7.70 2.64 -11.43
N GLN A 83 -9.00 2.87 -11.46
CA GLN A 83 -9.71 3.07 -12.71
C GLN A 83 -9.45 4.46 -13.28
N ARG A 84 -9.28 5.43 -12.39
CA ARG A 84 -9.01 6.80 -12.80
C ARG A 84 -7.52 7.04 -13.03
N GLU A 85 -6.71 6.04 -12.68
CA GLU A 85 -5.27 6.14 -12.85
C GLU A 85 -4.80 5.22 -13.97
N ARG A 86 -5.68 4.32 -14.41
CA ARG A 86 -5.34 3.38 -15.48
C ARG A 86 -5.78 3.93 -16.84
N LEU A 87 -6.03 5.23 -16.90
CA LEU A 87 -6.46 5.88 -18.13
C LEU A 87 -5.26 6.36 -18.93
ZN ZN B . -6.45 -1.38 7.62
#